data_2EBP
#
_entry.id   2EBP
#
_entity_poly.entity_id   1
_entity_poly.type   'polypeptide(L)'
_entity_poly.pdbx_seq_one_letter_code
;GSSGSSGFCGRARVHTDFTPSPYDTDSLKLKKGDIIDIISKPPMGTWMGLLNNKVGTFKFIYVDVLSSGPSSG
;
_entity_poly.pdbx_strand_id   A
#
# COMPACT_ATOMS: atom_id res chain seq x y z
N GLY A 1 -9.78 -11.83 -13.97
CA GLY A 1 -10.51 -10.58 -13.97
C GLY A 1 -11.13 -10.27 -12.62
N SER A 2 -11.47 -9.00 -12.41
CA SER A 2 -12.06 -8.57 -11.14
C SER A 2 -13.52 -9.02 -11.05
N SER A 3 -13.86 -9.65 -9.93
CA SER A 3 -15.22 -10.13 -9.72
C SER A 3 -16.24 -9.01 -9.89
N GLY A 4 -15.93 -7.85 -9.32
CA GLY A 4 -16.82 -6.72 -9.43
C GLY A 4 -16.74 -5.79 -8.23
N SER A 5 -16.69 -6.37 -7.04
CA SER A 5 -16.61 -5.59 -5.81
C SER A 5 -15.17 -5.48 -5.34
N SER A 6 -14.81 -4.30 -4.82
CA SER A 6 -13.45 -4.06 -4.33
C SER A 6 -13.41 -4.11 -2.81
N GLY A 7 -12.49 -4.91 -2.28
CA GLY A 7 -12.36 -5.04 -0.85
C GLY A 7 -11.00 -4.58 -0.34
N PHE A 8 -10.83 -3.27 -0.21
CA PHE A 8 -9.58 -2.70 0.26
C PHE A 8 -9.82 -1.45 1.11
N CYS A 9 -9.05 -1.31 2.19
CA CYS A 9 -9.19 -0.16 3.08
C CYS A 9 -9.11 1.14 2.30
N GLY A 10 -8.04 1.30 1.53
CA GLY A 10 -7.86 2.51 0.74
C GLY A 10 -6.82 2.35 -0.34
N ARG A 11 -6.25 3.47 -0.80
CA ARG A 11 -5.23 3.44 -1.84
C ARG A 11 -4.15 4.48 -1.56
N ALA A 12 -2.91 4.13 -1.89
CA ALA A 12 -1.78 5.03 -1.68
C ALA A 12 -0.82 4.98 -2.86
N ARG A 13 -0.28 6.14 -3.22
CA ARG A 13 0.64 6.24 -4.34
C ARG A 13 2.09 6.29 -3.83
N VAL A 14 2.99 5.68 -4.60
CA VAL A 14 4.40 5.65 -4.23
C VAL A 14 5.15 6.85 -4.79
N HIS A 15 5.68 7.68 -3.90
CA HIS A 15 6.41 8.87 -4.30
C HIS A 15 7.92 8.62 -4.27
N THR A 16 8.33 7.56 -3.59
CA THR A 16 9.74 7.20 -3.49
C THR A 16 9.99 5.81 -4.04
N ASP A 17 11.18 5.60 -4.60
CA ASP A 17 11.55 4.31 -5.16
C ASP A 17 12.49 3.55 -4.22
N PHE A 18 11.98 2.50 -3.60
CA PHE A 18 12.78 1.69 -2.68
C PHE A 18 12.92 0.27 -3.19
N THR A 19 14.05 -0.35 -2.86
CA THR A 19 14.32 -1.72 -3.29
C THR A 19 14.88 -2.56 -2.14
N PRO A 20 14.11 -3.58 -1.74
CA PRO A 20 14.50 -4.49 -0.65
C PRO A 20 15.67 -5.38 -1.03
N SER A 21 16.19 -6.10 -0.04
CA SER A 21 17.32 -6.99 -0.27
C SER A 21 16.88 -8.24 -1.04
N PRO A 22 17.85 -8.89 -1.72
CA PRO A 22 17.59 -10.09 -2.50
C PRO A 22 17.24 -11.30 -1.62
N TYR A 23 17.19 -11.07 -0.32
CA TYR A 23 16.88 -12.13 0.63
C TYR A 23 15.56 -11.85 1.35
N ASP A 24 15.18 -10.58 1.40
CA ASP A 24 13.94 -10.19 2.05
C ASP A 24 12.79 -10.16 1.06
N THR A 25 11.87 -11.10 1.21
CA THR A 25 10.70 -11.18 0.32
C THR A 25 9.50 -10.47 0.92
N ASP A 26 9.56 -10.23 2.23
CA ASP A 26 8.47 -9.55 2.92
C ASP A 26 8.32 -8.12 2.44
N SER A 27 9.45 -7.44 2.27
CA SER A 27 9.46 -6.05 1.81
C SER A 27 9.05 -5.97 0.34
N LEU A 28 8.07 -5.09 0.06
CA LEU A 28 7.59 -4.91 -1.31
C LEU A 28 8.46 -3.91 -2.06
N LYS A 29 8.46 -4.02 -3.38
CA LYS A 29 9.24 -3.12 -4.23
C LYS A 29 8.45 -1.85 -4.53
N LEU A 30 8.82 -0.76 -3.87
CA LEU A 30 8.16 0.53 -4.07
C LEU A 30 8.85 1.33 -5.16
N LYS A 31 8.07 1.77 -6.15
CA LYS A 31 8.60 2.55 -7.25
C LYS A 31 7.76 3.80 -7.50
N LYS A 32 8.43 4.91 -7.81
CA LYS A 32 7.74 6.17 -8.06
C LYS A 32 6.66 6.00 -9.13
N GLY A 33 5.41 6.11 -8.72
CA GLY A 33 4.29 5.96 -9.64
C GLY A 33 3.72 4.56 -9.64
N ASP A 34 3.46 4.03 -8.45
CA ASP A 34 2.90 2.69 -8.31
C ASP A 34 1.81 2.65 -7.26
N ILE A 35 0.64 2.15 -7.63
CA ILE A 35 -0.49 2.07 -6.71
C ILE A 35 -0.41 0.81 -5.86
N ILE A 36 -0.79 0.93 -4.60
CA ILE A 36 -0.76 -0.20 -3.67
C ILE A 36 -2.08 -0.33 -2.92
N ASP A 37 -2.79 -1.43 -3.18
CA ASP A 37 -4.07 -1.68 -2.52
C ASP A 37 -3.86 -2.09 -1.06
N ILE A 38 -4.30 -1.25 -0.14
CA ILE A 38 -4.18 -1.53 1.28
C ILE A 38 -5.23 -2.53 1.75
N ILE A 39 -4.78 -3.59 2.42
CA ILE A 39 -5.68 -4.62 2.92
C ILE A 39 -6.09 -4.34 4.37
N SER A 40 -5.10 -4.04 5.20
CA SER A 40 -5.35 -3.75 6.62
C SER A 40 -4.43 -2.64 7.12
N LYS A 41 -4.94 -1.85 8.05
CA LYS A 41 -4.15 -0.75 8.62
C LYS A 41 -4.41 -0.62 10.12
N PRO A 42 -3.46 -1.13 10.93
CA PRO A 42 -3.56 -1.07 12.39
C PRO A 42 -3.42 0.34 12.93
N PRO A 43 -3.73 0.52 14.22
CA PRO A 43 -3.64 1.82 14.89
C PRO A 43 -2.20 2.28 15.08
N MET A 44 -1.31 1.33 15.29
CA MET A 44 0.11 1.63 15.50
C MET A 44 0.99 0.57 14.86
N GLY A 45 1.70 0.94 13.81
CA GLY A 45 2.58 0.00 13.12
C GLY A 45 2.58 0.20 11.62
N THR A 46 3.20 -0.74 10.90
CA THR A 46 3.27 -0.66 9.44
C THR A 46 1.96 -1.08 8.80
N TRP A 47 1.79 -0.73 7.54
CA TRP A 47 0.57 -1.07 6.80
C TRP A 47 0.82 -2.24 5.87
N MET A 48 -0.26 -2.86 5.41
CA MET A 48 -0.17 -4.00 4.51
C MET A 48 -0.91 -3.73 3.20
N GLY A 49 -0.19 -3.84 2.09
CA GLY A 49 -0.80 -3.60 0.78
C GLY A 49 -0.35 -4.60 -0.25
N LEU A 50 -1.18 -4.81 -1.27
CA LEU A 50 -0.87 -5.75 -2.34
C LEU A 50 -0.33 -5.02 -3.57
N LEU A 51 0.73 -5.56 -4.17
CA LEU A 51 1.34 -4.97 -5.34
C LEU A 51 1.97 -6.03 -6.23
N ASN A 52 1.48 -6.14 -7.46
CA ASN A 52 2.00 -7.12 -8.41
C ASN A 52 1.82 -8.54 -7.88
N ASN A 53 0.62 -8.83 -7.40
CA ASN A 53 0.31 -10.16 -6.87
C ASN A 53 1.22 -10.49 -5.68
N LYS A 54 1.59 -9.46 -4.93
CA LYS A 54 2.46 -9.65 -3.77
C LYS A 54 2.13 -8.64 -2.67
N VAL A 55 1.67 -9.13 -1.53
CA VAL A 55 1.32 -8.28 -0.40
C VAL A 55 2.38 -8.35 0.70
N GLY A 56 2.92 -7.19 1.06
CA GLY A 56 3.93 -7.14 2.10
C GLY A 56 3.73 -5.99 3.06
N THR A 57 4.83 -5.39 3.50
CA THR A 57 4.76 -4.27 4.43
C THR A 57 5.50 -3.05 3.88
N PHE A 58 4.92 -1.88 4.09
CA PHE A 58 5.53 -0.64 3.61
C PHE A 58 5.20 0.52 4.55
N LYS A 59 6.08 1.52 4.58
CA LYS A 59 5.89 2.68 5.43
C LYS A 59 5.01 3.73 4.74
N PHE A 60 4.40 4.60 5.53
CA PHE A 60 3.54 5.65 4.99
C PHE A 60 4.37 6.81 4.46
N ILE A 61 5.54 7.02 5.06
CA ILE A 61 6.42 8.11 4.65
C ILE A 61 6.88 7.92 3.20
N TYR A 62 6.79 6.69 2.71
CA TYR A 62 7.21 6.39 1.34
C TYR A 62 6.06 6.64 0.37
N VAL A 63 4.83 6.62 0.89
CA VAL A 63 3.65 6.84 0.07
C VAL A 63 2.89 8.07 0.53
N ASP A 64 1.88 8.47 -0.26
CA ASP A 64 1.08 9.64 0.07
C ASP A 64 -0.40 9.28 0.11
N VAL A 65 -0.94 9.16 1.32
CA VAL A 65 -2.34 8.82 1.50
C VAL A 65 -3.25 9.80 0.76
N LEU A 66 -4.00 9.29 -0.22
CA LEU A 66 -4.90 10.11 -1.00
C LEU A 66 -6.31 10.07 -0.42
N SER A 67 -6.71 11.18 0.20
CA SER A 67 -8.04 11.27 0.81
C SER A 67 -8.92 12.23 0.02
N SER A 68 -9.88 11.67 -0.72
CA SER A 68 -10.78 12.48 -1.53
C SER A 68 -11.28 13.70 -0.74
N GLY A 69 -11.94 13.42 0.39
CA GLY A 69 -12.46 14.49 1.22
C GLY A 69 -13.96 14.41 1.41
N PRO A 70 -14.48 15.17 2.39
CA PRO A 70 -15.91 15.19 2.71
C PRO A 70 -16.73 15.86 1.61
N SER A 71 -16.31 17.05 1.22
CA SER A 71 -17.01 17.82 0.18
C SER A 71 -16.34 17.62 -1.18
N SER A 72 -17.13 17.77 -2.23
CA SER A 72 -16.61 17.61 -3.60
C SER A 72 -17.49 18.35 -4.60
N GLY A 73 -17.00 18.46 -5.83
CA GLY A 73 -17.76 19.15 -6.87
C GLY A 73 -18.10 18.24 -8.03
N GLY A 1 -18.72 9.02 3.34
CA GLY A 1 -18.45 7.65 3.72
C GLY A 1 -19.66 6.75 3.57
N SER A 2 -19.62 5.88 2.58
CA SER A 2 -20.73 4.96 2.32
C SER A 2 -20.42 3.57 2.87
N SER A 3 -21.41 2.98 3.53
CA SER A 3 -21.25 1.65 4.11
C SER A 3 -20.70 0.67 3.08
N GLY A 4 -21.40 0.54 1.96
CA GLY A 4 -20.99 -0.37 0.91
C GLY A 4 -19.47 -0.38 0.73
N SER A 5 -18.85 -1.50 1.09
CA SER A 5 -17.40 -1.64 0.96
C SER A 5 -17.03 -2.50 -0.25
N SER A 6 -16.20 -1.94 -1.12
CA SER A 6 -15.77 -2.64 -2.32
C SER A 6 -14.91 -3.85 -1.97
N GLY A 7 -13.81 -3.60 -1.29
CA GLY A 7 -12.91 -4.68 -0.90
C GLY A 7 -11.76 -4.19 -0.05
N PHE A 8 -10.94 -3.31 -0.61
CA PHE A 8 -9.79 -2.77 0.12
C PHE A 8 -10.11 -1.40 0.70
N CYS A 9 -9.62 -1.15 1.91
CA CYS A 9 -9.85 0.13 2.58
C CYS A 9 -9.57 1.30 1.64
N GLY A 10 -8.40 1.27 1.01
CA GLY A 10 -8.03 2.33 0.10
C GLY A 10 -6.71 2.05 -0.60
N ARG A 11 -6.18 3.07 -1.26
CA ARG A 11 -4.91 2.93 -1.99
C ARG A 11 -4.00 4.12 -1.73
N ALA A 12 -2.72 3.97 -2.06
CA ALA A 12 -1.75 5.04 -1.86
C ALA A 12 -0.74 5.08 -3.01
N ARG A 13 -0.26 6.27 -3.32
CA ARG A 13 0.71 6.45 -4.40
C ARG A 13 2.12 6.50 -3.85
N VAL A 14 3.01 5.69 -4.41
CA VAL A 14 4.39 5.64 -3.99
C VAL A 14 5.20 6.79 -4.58
N HIS A 15 5.58 7.74 -3.73
CA HIS A 15 6.35 8.90 -4.16
C HIS A 15 7.85 8.66 -3.98
N THR A 16 8.19 7.84 -3.00
CA THR A 16 9.59 7.51 -2.73
C THR A 16 9.90 6.07 -3.06
N ASP A 17 10.76 5.87 -4.06
CA ASP A 17 11.14 4.52 -4.48
C ASP A 17 11.94 3.82 -3.38
N PHE A 18 11.54 2.58 -3.07
CA PHE A 18 12.21 1.81 -2.04
C PHE A 18 12.50 0.39 -2.54
N THR A 19 13.75 -0.04 -2.39
CA THR A 19 14.16 -1.36 -2.82
C THR A 19 14.86 -2.12 -1.70
N PRO A 20 14.12 -3.04 -1.06
CA PRO A 20 14.64 -3.85 0.05
C PRO A 20 15.68 -4.86 -0.41
N SER A 21 16.18 -5.66 0.52
CA SER A 21 17.19 -6.67 0.20
C SER A 21 16.67 -7.65 -0.84
N PRO A 22 17.59 -8.35 -1.52
CA PRO A 22 17.25 -9.32 -2.56
C PRO A 22 16.59 -10.57 -1.97
N TYR A 23 17.00 -10.94 -0.77
CA TYR A 23 16.44 -12.12 -0.11
C TYR A 23 15.08 -11.82 0.49
N ASP A 24 14.91 -10.59 0.97
CA ASP A 24 13.65 -10.17 1.56
C ASP A 24 12.52 -10.18 0.54
N THR A 25 11.60 -11.13 0.68
CA THR A 25 10.48 -11.25 -0.24
C THR A 25 9.29 -10.41 0.23
N ASP A 26 8.89 -10.62 1.48
CA ASP A 26 7.77 -9.88 2.05
C ASP A 26 7.82 -8.41 1.64
N SER A 27 8.97 -7.78 1.88
CA SER A 27 9.15 -6.37 1.56
C SER A 27 8.91 -6.13 0.06
N LEU A 28 7.74 -5.58 -0.26
CA LEU A 28 7.39 -5.31 -1.64
C LEU A 28 8.28 -4.20 -2.22
N LYS A 29 8.55 -4.28 -3.51
CA LYS A 29 9.39 -3.29 -4.19
C LYS A 29 8.57 -2.06 -4.57
N LEU A 30 8.89 -0.93 -3.95
CA LEU A 30 8.19 0.32 -4.24
C LEU A 30 8.92 1.13 -5.31
N LYS A 31 8.14 1.78 -6.17
CA LYS A 31 8.71 2.60 -7.24
C LYS A 31 7.93 3.90 -7.40
N LYS A 32 8.63 4.95 -7.81
CA LYS A 32 8.00 6.25 -8.01
C LYS A 32 6.86 6.17 -9.02
N GLY A 33 5.64 6.29 -8.53
CA GLY A 33 4.48 6.22 -9.40
C GLY A 33 3.86 4.84 -9.43
N ASP A 34 3.66 4.25 -8.25
CA ASP A 34 3.07 2.93 -8.14
C ASP A 34 1.90 2.95 -7.17
N ILE A 35 0.82 2.25 -7.54
CA ILE A 35 -0.37 2.18 -6.70
C ILE A 35 -0.35 0.92 -5.82
N ILE A 36 -0.81 1.07 -4.58
CA ILE A 36 -0.85 -0.04 -3.65
C ILE A 36 -2.20 -0.11 -2.92
N ASP A 37 -2.73 -1.31 -2.80
CA ASP A 37 -4.02 -1.52 -2.14
C ASP A 37 -3.82 -1.73 -0.63
N ILE A 38 -4.09 -0.70 0.14
CA ILE A 38 -3.95 -0.76 1.59
C ILE A 38 -4.94 -1.76 2.20
N ILE A 39 -4.41 -2.86 2.71
CA ILE A 39 -5.25 -3.89 3.32
C ILE A 39 -5.41 -3.65 4.82
N SER A 40 -4.29 -3.47 5.51
CA SER A 40 -4.31 -3.23 6.94
C SER A 40 -3.32 -2.13 7.32
N LYS A 41 -3.83 -1.06 7.93
CA LYS A 41 -2.99 0.05 8.35
C LYS A 41 -3.12 0.30 9.85
N PRO A 42 -2.12 -0.16 10.61
CA PRO A 42 -2.10 0.00 12.07
C PRO A 42 -1.88 1.45 12.50
N PRO A 43 -2.12 1.74 13.78
CA PRO A 43 -1.96 3.09 14.34
C PRO A 43 -0.50 3.52 14.40
N MET A 44 0.38 2.57 14.69
CA MET A 44 1.82 2.85 14.78
C MET A 44 2.64 1.61 14.44
N GLY A 45 3.35 1.66 13.32
CA GLY A 45 4.17 0.53 12.91
C GLY A 45 4.37 0.48 11.41
N THR A 46 4.07 -0.67 10.81
CA THR A 46 4.22 -0.84 9.37
C THR A 46 2.88 -1.08 8.70
N TRP A 47 2.75 -0.62 7.45
CA TRP A 47 1.51 -0.79 6.70
C TRP A 47 1.59 -2.01 5.79
N MET A 48 0.43 -2.55 5.44
CA MET A 48 0.36 -3.72 4.57
C MET A 48 -0.56 -3.46 3.38
N GLY A 49 -0.05 -3.72 2.18
CA GLY A 49 -0.85 -3.51 0.99
C GLY A 49 -0.56 -4.54 -0.10
N LEU A 50 -1.39 -4.55 -1.13
CA LEU A 50 -1.22 -5.50 -2.24
C LEU A 50 -0.69 -4.80 -3.48
N LEU A 51 0.40 -5.31 -4.03
CA LEU A 51 1.01 -4.74 -5.23
C LEU A 51 1.49 -5.83 -6.18
N ASN A 52 1.11 -5.71 -7.45
CA ASN A 52 1.50 -6.69 -8.45
C ASN A 52 1.13 -8.10 -8.02
N ASN A 53 -0.08 -8.25 -7.47
CA ASN A 53 -0.55 -9.55 -7.02
C ASN A 53 0.34 -10.10 -5.91
N LYS A 54 0.90 -9.19 -5.11
CA LYS A 54 1.78 -9.58 -4.00
C LYS A 54 1.61 -8.64 -2.81
N VAL A 55 1.19 -9.19 -1.67
CA VAL A 55 1.00 -8.39 -0.47
C VAL A 55 2.04 -8.75 0.59
N GLY A 56 2.72 -7.72 1.10
CA GLY A 56 3.73 -7.94 2.12
C GLY A 56 3.74 -6.85 3.17
N THR A 57 4.83 -6.08 3.22
CA THR A 57 4.97 -5.00 4.18
C THR A 57 5.58 -3.76 3.54
N PHE A 58 5.15 -2.60 4.00
CA PHE A 58 5.65 -1.33 3.46
C PHE A 58 5.33 -0.18 4.40
N LYS A 59 6.05 0.92 4.24
CA LYS A 59 5.85 2.10 5.08
C LYS A 59 4.82 3.05 4.45
N PHE A 60 4.25 3.92 5.28
CA PHE A 60 3.26 4.88 4.81
C PHE A 60 3.93 6.17 4.33
N ILE A 61 4.87 6.66 5.13
CA ILE A 61 5.59 7.89 4.80
C ILE A 61 6.14 7.83 3.37
N TYR A 62 6.45 6.63 2.91
CA TYR A 62 6.98 6.44 1.57
C TYR A 62 5.90 6.64 0.52
N VAL A 63 4.66 6.35 0.90
CA VAL A 63 3.52 6.50 -0.02
C VAL A 63 2.60 7.62 0.44
N ASP A 64 1.56 7.88 -0.36
CA ASP A 64 0.59 8.93 -0.03
C ASP A 64 -0.84 8.40 -0.13
N VAL A 65 -1.58 8.53 0.96
CA VAL A 65 -2.96 8.06 1.00
C VAL A 65 -3.87 8.98 0.20
N LEU A 66 -4.32 8.49 -0.96
CA LEU A 66 -5.20 9.26 -1.83
C LEU A 66 -6.62 9.30 -1.28
N SER A 67 -7.09 8.15 -0.80
CA SER A 67 -8.44 8.05 -0.26
C SER A 67 -8.82 9.32 0.50
N SER A 68 -7.90 9.81 1.32
CA SER A 68 -8.13 11.02 2.10
C SER A 68 -7.45 12.23 1.46
N GLY A 69 -8.22 13.28 1.23
CA GLY A 69 -7.67 14.48 0.62
C GLY A 69 -7.97 15.72 1.43
N PRO A 70 -7.63 16.89 0.88
CA PRO A 70 -7.85 18.18 1.54
C PRO A 70 -9.33 18.54 1.63
N SER A 71 -9.95 18.20 2.76
CA SER A 71 -11.37 18.50 2.96
C SER A 71 -11.54 19.78 3.76
N SER A 72 -12.60 20.53 3.45
CA SER A 72 -12.89 21.78 4.13
C SER A 72 -13.47 21.52 5.52
N GLY A 73 -14.63 20.85 5.55
CA GLY A 73 -15.26 20.55 6.81
C GLY A 73 -16.31 21.59 7.20
N GLY A 1 -18.81 -8.88 9.69
CA GLY A 1 -18.50 -8.39 8.34
C GLY A 1 -17.11 -8.78 7.89
N SER A 2 -17.02 -9.44 6.75
CA SER A 2 -15.74 -9.87 6.20
C SER A 2 -14.80 -8.68 6.00
N SER A 3 -13.58 -8.81 6.50
CA SER A 3 -12.58 -7.75 6.37
C SER A 3 -12.59 -7.16 4.97
N GLY A 4 -12.53 -8.03 3.96
CA GLY A 4 -12.53 -7.58 2.59
C GLY A 4 -13.86 -7.81 1.90
N SER A 5 -14.91 -7.22 2.46
CA SER A 5 -16.26 -7.37 1.90
C SER A 5 -16.50 -6.35 0.79
N SER A 6 -16.20 -5.09 1.07
CA SER A 6 -16.39 -4.01 0.11
C SER A 6 -15.43 -4.18 -1.06
N GLY A 7 -14.13 -4.20 -0.78
CA GLY A 7 -13.13 -4.34 -1.82
C GLY A 7 -11.73 -4.12 -1.30
N PHE A 8 -11.51 -2.99 -0.66
CA PHE A 8 -10.19 -2.66 -0.11
C PHE A 8 -10.30 -1.67 1.04
N CYS A 9 -9.18 -1.38 1.67
CA CYS A 9 -9.15 -0.44 2.79
C CYS A 9 -8.89 0.98 2.30
N GLY A 10 -7.87 1.14 1.47
CA GLY A 10 -7.53 2.45 0.95
C GLY A 10 -6.54 2.38 -0.20
N ARG A 11 -6.11 3.54 -0.68
CA ARG A 11 -5.15 3.61 -1.78
C ARG A 11 -4.03 4.59 -1.47
N ALA A 12 -2.85 4.32 -2.04
CA ALA A 12 -1.69 5.18 -1.82
C ALA A 12 -0.80 5.22 -3.05
N ARG A 13 -0.11 6.34 -3.25
CA ARG A 13 0.77 6.51 -4.39
C ARG A 13 2.23 6.52 -3.95
N VAL A 14 3.09 5.90 -4.75
CA VAL A 14 4.52 5.84 -4.44
C VAL A 14 5.26 7.03 -5.04
N HIS A 15 5.72 7.93 -4.17
CA HIS A 15 6.44 9.11 -4.61
C HIS A 15 7.96 8.92 -4.45
N THR A 16 8.34 8.05 -3.54
CA THR A 16 9.75 7.77 -3.29
C THR A 16 10.06 6.29 -3.50
N ASP A 17 10.79 5.98 -4.56
CA ASP A 17 11.16 4.61 -4.87
C ASP A 17 12.04 4.03 -3.76
N PHE A 18 11.81 2.75 -3.45
CA PHE A 18 12.57 2.07 -2.41
C PHE A 18 12.79 0.61 -2.77
N THR A 19 14.05 0.18 -2.77
CA THR A 19 14.39 -1.20 -3.09
C THR A 19 15.00 -1.92 -1.89
N PRO A 20 14.19 -2.79 -1.26
CA PRO A 20 14.62 -3.54 -0.09
C PRO A 20 15.65 -4.61 -0.44
N SER A 21 16.04 -5.41 0.55
CA SER A 21 17.02 -6.46 0.35
C SER A 21 16.47 -7.56 -0.54
N PRO A 22 17.36 -8.21 -1.31
CA PRO A 22 16.99 -9.30 -2.22
C PRO A 22 16.55 -10.56 -1.48
N TYR A 23 16.79 -10.58 -0.18
CA TYR A 23 16.42 -11.73 0.64
C TYR A 23 15.06 -11.52 1.30
N ASP A 24 14.83 -10.31 1.79
CA ASP A 24 13.56 -9.97 2.44
C ASP A 24 12.41 -10.02 1.44
N THR A 25 11.51 -10.99 1.62
CA THR A 25 10.37 -11.14 0.73
C THR A 25 9.18 -10.33 1.22
N ASP A 26 8.94 -10.38 2.54
CA ASP A 26 7.82 -9.64 3.14
C ASP A 26 7.73 -8.24 2.55
N SER A 27 8.78 -7.44 2.76
CA SER A 27 8.81 -6.07 2.27
C SER A 27 8.58 -6.04 0.76
N LEU A 28 7.58 -5.29 0.33
CA LEU A 28 7.25 -5.17 -1.09
C LEU A 28 8.12 -4.10 -1.76
N LYS A 29 8.26 -4.21 -3.08
CA LYS A 29 9.06 -3.25 -3.84
C LYS A 29 8.25 -2.01 -4.17
N LEU A 30 8.81 -0.85 -3.85
CA LEU A 30 8.15 0.43 -4.12
C LEU A 30 8.86 1.20 -5.21
N LYS A 31 8.10 1.64 -6.22
CA LYS A 31 8.66 2.39 -7.34
C LYS A 31 7.86 3.67 -7.58
N LYS A 32 8.55 4.73 -7.99
CA LYS A 32 7.90 6.00 -8.26
C LYS A 32 6.78 5.83 -9.28
N GLY A 33 5.53 5.94 -8.82
CA GLY A 33 4.39 5.80 -9.70
C GLY A 33 3.78 4.40 -9.64
N ASP A 34 3.59 3.90 -8.44
CA ASP A 34 3.01 2.57 -8.24
C ASP A 34 1.97 2.59 -7.13
N ILE A 35 0.75 2.16 -7.46
CA ILE A 35 -0.33 2.13 -6.49
C ILE A 35 -0.30 0.84 -5.68
N ILE A 36 -0.82 0.90 -4.46
CA ILE A 36 -0.85 -0.27 -3.59
C ILE A 36 -2.19 -0.38 -2.89
N ASP A 37 -2.89 -1.50 -3.13
CA ASP A 37 -4.19 -1.74 -2.51
C ASP A 37 -4.03 -2.07 -1.03
N ILE A 38 -4.31 -1.10 -0.18
CA ILE A 38 -4.21 -1.30 1.26
C ILE A 38 -5.24 -2.31 1.76
N ILE A 39 -4.75 -3.42 2.30
CA ILE A 39 -5.63 -4.47 2.81
C ILE A 39 -5.83 -4.34 4.32
N SER A 40 -4.73 -4.17 5.04
CA SER A 40 -4.78 -4.03 6.49
C SER A 40 -3.89 -2.89 6.96
N LYS A 41 -4.34 -2.16 7.98
CA LYS A 41 -3.59 -1.04 8.52
C LYS A 41 -3.66 -1.03 10.05
N PRO A 42 -2.57 -1.50 10.68
CA PRO A 42 -2.47 -1.55 12.15
C PRO A 42 -2.37 -0.17 12.77
N PRO A 43 -2.53 -0.10 14.10
CA PRO A 43 -2.45 1.16 14.85
C PRO A 43 -1.04 1.73 14.89
N MET A 44 -0.08 0.87 15.19
CA MET A 44 1.32 1.28 15.26
C MET A 44 2.22 0.30 14.51
N GLY A 45 2.94 0.81 13.52
CA GLY A 45 3.83 -0.02 12.73
C GLY A 45 3.72 0.24 11.24
N THR A 46 3.99 -0.78 10.44
CA THR A 46 3.93 -0.64 8.99
C THR A 46 2.56 -1.06 8.46
N TRP A 47 2.23 -0.59 7.25
CA TRP A 47 0.95 -0.91 6.63
C TRP A 47 1.08 -2.12 5.72
N MET A 48 -0.05 -2.69 5.33
CA MET A 48 -0.06 -3.86 4.45
C MET A 48 -0.93 -3.59 3.22
N GLY A 49 -0.41 -3.95 2.05
CA GLY A 49 -1.16 -3.75 0.82
C GLY A 49 -0.74 -4.71 -0.28
N LEU A 50 -1.62 -4.88 -1.26
CA LEU A 50 -1.34 -5.79 -2.37
C LEU A 50 -0.76 -5.03 -3.57
N LEU A 51 0.28 -5.59 -4.16
CA LEU A 51 0.93 -4.96 -5.31
C LEU A 51 1.49 -6.01 -6.27
N ASN A 52 0.92 -6.08 -7.47
CA ASN A 52 1.37 -7.04 -8.47
C ASN A 52 1.16 -8.48 -7.97
N ASN A 53 0.02 -8.73 -7.35
CA ASN A 53 -0.30 -10.05 -6.83
C ASN A 53 0.68 -10.45 -5.73
N LYS A 54 1.01 -9.49 -4.87
CA LYS A 54 1.93 -9.74 -3.76
C LYS A 54 1.72 -8.73 -2.65
N VAL A 55 1.27 -9.23 -1.49
CA VAL A 55 1.04 -8.37 -0.34
C VAL A 55 2.11 -8.56 0.72
N GLY A 56 2.52 -7.45 1.35
CA GLY A 56 3.55 -7.52 2.37
C GLY A 56 3.50 -6.34 3.32
N THR A 57 4.62 -5.64 3.45
CA THR A 57 4.70 -4.48 4.33
C THR A 57 5.35 -3.30 3.62
N PHE A 58 4.75 -2.12 3.78
CA PHE A 58 5.27 -0.91 3.15
C PHE A 58 5.05 0.30 4.05
N LYS A 59 6.09 1.13 4.17
CA LYS A 59 6.01 2.33 4.99
C LYS A 59 5.10 3.38 4.36
N PHE A 60 4.75 4.41 5.13
CA PHE A 60 3.89 5.48 4.64
C PHE A 60 4.72 6.67 4.18
N ILE A 61 5.76 6.99 4.95
CA ILE A 61 6.63 8.11 4.62
C ILE A 61 7.10 8.05 3.17
N TYR A 62 7.07 6.85 2.60
CA TYR A 62 7.49 6.65 1.22
C TYR A 62 6.32 6.91 0.26
N VAL A 63 5.10 6.68 0.74
CA VAL A 63 3.92 6.89 -0.08
C VAL A 63 3.09 8.05 0.45
N ASP A 64 2.00 8.36 -0.24
CA ASP A 64 1.12 9.45 0.15
C ASP A 64 -0.34 8.99 0.19
N VAL A 65 -0.90 8.94 1.39
CA VAL A 65 -2.28 8.51 1.57
C VAL A 65 -3.24 9.42 0.81
N LEU A 66 -3.91 8.87 -0.19
CA LEU A 66 -4.86 9.64 -0.99
C LEU A 66 -6.25 9.58 -0.39
N SER A 67 -7.06 10.60 -0.68
CA SER A 67 -8.42 10.68 -0.16
C SER A 67 -9.43 10.75 -1.29
N SER A 68 -10.62 10.21 -1.05
CA SER A 68 -11.68 10.20 -2.06
C SER A 68 -12.95 10.85 -1.51
N GLY A 69 -13.24 12.06 -1.99
CA GLY A 69 -14.43 12.77 -1.54
C GLY A 69 -14.13 14.19 -1.14
N PRO A 70 -14.95 14.74 -0.23
CA PRO A 70 -14.79 16.11 0.26
C PRO A 70 -13.55 16.29 1.12
N SER A 71 -13.25 17.53 1.49
CA SER A 71 -12.08 17.82 2.31
C SER A 71 -12.19 17.15 3.68
N SER A 72 -11.19 16.35 4.02
CA SER A 72 -11.17 15.65 5.30
C SER A 72 -10.50 16.49 6.37
N GLY A 73 -11.02 16.39 7.60
CA GLY A 73 -10.46 17.15 8.71
C GLY A 73 -9.34 16.41 9.40
N GLY A 1 -5.80 -16.56 4.17
CA GLY A 1 -5.50 -15.16 4.39
C GLY A 1 -6.66 -14.25 4.05
N SER A 2 -6.38 -13.18 3.31
CA SER A 2 -7.42 -12.23 2.93
C SER A 2 -8.70 -12.95 2.53
N SER A 3 -8.59 -13.85 1.55
CA SER A 3 -9.74 -14.61 1.07
C SER A 3 -10.81 -13.68 0.52
N GLY A 4 -10.39 -12.67 -0.24
CA GLY A 4 -11.32 -11.73 -0.80
C GLY A 4 -10.70 -10.87 -1.89
N SER A 5 -11.25 -10.94 -3.09
CA SER A 5 -10.74 -10.17 -4.22
C SER A 5 -11.00 -8.68 -4.02
N SER A 6 -12.25 -8.34 -3.72
CA SER A 6 -12.64 -6.95 -3.52
C SER A 6 -12.89 -6.67 -2.04
N GLY A 7 -12.29 -5.59 -1.54
CA GLY A 7 -12.46 -5.23 -0.13
C GLY A 7 -11.28 -4.45 0.40
N PHE A 8 -10.94 -3.36 -0.28
CA PHE A 8 -9.82 -2.52 0.14
C PHE A 8 -10.31 -1.15 0.61
N CYS A 9 -9.72 -0.65 1.69
CA CYS A 9 -10.09 0.64 2.25
C CYS A 9 -9.75 1.77 1.28
N GLY A 10 -8.49 1.82 0.87
CA GLY A 10 -8.04 2.85 -0.06
C GLY A 10 -6.73 2.50 -0.73
N ARG A 11 -6.26 3.39 -1.61
CA ARG A 11 -5.01 3.17 -2.31
C ARG A 11 -4.06 4.35 -2.12
N ALA A 12 -2.76 4.08 -2.14
CA ALA A 12 -1.76 5.11 -1.97
C ALA A 12 -0.84 5.20 -3.19
N ARG A 13 -0.21 6.35 -3.37
CA ARG A 13 0.69 6.56 -4.49
C ARG A 13 2.14 6.65 -4.03
N VAL A 14 2.96 5.71 -4.49
CA VAL A 14 4.37 5.67 -4.12
C VAL A 14 5.09 6.92 -4.60
N HIS A 15 5.50 7.76 -3.65
CA HIS A 15 6.22 9.00 -3.98
C HIS A 15 7.72 8.75 -4.10
N THR A 16 8.22 7.82 -3.29
CA THR A 16 9.63 7.49 -3.30
C THR A 16 9.86 6.02 -3.64
N ASP A 17 10.82 5.76 -4.52
CA ASP A 17 11.13 4.39 -4.93
C ASP A 17 12.03 3.72 -3.90
N PHE A 18 11.47 2.76 -3.16
CA PHE A 18 12.22 2.04 -2.14
C PHE A 18 12.50 0.60 -2.59
N THR A 19 13.77 0.30 -2.84
CA THR A 19 14.17 -1.03 -3.28
C THR A 19 15.00 -1.74 -2.21
N PRO A 20 14.35 -2.65 -1.48
CA PRO A 20 15.02 -3.42 -0.41
C PRO A 20 16.03 -4.42 -0.96
N SER A 21 16.52 -5.29 -0.08
CA SER A 21 17.50 -6.30 -0.48
C SER A 21 16.85 -7.37 -1.35
N PRO A 22 17.68 -8.05 -2.15
CA PRO A 22 17.22 -9.12 -3.05
C PRO A 22 16.77 -10.36 -2.29
N TYR A 23 17.14 -10.45 -1.02
CA TYR A 23 16.77 -11.58 -0.18
C TYR A 23 15.46 -11.32 0.55
N ASP A 24 15.27 -10.08 0.99
CA ASP A 24 14.06 -9.71 1.71
C ASP A 24 12.85 -9.77 0.79
N THR A 25 11.95 -10.71 1.08
CA THR A 25 10.75 -10.88 0.28
C THR A 25 9.59 -10.06 0.83
N ASP A 26 9.21 -10.33 2.07
CA ASP A 26 8.12 -9.62 2.72
C ASP A 26 8.13 -8.14 2.32
N SER A 27 9.29 -7.52 2.39
CA SER A 27 9.43 -6.11 2.04
C SER A 27 9.08 -5.88 0.57
N LEU A 28 7.88 -5.36 0.32
CA LEU A 28 7.42 -5.09 -1.03
C LEU A 28 8.34 -4.10 -1.73
N LYS A 29 8.35 -4.13 -3.06
CA LYS A 29 9.17 -3.23 -3.85
C LYS A 29 8.39 -1.99 -4.27
N LEU A 30 8.68 -0.86 -3.64
CA LEU A 30 8.00 0.39 -3.95
C LEU A 30 8.64 1.07 -5.15
N LYS A 31 7.81 1.61 -6.03
CA LYS A 31 8.30 2.30 -7.23
C LYS A 31 7.59 3.64 -7.41
N LYS A 32 8.34 4.66 -7.79
CA LYS A 32 7.78 5.98 -8.00
C LYS A 32 6.61 5.93 -8.98
N GLY A 33 5.40 6.02 -8.44
CA GLY A 33 4.22 5.97 -9.29
C GLY A 33 3.55 4.61 -9.28
N ASP A 34 3.38 4.04 -8.10
CA ASP A 34 2.76 2.73 -7.96
C ASP A 34 1.52 2.82 -7.07
N ILE A 35 0.52 1.99 -7.39
CA ILE A 35 -0.72 1.97 -6.61
C ILE A 35 -0.79 0.73 -5.72
N ILE A 36 -0.75 0.96 -4.41
CA ILE A 36 -0.81 -0.13 -3.44
C ILE A 36 -2.16 -0.14 -2.71
N ASP A 37 -2.91 -1.23 -2.89
CA ASP A 37 -4.21 -1.37 -2.25
C ASP A 37 -4.05 -1.68 -0.76
N ILE A 38 -4.25 -0.66 0.07
CA ILE A 38 -4.13 -0.82 1.52
C ILE A 38 -5.13 -1.84 2.04
N ILE A 39 -4.63 -3.01 2.42
CA ILE A 39 -5.49 -4.06 2.95
C ILE A 39 -5.75 -3.87 4.43
N SER A 40 -4.73 -3.42 5.15
CA SER A 40 -4.86 -3.19 6.60
C SER A 40 -3.83 -2.17 7.08
N LYS A 41 -4.31 -1.09 7.68
CA LYS A 41 -3.43 -0.04 8.19
C LYS A 41 -3.54 0.06 9.70
N PRO A 42 -2.51 -0.45 10.40
CA PRO A 42 -2.47 -0.43 11.86
C PRO A 42 -2.25 0.98 12.41
N PRO A 43 -2.41 1.13 13.74
CA PRO A 43 -2.23 2.43 14.41
C PRO A 43 -0.78 2.87 14.44
N MET A 44 0.10 1.97 14.89
CA MET A 44 1.52 2.27 14.97
C MET A 44 2.35 1.08 14.53
N GLY A 45 3.12 1.26 13.46
CA GLY A 45 3.95 0.17 12.95
C GLY A 45 4.06 0.18 11.45
N THR A 46 4.05 -1.01 10.85
CA THR A 46 4.15 -1.14 9.40
C THR A 46 2.77 -1.29 8.77
N TRP A 47 2.70 -1.05 7.46
CA TRP A 47 1.44 -1.16 6.74
C TRP A 47 1.43 -2.38 5.82
N MET A 48 0.25 -2.79 5.40
CA MET A 48 0.12 -3.95 4.52
C MET A 48 -0.65 -3.57 3.24
N GLY A 49 -0.13 -4.00 2.10
CA GLY A 49 -0.77 -3.69 0.83
C GLY A 49 -0.39 -4.68 -0.25
N LEU A 50 -1.25 -4.80 -1.26
CA LEU A 50 -1.01 -5.72 -2.37
C LEU A 50 -0.41 -4.98 -3.56
N LEU A 51 0.67 -5.54 -4.12
CA LEU A 51 1.34 -4.93 -5.26
C LEU A 51 1.91 -6.00 -6.18
N ASN A 52 1.53 -5.95 -7.45
CA ASN A 52 2.01 -6.93 -8.44
C ASN A 52 1.73 -8.36 -7.98
N ASN A 53 0.52 -8.57 -7.48
CA ASN A 53 0.12 -9.91 -7.01
C ASN A 53 1.00 -10.36 -5.86
N LYS A 54 1.33 -9.42 -4.96
CA LYS A 54 2.16 -9.72 -3.81
C LYS A 54 1.88 -8.76 -2.66
N VAL A 55 1.48 -9.30 -1.52
CA VAL A 55 1.19 -8.49 -0.35
C VAL A 55 2.15 -8.79 0.80
N GLY A 56 2.88 -7.77 1.24
CA GLY A 56 3.83 -7.94 2.31
C GLY A 56 3.74 -6.84 3.35
N THR A 57 4.78 -6.03 3.45
CA THR A 57 4.82 -4.94 4.41
C THR A 57 5.49 -3.71 3.82
N PHE A 58 5.01 -2.53 4.20
CA PHE A 58 5.56 -1.27 3.71
C PHE A 58 5.24 -0.12 4.66
N LYS A 59 6.09 0.89 4.66
CA LYS A 59 5.89 2.06 5.52
C LYS A 59 5.13 3.15 4.79
N PHE A 60 4.26 3.85 5.50
CA PHE A 60 3.47 4.92 4.92
C PHE A 60 4.35 6.12 4.57
N ILE A 61 5.57 6.11 5.10
CA ILE A 61 6.51 7.20 4.82
C ILE A 61 7.00 7.16 3.38
N TYR A 62 6.78 6.04 2.71
CA TYR A 62 7.19 5.88 1.32
C TYR A 62 5.99 5.95 0.39
N VAL A 63 4.88 6.47 0.90
CA VAL A 63 3.66 6.60 0.11
C VAL A 63 2.77 7.72 0.64
N ASP A 64 1.79 8.12 -0.17
CA ASP A 64 0.88 9.18 0.22
C ASP A 64 -0.57 8.74 0.07
N VAL A 65 -1.28 8.68 1.18
CA VAL A 65 -2.69 8.27 1.17
C VAL A 65 -3.55 9.26 0.40
N LEU A 66 -4.04 8.83 -0.75
CA LEU A 66 -4.88 9.68 -1.60
C LEU A 66 -6.30 9.78 -1.03
N SER A 67 -6.79 11.01 -0.91
CA SER A 67 -8.13 11.24 -0.39
C SER A 67 -8.78 12.44 -1.06
N SER A 68 -10.05 12.28 -1.45
CA SER A 68 -10.78 13.35 -2.12
C SER A 68 -12.23 13.39 -1.64
N GLY A 69 -12.87 14.54 -1.81
CA GLY A 69 -14.26 14.69 -1.39
C GLY A 69 -15.08 13.46 -1.70
N PRO A 70 -16.18 13.27 -0.95
CA PRO A 70 -17.07 12.13 -1.13
C PRO A 70 -17.86 12.21 -2.43
N SER A 71 -17.57 11.29 -3.35
CA SER A 71 -18.25 11.26 -4.64
C SER A 71 -19.70 10.80 -4.48
N SER A 72 -20.60 11.43 -5.22
CA SER A 72 -22.01 11.08 -5.16
C SER A 72 -22.20 9.58 -5.18
N GLY A 73 -21.76 8.94 -6.26
CA GLY A 73 -21.88 7.50 -6.38
C GLY A 73 -20.72 6.75 -5.75
N GLY A 1 -29.53 -8.64 6.02
CA GLY A 1 -30.26 -7.40 5.81
C GLY A 1 -29.50 -6.42 4.94
N SER A 2 -30.02 -5.20 4.85
CA SER A 2 -29.38 -4.16 4.04
C SER A 2 -28.13 -3.62 4.73
N SER A 3 -26.98 -3.88 4.12
CA SER A 3 -25.70 -3.42 4.68
C SER A 3 -24.65 -3.29 3.58
N GLY A 4 -24.02 -2.13 3.52
CA GLY A 4 -23.00 -1.88 2.52
C GLY A 4 -21.67 -2.51 2.88
N SER A 5 -20.82 -2.72 1.89
CA SER A 5 -19.51 -3.32 2.11
C SER A 5 -18.46 -2.72 1.18
N SER A 6 -17.29 -2.40 1.73
CA SER A 6 -16.21 -1.81 0.95
C SER A 6 -15.12 -2.83 0.69
N GLY A 7 -14.55 -2.80 -0.53
CA GLY A 7 -13.50 -3.72 -0.88
C GLY A 7 -12.22 -3.47 -0.12
N PHE A 8 -11.67 -2.27 -0.28
CA PHE A 8 -10.43 -1.91 0.41
C PHE A 8 -10.63 -0.63 1.22
N CYS A 9 -9.63 -0.32 2.06
CA CYS A 9 -9.70 0.88 2.90
C CYS A 9 -9.27 2.12 2.11
N GLY A 10 -8.20 1.98 1.35
CA GLY A 10 -7.71 3.10 0.57
C GLY A 10 -6.55 2.71 -0.34
N ARG A 11 -6.00 3.69 -1.04
CA ARG A 11 -4.88 3.44 -1.95
C ARG A 11 -3.64 4.19 -1.49
N ALA A 12 -2.51 3.95 -2.17
CA ALA A 12 -1.25 4.59 -1.83
C ALA A 12 -0.43 4.86 -3.08
N ARG A 13 0.14 6.06 -3.17
CA ARG A 13 0.96 6.44 -4.32
C ARG A 13 2.42 6.61 -3.91
N VAL A 14 3.29 5.80 -4.49
CA VAL A 14 4.71 5.87 -4.19
C VAL A 14 5.35 7.11 -4.80
N HIS A 15 5.78 8.03 -3.94
CA HIS A 15 6.41 9.27 -4.40
C HIS A 15 7.93 9.10 -4.52
N THR A 16 8.48 8.21 -3.70
CA THR A 16 9.92 7.96 -3.72
C THR A 16 10.21 6.47 -3.72
N ASP A 17 10.71 5.97 -4.85
CA ASP A 17 11.03 4.56 -4.99
C ASP A 17 11.98 4.10 -3.87
N PHE A 18 11.77 2.88 -3.39
CA PHE A 18 12.60 2.33 -2.33
C PHE A 18 12.86 0.84 -2.55
N THR A 19 14.11 0.49 -2.78
CA THR A 19 14.49 -0.90 -3.02
C THR A 19 15.07 -1.52 -1.76
N PRO A 20 14.26 -2.33 -1.05
CA PRO A 20 14.68 -3.00 0.17
C PRO A 20 15.70 -4.11 -0.09
N SER A 21 16.30 -4.62 0.99
CA SER A 21 17.30 -5.67 0.86
C SER A 21 16.70 -6.91 0.19
N PRO A 22 17.58 -7.76 -0.35
CA PRO A 22 17.17 -8.99 -1.03
C PRO A 22 16.62 -10.04 -0.06
N TYR A 23 16.90 -9.84 1.22
CA TYR A 23 16.42 -10.76 2.25
C TYR A 23 15.13 -10.26 2.88
N ASP A 24 14.95 -8.95 2.89
CA ASP A 24 13.75 -8.34 3.45
C ASP A 24 12.62 -8.29 2.43
N THR A 25 12.75 -9.09 1.38
CA THR A 25 11.74 -9.13 0.32
C THR A 25 10.35 -8.88 0.89
N ASP A 26 10.10 -9.38 2.10
CA ASP A 26 8.81 -9.20 2.76
C ASP A 26 8.20 -7.85 2.39
N SER A 27 9.03 -6.81 2.42
CA SER A 27 8.56 -5.46 2.11
C SER A 27 8.31 -5.31 0.61
N LEU A 28 7.10 -4.88 0.26
CA LEU A 28 6.72 -4.70 -1.14
C LEU A 28 7.62 -3.66 -1.80
N LYS A 29 8.22 -4.03 -2.93
CA LYS A 29 9.10 -3.14 -3.67
C LYS A 29 8.33 -1.92 -4.17
N LEU A 30 8.63 -0.76 -3.61
CA LEU A 30 7.96 0.48 -4.00
C LEU A 30 8.71 1.16 -5.14
N LYS A 31 7.97 1.67 -6.12
CA LYS A 31 8.57 2.34 -7.26
C LYS A 31 7.81 3.63 -7.59
N LYS A 32 8.51 4.59 -8.18
CA LYS A 32 7.92 5.87 -8.54
C LYS A 32 6.69 5.66 -9.42
N GLY A 33 5.51 5.95 -8.88
CA GLY A 33 4.28 5.80 -9.64
C GLY A 33 3.73 4.39 -9.55
N ASP A 34 3.66 3.86 -8.34
CA ASP A 34 3.13 2.52 -8.11
C ASP A 34 1.98 2.54 -7.12
N ILE A 35 0.82 2.06 -7.56
CA ILE A 35 -0.36 2.02 -6.71
C ILE A 35 -0.40 0.74 -5.87
N ILE A 36 -0.81 0.88 -4.61
CA ILE A 36 -0.89 -0.25 -3.70
C ILE A 36 -2.25 -0.31 -3.01
N ASP A 37 -2.92 -1.44 -3.11
CA ASP A 37 -4.22 -1.63 -2.49
C ASP A 37 -4.08 -2.00 -1.03
N ILE A 38 -4.31 -1.03 -0.15
CA ILE A 38 -4.20 -1.26 1.29
C ILE A 38 -5.28 -2.24 1.78
N ILE A 39 -4.83 -3.36 2.35
CA ILE A 39 -5.76 -4.37 2.85
C ILE A 39 -6.02 -4.17 4.34
N SER A 40 -4.94 -4.10 5.11
CA SER A 40 -5.06 -3.92 6.56
C SER A 40 -4.11 -2.82 7.04
N LYS A 41 -4.59 -2.00 7.97
CA LYS A 41 -3.78 -0.92 8.52
C LYS A 41 -3.88 -0.90 10.04
N PRO A 42 -2.83 -1.40 10.71
CA PRO A 42 -2.77 -1.45 12.17
C PRO A 42 -2.61 -0.07 12.79
N PRO A 43 -2.81 0.02 14.12
CA PRO A 43 -2.69 1.28 14.85
C PRO A 43 -1.25 1.76 14.95
N MET A 44 -0.33 0.84 15.23
CA MET A 44 1.07 1.17 15.34
C MET A 44 1.94 0.15 14.61
N GLY A 45 2.49 0.57 13.46
CA GLY A 45 3.33 -0.33 12.68
C GLY A 45 3.14 -0.14 11.19
N THR A 46 3.91 -0.89 10.40
CA THR A 46 3.83 -0.80 8.96
C THR A 46 2.44 -1.16 8.45
N TRP A 47 2.10 -0.71 7.26
CA TRP A 47 0.80 -0.99 6.66
C TRP A 47 0.87 -2.22 5.77
N MET A 48 -0.30 -2.73 5.38
CA MET A 48 -0.37 -3.90 4.51
C MET A 48 -1.17 -3.60 3.25
N GLY A 49 -0.79 -4.24 2.14
CA GLY A 49 -1.48 -4.03 0.90
C GLY A 49 -1.05 -5.01 -0.18
N LEU A 50 -1.90 -5.19 -1.19
CA LEU A 50 -1.60 -6.11 -2.28
C LEU A 50 -1.08 -5.35 -3.50
N LEU A 51 0.18 -5.58 -3.84
CA LEU A 51 0.80 -4.92 -4.98
C LEU A 51 1.47 -5.95 -5.91
N ASN A 52 1.22 -5.82 -7.21
CA ASN A 52 1.79 -6.72 -8.19
C ASN A 52 1.51 -8.17 -7.82
N ASN A 53 0.26 -8.47 -7.48
CA ASN A 53 -0.14 -9.82 -7.11
C ASN A 53 0.72 -10.34 -5.96
N LYS A 54 1.07 -9.44 -5.05
CA LYS A 54 1.89 -9.80 -3.89
C LYS A 54 1.64 -8.86 -2.72
N VAL A 55 1.12 -9.41 -1.62
CA VAL A 55 0.84 -8.62 -0.44
C VAL A 55 2.00 -8.68 0.55
N GLY A 56 2.51 -7.51 0.93
CA GLY A 56 3.62 -7.46 1.87
C GLY A 56 3.48 -6.31 2.85
N THR A 57 4.57 -5.57 3.05
CA THR A 57 4.57 -4.44 3.98
C THR A 57 5.35 -3.28 3.41
N PHE A 58 4.84 -2.06 3.62
CA PHE A 58 5.49 -0.86 3.12
C PHE A 58 5.28 0.30 4.09
N LYS A 59 6.30 1.14 4.24
CA LYS A 59 6.23 2.29 5.13
C LYS A 59 5.62 3.50 4.41
N PHE A 60 4.79 4.24 5.12
CA PHE A 60 4.14 5.42 4.55
C PHE A 60 5.17 6.48 4.19
N ILE A 61 6.40 6.29 4.68
CA ILE A 61 7.48 7.24 4.40
C ILE A 61 7.89 7.19 2.93
N TYR A 62 7.43 6.17 2.23
CA TYR A 62 7.75 6.01 0.81
C TYR A 62 6.48 6.07 -0.04
N VAL A 63 5.34 6.27 0.62
CA VAL A 63 4.07 6.34 -0.08
C VAL A 63 3.18 7.40 0.54
N ASP A 64 2.00 7.60 -0.05
CA ASP A 64 1.05 8.59 0.44
C ASP A 64 -0.39 8.07 0.31
N VAL A 65 -0.94 7.62 1.44
CA VAL A 65 -2.31 7.10 1.45
C VAL A 65 -3.30 8.17 1.03
N LEU A 66 -4.02 7.91 -0.06
CA LEU A 66 -5.01 8.84 -0.57
C LEU A 66 -6.35 8.67 0.14
N SER A 67 -6.72 9.68 0.93
CA SER A 67 -7.98 9.63 1.67
C SER A 67 -9.15 9.97 0.77
N SER A 68 -9.09 11.12 0.12
CA SER A 68 -10.16 11.56 -0.78
C SER A 68 -10.67 10.40 -1.62
N GLY A 69 -9.76 9.76 -2.35
CA GLY A 69 -10.13 8.64 -3.19
C GLY A 69 -10.39 9.05 -4.63
N PRO A 70 -10.57 8.06 -5.51
CA PRO A 70 -10.82 8.30 -6.93
C PRO A 70 -12.20 8.91 -7.18
N SER A 71 -12.22 10.13 -7.69
CA SER A 71 -13.48 10.82 -7.98
C SER A 71 -14.01 10.43 -9.35
N SER A 72 -15.32 10.60 -9.54
CA SER A 72 -15.95 10.25 -10.81
C SER A 72 -15.37 11.08 -11.94
N GLY A 73 -15.44 12.41 -11.80
CA GLY A 73 -14.92 13.29 -12.82
C GLY A 73 -15.18 14.75 -12.51
N GLY A 1 -18.95 -16.47 -2.92
CA GLY A 1 -17.70 -16.27 -3.63
C GLY A 1 -17.61 -14.92 -4.30
N SER A 2 -16.78 -14.04 -3.74
CA SER A 2 -16.61 -12.69 -4.29
C SER A 2 -17.94 -11.94 -4.30
N SER A 3 -18.70 -12.08 -3.21
CA SER A 3 -19.99 -11.42 -3.10
C SER A 3 -20.05 -10.55 -1.84
N GLY A 4 -20.72 -9.41 -1.95
CA GLY A 4 -20.83 -8.51 -0.81
C GLY A 4 -19.51 -8.30 -0.09
N SER A 5 -18.64 -7.50 -0.70
CA SER A 5 -17.33 -7.23 -0.11
C SER A 5 -16.98 -5.75 -0.24
N SER A 6 -16.43 -5.18 0.83
CA SER A 6 -16.05 -3.77 0.83
C SER A 6 -15.09 -3.46 -0.32
N GLY A 7 -14.08 -4.31 -0.47
CA GLY A 7 -13.11 -4.11 -1.53
C GLY A 7 -11.70 -3.91 -0.99
N PHE A 8 -11.41 -2.68 -0.55
CA PHE A 8 -10.09 -2.36 -0.01
C PHE A 8 -10.17 -1.17 0.93
N CYS A 9 -9.28 -1.14 1.92
CA CYS A 9 -9.25 -0.06 2.89
C CYS A 9 -9.10 1.29 2.19
N GLY A 10 -8.04 1.43 1.40
CA GLY A 10 -7.79 2.67 0.70
C GLY A 10 -6.76 2.52 -0.40
N ARG A 11 -6.00 3.58 -0.65
CA ARG A 11 -4.97 3.57 -1.68
C ARG A 11 -3.85 4.54 -1.35
N ALA A 12 -2.67 4.29 -1.91
CA ALA A 12 -1.52 5.15 -1.67
C ALA A 12 -0.62 5.22 -2.90
N ARG A 13 -0.05 6.39 -3.14
CA ARG A 13 0.83 6.60 -4.29
C ARG A 13 2.29 6.60 -3.86
N VAL A 14 3.08 5.72 -4.45
CA VAL A 14 4.50 5.62 -4.13
C VAL A 14 5.29 6.75 -4.78
N HIS A 15 5.71 7.71 -3.98
CA HIS A 15 6.48 8.85 -4.49
C HIS A 15 7.98 8.59 -4.36
N THR A 16 8.37 7.89 -3.31
CA THR A 16 9.77 7.57 -3.08
C THR A 16 10.05 6.10 -3.31
N ASP A 17 10.67 5.79 -4.44
CA ASP A 17 11.00 4.41 -4.79
C ASP A 17 11.83 3.75 -3.69
N PHE A 18 11.53 2.49 -3.40
CA PHE A 18 12.24 1.75 -2.37
C PHE A 18 12.37 0.28 -2.74
N THR A 19 13.61 -0.17 -2.93
CA THR A 19 13.86 -1.56 -3.29
C THR A 19 14.60 -2.29 -2.18
N PRO A 20 13.87 -3.14 -1.43
CA PRO A 20 14.43 -3.91 -0.32
C PRO A 20 15.37 -5.01 -0.80
N SER A 21 16.13 -5.59 0.13
CA SER A 21 17.07 -6.64 -0.20
C SER A 21 16.38 -7.80 -0.92
N PRO A 22 17.15 -8.54 -1.73
CA PRO A 22 16.63 -9.69 -2.49
C PRO A 22 16.27 -10.86 -1.59
N TYR A 23 16.80 -10.86 -0.37
CA TYR A 23 16.53 -11.93 0.59
C TYR A 23 15.22 -11.67 1.33
N ASP A 24 15.00 -10.42 1.71
CA ASP A 24 13.79 -10.05 2.43
C ASP A 24 12.59 -9.99 1.48
N THR A 25 11.63 -10.89 1.71
CA THR A 25 10.43 -10.95 0.88
C THR A 25 9.30 -10.14 1.49
N ASP A 26 9.14 -10.27 2.81
CA ASP A 26 8.08 -9.55 3.51
C ASP A 26 7.92 -8.14 2.96
N SER A 27 9.04 -7.47 2.70
CA SER A 27 9.03 -6.11 2.18
C SER A 27 8.86 -6.12 0.66
N LEU A 28 7.90 -5.33 0.19
CA LEU A 28 7.63 -5.25 -1.25
C LEU A 28 8.59 -4.27 -1.92
N LYS A 29 8.48 -4.17 -3.24
CA LYS A 29 9.33 -3.26 -4.01
C LYS A 29 8.56 -2.02 -4.44
N LEU A 30 8.79 -0.91 -3.74
CA LEU A 30 8.12 0.35 -4.06
C LEU A 30 8.84 1.08 -5.18
N LYS A 31 8.07 1.79 -6.01
CA LYS A 31 8.64 2.54 -7.11
C LYS A 31 7.83 3.81 -7.38
N LYS A 32 8.51 4.86 -7.81
CA LYS A 32 7.85 6.13 -8.11
C LYS A 32 6.75 5.95 -9.14
N GLY A 33 5.50 6.11 -8.70
CA GLY A 33 4.38 5.96 -9.60
C GLY A 33 3.80 4.56 -9.59
N ASP A 34 3.54 4.04 -8.39
CA ASP A 34 2.98 2.71 -8.24
C ASP A 34 1.85 2.70 -7.21
N ILE A 35 0.72 2.12 -7.59
CA ILE A 35 -0.44 2.05 -6.71
C ILE A 35 -0.38 0.81 -5.83
N ILE A 36 -0.77 0.98 -4.56
CA ILE A 36 -0.76 -0.14 -3.61
C ILE A 36 -2.06 -0.19 -2.82
N ASP A 37 -2.82 -1.26 -3.02
CA ASP A 37 -4.09 -1.43 -2.31
C ASP A 37 -3.86 -1.83 -0.85
N ILE A 38 -4.34 -0.98 0.06
CA ILE A 38 -4.18 -1.23 1.48
C ILE A 38 -5.24 -2.21 1.98
N ILE A 39 -4.81 -3.42 2.32
CA ILE A 39 -5.72 -4.44 2.82
C ILE A 39 -6.05 -4.22 4.28
N SER A 40 -5.03 -3.94 5.08
CA SER A 40 -5.21 -3.70 6.51
C SER A 40 -4.15 -2.74 7.05
N LYS A 41 -4.56 -1.86 7.95
CA LYS A 41 -3.65 -0.89 8.54
C LYS A 41 -3.49 -1.13 10.04
N PRO A 42 -2.37 -1.75 10.43
CA PRO A 42 -2.07 -2.05 11.83
C PRO A 42 -1.77 -0.79 12.64
N PRO A 43 -2.18 -0.79 13.92
CA PRO A 43 -1.97 0.35 14.82
C PRO A 43 -0.51 0.51 15.19
N MET A 44 0.35 -0.33 14.62
CA MET A 44 1.78 -0.27 14.90
C MET A 44 2.44 0.86 14.10
N GLY A 45 2.23 0.84 12.80
CA GLY A 45 2.81 1.86 11.94
C GLY A 45 2.73 1.50 10.47
N THR A 46 3.60 0.59 10.03
CA THR A 46 3.63 0.16 8.64
C THR A 46 2.26 -0.29 8.18
N TRP A 47 2.07 -0.38 6.87
CA TRP A 47 0.80 -0.80 6.30
C TRP A 47 0.99 -1.98 5.36
N MET A 48 -0.04 -2.82 5.25
CA MET A 48 0.01 -3.99 4.39
C MET A 48 -0.84 -3.80 3.14
N GLY A 49 -0.22 -3.94 1.98
CA GLY A 49 -0.94 -3.77 0.73
C GLY A 49 -0.52 -4.78 -0.33
N LEU A 50 -1.39 -5.04 -1.29
CA LEU A 50 -1.11 -5.99 -2.35
C LEU A 50 -0.59 -5.27 -3.60
N LEU A 51 0.60 -5.64 -4.03
CA LEU A 51 1.22 -5.04 -5.20
C LEU A 51 1.91 -6.10 -6.06
N ASN A 52 1.62 -6.10 -7.35
CA ASN A 52 2.23 -7.05 -8.27
C ASN A 52 1.93 -8.48 -7.84
N ASN A 53 0.70 -8.73 -7.42
CA ASN A 53 0.29 -10.06 -6.98
C ASN A 53 1.13 -10.52 -5.79
N LYS A 54 1.46 -9.58 -4.92
CA LYS A 54 2.25 -9.88 -3.73
C LYS A 54 2.01 -8.85 -2.63
N VAL A 55 1.46 -9.31 -1.51
CA VAL A 55 1.18 -8.43 -0.38
C VAL A 55 2.26 -8.55 0.69
N GLY A 56 2.70 -7.40 1.20
CA GLY A 56 3.73 -7.40 2.23
C GLY A 56 3.64 -6.17 3.13
N THR A 57 4.80 -5.60 3.45
CA THR A 57 4.85 -4.42 4.30
C THR A 57 5.48 -3.23 3.57
N PHE A 58 4.94 -2.05 3.80
CA PHE A 58 5.45 -0.83 3.16
C PHE A 58 5.24 0.38 4.06
N LYS A 59 6.27 1.20 4.19
CA LYS A 59 6.21 2.40 5.02
C LYS A 59 5.15 3.37 4.48
N PHE A 60 4.77 4.33 5.31
CA PHE A 60 3.78 5.32 4.92
C PHE A 60 4.44 6.59 4.39
N ILE A 61 5.44 7.07 5.12
CA ILE A 61 6.17 8.27 4.72
C ILE A 61 6.64 8.18 3.27
N TYR A 62 6.93 6.96 2.83
CA TYR A 62 7.39 6.73 1.46
C TYR A 62 6.25 6.91 0.46
N VAL A 63 5.02 6.67 0.93
CA VAL A 63 3.85 6.81 0.08
C VAL A 63 2.97 7.97 0.54
N ASP A 64 1.90 8.24 -0.21
CA ASP A 64 0.99 9.31 0.12
C ASP A 64 -0.46 8.82 0.13
N VAL A 65 -1.15 9.03 1.25
CA VAL A 65 -2.54 8.61 1.38
C VAL A 65 -3.44 9.38 0.43
N LEU A 66 -4.34 8.65 -0.23
CA LEU A 66 -5.27 9.27 -1.18
C LEU A 66 -6.71 9.08 -0.72
N SER A 67 -7.55 10.08 -1.01
CA SER A 67 -8.96 10.01 -0.62
C SER A 67 -9.67 8.86 -1.32
N SER A 68 -10.92 8.63 -0.93
CA SER A 68 -11.71 7.55 -1.52
C SER A 68 -12.84 8.11 -2.39
N GLY A 69 -12.91 7.63 -3.62
CA GLY A 69 -13.94 8.10 -4.55
C GLY A 69 -14.86 6.98 -4.98
N PRO A 70 -14.39 6.16 -5.92
CA PRO A 70 -15.16 5.03 -6.46
C PRO A 70 -15.34 3.92 -5.43
N SER A 71 -16.46 3.96 -4.72
CA SER A 71 -16.76 2.96 -3.69
C SER A 71 -18.06 2.22 -4.02
N SER A 72 -18.04 0.90 -3.85
CA SER A 72 -19.20 0.08 -4.13
C SER A 72 -20.37 0.46 -3.23
N GLY A 73 -21.58 0.34 -3.76
CA GLY A 73 -22.77 0.68 -2.98
C GLY A 73 -23.10 -0.37 -1.94
N GLY A 1 -24.44 1.35 -16.65
CA GLY A 1 -23.48 0.61 -17.45
C GLY A 1 -22.40 -0.03 -16.60
N SER A 2 -21.48 0.79 -16.09
CA SER A 2 -20.38 0.31 -15.27
C SER A 2 -20.63 0.61 -13.80
N SER A 3 -20.35 -0.36 -12.94
CA SER A 3 -20.55 -0.19 -11.51
C SER A 3 -19.20 -0.03 -10.78
N GLY A 4 -19.25 0.52 -9.58
CA GLY A 4 -18.03 0.72 -8.81
C GLY A 4 -17.55 -0.56 -8.15
N SER A 5 -16.35 -0.52 -7.59
CA SER A 5 -15.77 -1.68 -6.93
C SER A 5 -15.78 -1.50 -5.42
N SER A 6 -15.67 -2.61 -4.70
CA SER A 6 -15.67 -2.59 -3.24
C SER A 6 -14.92 -3.79 -2.68
N GLY A 7 -13.97 -3.52 -1.78
CA GLY A 7 -13.19 -4.59 -1.19
C GLY A 7 -12.07 -4.07 -0.31
N PHE A 8 -11.15 -3.30 -0.91
CA PHE A 8 -10.03 -2.74 -0.18
C PHE A 8 -10.41 -1.43 0.49
N CYS A 9 -9.84 -1.19 1.66
CA CYS A 9 -10.13 0.03 2.41
C CYS A 9 -9.71 1.26 1.62
N GLY A 10 -8.57 1.19 0.96
CA GLY A 10 -8.09 2.30 0.17
C GLY A 10 -6.76 2.00 -0.51
N ARG A 11 -6.17 3.03 -1.13
CA ARG A 11 -4.89 2.86 -1.81
C ARG A 11 -3.98 4.05 -1.55
N ALA A 12 -2.69 3.89 -1.86
CA ALA A 12 -1.72 4.95 -1.65
C ALA A 12 -0.75 5.04 -2.83
N ARG A 13 -0.22 6.23 -3.06
CA ARG A 13 0.72 6.45 -4.16
C ARG A 13 2.16 6.47 -3.65
N VAL A 14 3.05 5.85 -4.40
CA VAL A 14 4.46 5.79 -4.03
C VAL A 14 5.25 6.95 -4.65
N HIS A 15 5.54 7.96 -3.84
CA HIS A 15 6.28 9.13 -4.31
C HIS A 15 7.78 8.87 -4.25
N THR A 16 8.20 8.02 -3.33
CA THR A 16 9.62 7.69 -3.17
C THR A 16 9.85 6.20 -3.35
N ASP A 17 10.69 5.86 -4.32
CA ASP A 17 11.01 4.46 -4.60
C ASP A 17 11.96 3.90 -3.53
N PHE A 18 11.89 2.58 -3.33
CA PHE A 18 12.73 1.93 -2.34
C PHE A 18 12.93 0.46 -2.69
N THR A 19 14.18 0.06 -2.88
CA THR A 19 14.50 -1.33 -3.23
C THR A 19 15.23 -2.02 -2.09
N PRO A 20 14.51 -2.85 -1.33
CA PRO A 20 15.08 -3.59 -0.20
C PRO A 20 16.04 -4.68 -0.65
N SER A 21 16.50 -5.49 0.31
CA SER A 21 17.42 -6.57 0.02
C SER A 21 16.76 -7.63 -0.86
N PRO A 22 17.58 -8.32 -1.67
CA PRO A 22 17.09 -9.37 -2.57
C PRO A 22 16.64 -10.63 -1.81
N TYR A 23 16.95 -10.66 -0.53
CA TYR A 23 16.58 -11.80 0.32
C TYR A 23 15.19 -11.61 0.91
N ASP A 24 14.94 -10.42 1.44
CA ASP A 24 13.65 -10.11 2.04
C ASP A 24 12.54 -10.16 0.99
N THR A 25 11.65 -11.15 1.13
CA THR A 25 10.54 -11.32 0.20
C THR A 25 9.34 -10.48 0.61
N ASP A 26 9.03 -10.50 1.90
CA ASP A 26 7.91 -9.73 2.43
C ASP A 26 7.98 -8.27 1.98
N SER A 27 9.16 -7.68 2.13
CA SER A 27 9.37 -6.29 1.75
C SER A 27 8.98 -6.06 0.29
N LEU A 28 7.85 -5.40 0.08
CA LEU A 28 7.38 -5.12 -1.27
C LEU A 28 8.25 -4.06 -1.94
N LYS A 29 8.61 -4.32 -3.20
CA LYS A 29 9.43 -3.38 -3.96
C LYS A 29 8.63 -2.16 -4.38
N LEU A 30 8.92 -1.02 -3.75
CA LEU A 30 8.22 0.23 -4.05
C LEU A 30 8.90 0.97 -5.19
N LYS A 31 8.12 1.64 -6.01
CA LYS A 31 8.64 2.40 -7.14
C LYS A 31 7.88 3.70 -7.34
N LYS A 32 8.56 4.72 -7.83
CA LYS A 32 7.95 6.02 -8.07
C LYS A 32 6.81 5.90 -9.08
N GLY A 33 5.58 6.11 -8.59
CA GLY A 33 4.42 6.02 -9.47
C GLY A 33 3.81 4.63 -9.48
N ASP A 34 3.62 4.05 -8.30
CA ASP A 34 3.05 2.72 -8.18
C ASP A 34 1.89 2.72 -7.20
N ILE A 35 0.78 2.10 -7.59
CA ILE A 35 -0.40 2.03 -6.74
C ILE A 35 -0.38 0.77 -5.88
N ILE A 36 -0.61 0.95 -4.58
CA ILE A 36 -0.63 -0.18 -3.65
C ILE A 36 -1.97 -0.29 -2.94
N ASP A 37 -2.64 -1.42 -3.11
CA ASP A 37 -3.93 -1.64 -2.49
C ASP A 37 -3.78 -1.88 -0.99
N ILE A 38 -4.14 -0.87 -0.20
CA ILE A 38 -4.03 -0.97 1.26
C ILE A 38 -5.03 -1.97 1.81
N ILE A 39 -4.52 -2.96 2.53
CA ILE A 39 -5.38 -3.99 3.12
C ILE A 39 -5.72 -3.65 4.57
N SER A 40 -4.71 -3.20 5.32
CA SER A 40 -4.90 -2.84 6.72
C SER A 40 -3.90 -1.78 7.15
N LYS A 41 -4.38 -0.75 7.83
CA LYS A 41 -3.53 0.33 8.30
C LYS A 41 -3.56 0.42 9.82
N PRO A 42 -2.51 -0.10 10.47
CA PRO A 42 -2.39 -0.08 11.93
C PRO A 42 -2.16 1.32 12.48
N PRO A 43 -2.30 1.46 13.81
CA PRO A 43 -2.11 2.75 14.49
C PRO A 43 -0.65 3.19 14.49
N MET A 44 0.26 2.23 14.63
CA MET A 44 1.68 2.52 14.65
C MET A 44 2.50 1.30 14.24
N GLY A 45 3.46 1.49 13.36
CA GLY A 45 4.29 0.39 12.91
C GLY A 45 4.48 0.39 11.40
N THR A 46 4.12 -0.72 10.76
CA THR A 46 4.26 -0.85 9.31
C THR A 46 2.91 -1.09 8.66
N TRP A 47 2.75 -0.60 7.44
CA TRP A 47 1.51 -0.76 6.69
C TRP A 47 1.58 -1.97 5.77
N MET A 48 0.42 -2.48 5.37
CA MET A 48 0.35 -3.63 4.49
C MET A 48 -0.56 -3.35 3.30
N GLY A 49 -0.32 -4.06 2.20
CA GLY A 49 -1.13 -3.88 1.01
C GLY A 49 -0.75 -4.82 -0.11
N LEU A 50 -1.68 -5.05 -1.03
CA LEU A 50 -1.44 -5.96 -2.15
C LEU A 50 -1.01 -5.18 -3.39
N LEU A 51 0.21 -5.46 -3.86
CA LEU A 51 0.74 -4.79 -5.03
C LEU A 51 1.13 -5.80 -6.11
N ASN A 52 0.46 -5.73 -7.26
CA ASN A 52 0.73 -6.64 -8.36
C ASN A 52 0.50 -8.09 -7.94
N ASN A 53 -0.63 -8.34 -7.28
CA ASN A 53 -0.97 -9.69 -6.82
C ASN A 53 0.09 -10.21 -5.86
N LYS A 54 0.57 -9.34 -4.99
CA LYS A 54 1.59 -9.72 -4.01
C LYS A 54 1.53 -8.83 -2.78
N VAL A 55 0.99 -9.36 -1.69
CA VAL A 55 0.88 -8.60 -0.45
C VAL A 55 2.09 -8.83 0.45
N GLY A 56 2.61 -7.75 1.02
CA GLY A 56 3.76 -7.85 1.89
C GLY A 56 3.77 -6.78 2.97
N THR A 57 4.83 -5.97 2.98
CA THR A 57 4.95 -4.90 3.97
C THR A 57 5.61 -3.66 3.37
N PHE A 58 5.26 -2.49 3.88
CA PHE A 58 5.82 -1.24 3.40
C PHE A 58 5.50 -0.10 4.34
N LYS A 59 6.35 0.93 4.34
CA LYS A 59 6.15 2.09 5.20
C LYS A 59 5.11 3.04 4.60
N PHE A 60 4.66 4.00 5.40
CA PHE A 60 3.67 4.97 4.95
C PHE A 60 4.34 6.27 4.52
N ILE A 61 5.43 6.62 5.18
CA ILE A 61 6.17 7.83 4.86
C ILE A 61 6.58 7.85 3.39
N TYR A 62 6.74 6.67 2.81
CA TYR A 62 7.13 6.54 1.41
C TYR A 62 5.94 6.74 0.49
N VAL A 63 4.74 6.56 1.03
CA VAL A 63 3.51 6.72 0.27
C VAL A 63 2.65 7.84 0.83
N ASP A 64 1.54 8.13 0.16
CA ASP A 64 0.62 9.17 0.60
C ASP A 64 -0.83 8.75 0.38
N VAL A 65 -1.59 8.66 1.47
CA VAL A 65 -2.99 8.26 1.39
C VAL A 65 -3.77 9.18 0.46
N LEU A 66 -4.61 8.59 -0.38
CA LEU A 66 -5.42 9.35 -1.32
C LEU A 66 -6.88 9.37 -0.89
N SER A 67 -7.41 10.57 -0.63
CA SER A 67 -8.79 10.72 -0.21
C SER A 67 -9.72 10.75 -1.42
N SER A 68 -9.42 11.65 -2.36
CA SER A 68 -10.24 11.78 -3.56
C SER A 68 -9.80 10.78 -4.63
N GLY A 69 -10.66 10.55 -5.61
CA GLY A 69 -10.34 9.62 -6.68
C GLY A 69 -11.37 9.64 -7.80
N PRO A 70 -10.90 9.86 -9.03
CA PRO A 70 -11.77 9.90 -10.21
C PRO A 70 -12.36 8.54 -10.56
N SER A 71 -13.20 8.50 -11.59
CA SER A 71 -13.83 7.27 -12.02
C SER A 71 -13.85 7.16 -13.54
N SER A 72 -13.79 5.93 -14.04
CA SER A 72 -13.79 5.69 -15.48
C SER A 72 -15.15 5.20 -15.95
N GLY A 73 -15.69 5.87 -16.98
CA GLY A 73 -16.99 5.49 -17.51
C GLY A 73 -16.87 4.60 -18.72
N GLY A 1 -14.93 -19.06 9.83
CA GLY A 1 -14.06 -20.19 9.67
C GLY A 1 -13.36 -20.21 8.33
N SER A 2 -12.90 -19.04 7.88
CA SER A 2 -12.21 -18.92 6.60
C SER A 2 -11.23 -17.75 6.61
N SER A 3 -10.04 -17.97 6.07
CA SER A 3 -9.01 -16.94 6.02
C SER A 3 -9.02 -16.23 4.68
N GLY A 4 -9.43 -14.97 4.69
CA GLY A 4 -9.47 -14.19 3.46
C GLY A 4 -9.52 -12.70 3.71
N SER A 5 -9.39 -11.91 2.65
CA SER A 5 -9.41 -10.46 2.76
C SER A 5 -10.36 -9.84 1.74
N SER A 6 -11.37 -9.13 2.23
CA SER A 6 -12.35 -8.49 1.37
C SER A 6 -12.62 -7.06 1.81
N GLY A 7 -12.50 -6.11 0.88
CA GLY A 7 -12.74 -4.72 1.21
C GLY A 7 -11.45 -3.94 1.35
N PHE A 8 -11.03 -3.28 0.27
CA PHE A 8 -9.81 -2.49 0.28
C PHE A 8 -10.02 -1.17 1.03
N CYS A 9 -9.12 -0.87 1.96
CA CYS A 9 -9.21 0.34 2.75
C CYS A 9 -9.18 1.58 1.84
N GLY A 10 -8.24 1.59 0.91
CA GLY A 10 -8.13 2.72 0.00
C GLY A 10 -7.02 2.53 -1.02
N ARG A 11 -6.27 3.59 -1.30
CA ARG A 11 -5.18 3.54 -2.26
C ARG A 11 -4.09 4.56 -1.91
N ALA A 12 -2.86 4.25 -2.27
CA ALA A 12 -1.74 5.13 -2.00
C ALA A 12 -0.81 5.22 -3.20
N ARG A 13 -0.13 6.36 -3.34
CA ARG A 13 0.78 6.57 -4.45
C ARG A 13 2.24 6.59 -3.96
N VAL A 14 3.05 5.71 -4.53
CA VAL A 14 4.46 5.61 -4.16
C VAL A 14 5.23 6.83 -4.64
N HIS A 15 5.57 7.72 -3.71
CA HIS A 15 6.32 8.92 -4.03
C HIS A 15 7.82 8.65 -4.10
N THR A 16 8.29 7.77 -3.21
CA THR A 16 9.70 7.41 -3.17
C THR A 16 9.93 6.02 -3.74
N ASP A 17 11.10 5.82 -4.36
CA ASP A 17 11.44 4.53 -4.95
C ASP A 17 12.35 3.73 -4.02
N PHE A 18 11.80 2.67 -3.44
CA PHE A 18 12.56 1.82 -2.52
C PHE A 18 12.62 0.39 -3.04
N THR A 19 13.83 -0.14 -3.15
CA THR A 19 14.04 -1.50 -3.64
C THR A 19 14.67 -2.38 -2.56
N PRO A 20 13.87 -3.29 -2.00
CA PRO A 20 14.33 -4.21 -0.95
C PRO A 20 15.30 -5.25 -1.48
N SER A 21 15.91 -6.01 -0.58
CA SER A 21 16.88 -7.03 -0.95
C SER A 21 16.20 -8.12 -1.78
N PRO A 22 17.02 -8.90 -2.51
CA PRO A 22 16.52 -9.99 -3.36
C PRO A 22 15.98 -11.16 -2.54
N TYR A 23 16.47 -11.29 -1.31
CA TYR A 23 16.04 -12.38 -0.43
C TYR A 23 14.79 -11.97 0.34
N ASP A 24 14.78 -10.74 0.84
CA ASP A 24 13.64 -10.23 1.60
C ASP A 24 12.38 -10.21 0.75
N THR A 25 11.43 -11.08 1.07
CA THR A 25 10.18 -11.16 0.33
C THR A 25 9.11 -10.27 0.96
N ASP A 26 9.14 -10.16 2.29
CA ASP A 26 8.18 -9.34 3.00
C ASP A 26 8.21 -7.90 2.50
N SER A 27 9.40 -7.30 2.51
CA SER A 27 9.56 -5.92 2.07
C SER A 27 9.13 -5.77 0.61
N LEU A 28 8.00 -5.09 0.40
CA LEU A 28 7.48 -4.87 -0.93
C LEU A 28 8.35 -3.90 -1.71
N LYS A 29 8.30 -3.98 -3.04
CA LYS A 29 9.08 -3.10 -3.89
C LYS A 29 8.32 -1.81 -4.19
N LEU A 30 8.87 -0.69 -3.72
CA LEU A 30 8.25 0.61 -3.93
C LEU A 30 8.98 1.40 -5.02
N LYS A 31 8.21 1.97 -5.94
CA LYS A 31 8.79 2.75 -7.03
C LYS A 31 7.92 3.97 -7.34
N LYS A 32 8.57 5.08 -7.65
CA LYS A 32 7.87 6.32 -7.97
C LYS A 32 6.82 6.09 -9.06
N GLY A 33 5.55 6.22 -8.70
CA GLY A 33 4.48 6.03 -9.66
C GLY A 33 3.92 4.62 -9.62
N ASP A 34 3.73 4.09 -8.41
CA ASP A 34 3.20 2.75 -8.23
C ASP A 34 2.03 2.75 -7.25
N ILE A 35 0.95 2.08 -7.62
CA ILE A 35 -0.24 2.01 -6.77
C ILE A 35 -0.20 0.77 -5.88
N ILE A 36 -0.61 0.95 -4.62
CA ILE A 36 -0.62 -0.16 -3.68
C ILE A 36 -1.98 -0.28 -3.00
N ASP A 37 -2.54 -1.50 -3.03
CA ASP A 37 -3.84 -1.76 -2.42
C ASP A 37 -3.70 -1.93 -0.91
N ILE A 38 -4.19 -0.94 -0.16
CA ILE A 38 -4.13 -0.97 1.29
C ILE A 38 -5.14 -1.98 1.86
N ILE A 39 -4.63 -3.09 2.38
CA ILE A 39 -5.48 -4.12 2.96
C ILE A 39 -5.75 -3.85 4.44
N SER A 40 -4.69 -3.50 5.17
CA SER A 40 -4.80 -3.22 6.59
C SER A 40 -3.78 -2.18 7.02
N LYS A 41 -4.26 -1.11 7.65
CA LYS A 41 -3.38 -0.04 8.12
C LYS A 41 -3.64 0.26 9.60
N PRO A 42 -2.74 -0.24 10.46
CA PRO A 42 -2.83 -0.04 11.91
C PRO A 42 -2.56 1.41 12.31
N PRO A 43 -2.84 1.73 13.58
CA PRO A 43 -2.63 3.08 14.12
C PRO A 43 -1.15 3.43 14.25
N MET A 44 -0.33 2.42 14.50
CA MET A 44 1.11 2.62 14.65
C MET A 44 1.87 1.34 14.34
N GLY A 45 2.84 1.44 13.44
CA GLY A 45 3.64 0.27 13.07
C GLY A 45 3.87 0.19 11.58
N THR A 46 3.65 -0.99 11.01
CA THR A 46 3.85 -1.20 9.58
C THR A 46 2.52 -1.37 8.85
N TRP A 47 2.50 -1.02 7.58
CA TRP A 47 1.29 -1.12 6.76
C TRP A 47 1.37 -2.31 5.82
N MET A 48 0.22 -2.91 5.51
CA MET A 48 0.17 -4.05 4.62
C MET A 48 -0.68 -3.74 3.38
N GLY A 49 -0.24 -4.23 2.23
CA GLY A 49 -0.97 -4.00 1.00
C GLY A 49 -0.53 -4.92 -0.13
N LEU A 50 -1.41 -5.11 -1.10
CA LEU A 50 -1.10 -5.98 -2.23
C LEU A 50 -0.60 -5.16 -3.43
N LEU A 51 0.59 -5.49 -3.89
CA LEU A 51 1.20 -4.79 -5.03
C LEU A 51 1.78 -5.79 -6.03
N ASN A 52 1.27 -5.77 -7.25
CA ASN A 52 1.74 -6.66 -8.31
C ASN A 52 1.56 -8.12 -7.90
N ASN A 53 0.38 -8.44 -7.39
CA ASN A 53 0.08 -9.81 -6.96
C ASN A 53 1.04 -10.26 -5.86
N LYS A 54 1.35 -9.34 -4.94
CA LYS A 54 2.25 -9.65 -3.84
C LYS A 54 2.00 -8.73 -2.66
N VAL A 55 1.61 -9.30 -1.53
CA VAL A 55 1.35 -8.52 -0.32
C VAL A 55 2.44 -8.72 0.72
N GLY A 56 3.03 -7.62 1.17
CA GLY A 56 4.09 -7.70 2.16
C GLY A 56 3.95 -6.65 3.24
N THR A 57 4.96 -5.80 3.36
CA THR A 57 4.95 -4.73 4.36
C THR A 57 5.51 -3.44 3.80
N PHE A 58 5.04 -2.31 4.31
CA PHE A 58 5.50 -1.00 3.86
C PHE A 58 5.07 0.09 4.84
N LYS A 59 5.77 1.22 4.79
CA LYS A 59 5.46 2.35 5.66
C LYS A 59 4.73 3.44 4.90
N PHE A 60 3.96 4.26 5.61
CA PHE A 60 3.22 5.35 5.00
C PHE A 60 4.15 6.48 4.61
N ILE A 61 5.34 6.50 5.18
CA ILE A 61 6.33 7.53 4.89
C ILE A 61 6.80 7.44 3.44
N TYR A 62 6.62 6.28 2.83
CA TYR A 62 7.02 6.07 1.44
C TYR A 62 5.81 6.05 0.52
N VAL A 63 4.68 6.56 1.02
CA VAL A 63 3.45 6.61 0.25
C VAL A 63 2.55 7.75 0.70
N ASP A 64 1.49 8.00 -0.05
CA ASP A 64 0.55 9.07 0.29
C ASP A 64 -0.89 8.58 0.15
N VAL A 65 -1.55 8.41 1.29
CA VAL A 65 -2.94 7.94 1.31
C VAL A 65 -3.86 8.94 0.61
N LEU A 66 -4.44 8.53 -0.51
CA LEU A 66 -5.34 9.38 -1.26
C LEU A 66 -6.79 9.10 -0.89
N SER A 67 -7.65 10.11 -1.07
CA SER A 67 -9.06 9.97 -0.74
C SER A 67 -9.88 11.11 -1.36
N SER A 68 -11.18 10.91 -1.47
CA SER A 68 -12.06 11.92 -2.04
C SER A 68 -13.22 12.23 -1.09
N GLY A 69 -13.65 13.48 -1.09
CA GLY A 69 -14.74 13.89 -0.23
C GLY A 69 -16.01 13.09 -0.48
N PRO A 70 -16.85 13.59 -1.39
CA PRO A 70 -18.12 12.93 -1.75
C PRO A 70 -17.90 11.64 -2.51
N SER A 71 -17.92 10.52 -1.78
CA SER A 71 -17.72 9.21 -2.38
C SER A 71 -18.94 8.81 -3.22
N SER A 72 -20.11 8.77 -2.58
CA SER A 72 -21.34 8.40 -3.26
C SER A 72 -22.36 9.52 -3.16
N GLY A 73 -22.53 10.25 -4.26
CA GLY A 73 -23.49 11.34 -4.28
C GLY A 73 -24.42 11.28 -5.47
N GLY A 1 -8.38 -17.36 5.91
CA GLY A 1 -7.78 -16.60 4.82
C GLY A 1 -8.77 -16.28 3.72
N SER A 2 -8.75 -15.03 3.26
CA SER A 2 -9.66 -14.60 2.20
C SER A 2 -8.89 -14.14 0.97
N SER A 3 -8.88 -14.98 -0.06
CA SER A 3 -8.17 -14.67 -1.30
C SER A 3 -8.25 -13.18 -1.61
N GLY A 4 -9.46 -12.63 -1.53
CA GLY A 4 -9.65 -11.22 -1.82
C GLY A 4 -11.09 -10.89 -2.18
N SER A 5 -12.01 -11.15 -1.26
CA SER A 5 -13.42 -10.89 -1.49
C SER A 5 -13.75 -9.41 -1.25
N SER A 6 -13.43 -8.94 -0.04
CA SER A 6 -13.70 -7.55 0.33
C SER A 6 -12.76 -6.61 -0.40
N GLY A 7 -13.27 -5.45 -0.79
CA GLY A 7 -12.46 -4.47 -1.50
C GLY A 7 -11.27 -4.01 -0.68
N PHE A 8 -11.01 -2.70 -0.72
CA PHE A 8 -9.89 -2.13 0.03
C PHE A 8 -10.31 -0.83 0.72
N CYS A 9 -9.76 -0.60 1.91
CA CYS A 9 -10.06 0.60 2.67
C CYS A 9 -9.63 1.85 1.93
N GLY A 10 -8.35 1.90 1.55
CA GLY A 10 -7.83 3.04 0.84
C GLY A 10 -6.64 2.68 -0.04
N ARG A 11 -6.01 3.70 -0.61
CA ARG A 11 -4.86 3.49 -1.49
C ARG A 11 -3.74 4.47 -1.15
N ALA A 12 -2.56 4.25 -1.74
CA ALA A 12 -1.41 5.11 -1.51
C ALA A 12 -0.49 5.12 -2.72
N ARG A 13 -0.11 6.32 -3.15
CA ARG A 13 0.78 6.47 -4.30
C ARG A 13 2.23 6.60 -3.86
N VAL A 14 3.10 5.78 -4.44
CA VAL A 14 4.52 5.80 -4.10
C VAL A 14 5.26 6.88 -4.90
N HIS A 15 5.72 7.91 -4.19
CA HIS A 15 6.45 9.00 -4.84
C HIS A 15 7.95 8.76 -4.77
N THR A 16 8.38 7.97 -3.79
CA THR A 16 9.80 7.67 -3.62
C THR A 16 10.07 6.19 -3.80
N ASP A 17 10.94 5.86 -4.75
CA ASP A 17 11.29 4.47 -5.02
C ASP A 17 12.07 3.86 -3.86
N PHE A 18 11.62 2.70 -3.39
CA PHE A 18 12.27 2.02 -2.27
C PHE A 18 12.59 0.58 -2.64
N THR A 19 13.88 0.23 -2.57
CA THR A 19 14.32 -1.12 -2.89
C THR A 19 14.93 -1.80 -1.67
N PRO A 20 14.16 -2.71 -1.07
CA PRO A 20 14.61 -3.46 0.13
C PRO A 20 15.71 -4.46 -0.21
N SER A 21 16.33 -5.01 0.83
CA SER A 21 17.40 -5.98 0.66
C SER A 21 16.87 -7.26 0.02
N PRO A 22 17.78 -8.04 -0.58
CA PRO A 22 17.43 -9.31 -1.24
C PRO A 22 17.04 -10.38 -0.23
N TYR A 23 17.25 -10.10 1.05
CA TYR A 23 16.92 -11.05 2.10
C TYR A 23 15.46 -10.92 2.52
N ASP A 24 14.98 -9.68 2.58
CA ASP A 24 13.60 -9.41 2.95
C ASP A 24 12.66 -9.57 1.76
N THR A 25 11.87 -10.64 1.79
CA THR A 25 10.93 -10.92 0.71
C THR A 25 9.61 -10.20 0.93
N ASP A 26 9.12 -10.24 2.16
CA ASP A 26 7.86 -9.58 2.51
C ASP A 26 7.83 -8.15 1.98
N SER A 27 8.87 -7.39 2.32
CA SER A 27 8.96 -5.99 1.89
C SER A 27 8.84 -5.88 0.37
N LEU A 28 7.74 -5.30 -0.08
CA LEU A 28 7.50 -5.12 -1.51
C LEU A 28 8.39 -4.04 -2.09
N LYS A 29 8.61 -4.10 -3.40
CA LYS A 29 9.45 -3.11 -4.08
C LYS A 29 8.62 -1.93 -4.55
N LEU A 30 8.83 -0.77 -3.92
CA LEU A 30 8.10 0.44 -4.28
C LEU A 30 8.82 1.21 -5.38
N LYS A 31 8.06 1.71 -6.34
CA LYS A 31 8.62 2.47 -7.45
C LYS A 31 7.79 3.72 -7.73
N LYS A 32 8.46 4.78 -8.19
CA LYS A 32 7.78 6.03 -8.50
C LYS A 32 6.61 5.80 -9.45
N GLY A 33 5.39 5.89 -8.92
CA GLY A 33 4.21 5.69 -9.73
C GLY A 33 3.66 4.28 -9.60
N ASP A 34 3.52 3.81 -8.36
CA ASP A 34 2.99 2.47 -8.11
C ASP A 34 1.89 2.53 -7.06
N ILE A 35 0.71 2.04 -7.45
CA ILE A 35 -0.44 2.03 -6.54
C ILE A 35 -0.47 0.75 -5.71
N ILE A 36 -0.75 0.90 -4.42
CA ILE A 36 -0.82 -0.24 -3.51
C ILE A 36 -2.19 -0.35 -2.85
N ASP A 37 -2.84 -1.49 -3.04
CA ASP A 37 -4.16 -1.72 -2.45
C ASP A 37 -4.05 -2.00 -0.96
N ILE A 38 -4.45 -1.03 -0.14
CA ILE A 38 -4.39 -1.19 1.30
C ILE A 38 -5.40 -2.21 1.79
N ILE A 39 -4.92 -3.29 2.40
CA ILE A 39 -5.77 -4.34 2.91
C ILE A 39 -6.09 -4.13 4.38
N SER A 40 -5.05 -3.89 5.18
CA SER A 40 -5.22 -3.67 6.61
C SER A 40 -4.23 -2.62 7.11
N LYS A 41 -4.73 -1.67 7.89
CA LYS A 41 -3.90 -0.61 8.45
C LYS A 41 -3.94 -0.63 9.97
N PRO A 42 -2.88 -1.17 10.59
CA PRO A 42 -2.78 -1.25 12.05
C PRO A 42 -2.58 0.12 12.69
N PRO A 43 -2.78 0.19 14.02
CA PRO A 43 -2.63 1.43 14.79
C PRO A 43 -1.17 1.87 14.89
N MET A 44 -0.26 0.90 14.84
CA MET A 44 1.17 1.18 14.92
C MET A 44 1.98 0.13 14.18
N GLY A 45 2.94 0.58 13.37
CA GLY A 45 3.77 -0.34 12.62
C GLY A 45 3.63 -0.15 11.12
N THR A 46 4.14 -1.10 10.36
CA THR A 46 4.07 -1.04 8.91
C THR A 46 2.67 -1.36 8.41
N TRP A 47 2.39 -1.02 7.16
CA TRP A 47 1.09 -1.27 6.57
C TRP A 47 1.13 -2.48 5.64
N MET A 48 -0.03 -3.08 5.41
CA MET A 48 -0.13 -4.25 4.54
C MET A 48 -0.95 -3.93 3.29
N GLY A 49 -0.39 -4.26 2.13
CA GLY A 49 -1.08 -4.00 0.88
C GLY A 49 -0.66 -4.94 -0.22
N LEU A 50 -1.58 -5.26 -1.12
CA LEU A 50 -1.30 -6.16 -2.23
C LEU A 50 -0.83 -5.38 -3.46
N LEU A 51 0.29 -5.81 -4.02
CA LEU A 51 0.85 -5.15 -5.20
C LEU A 51 1.66 -6.14 -6.04
N ASN A 52 1.40 -6.15 -7.35
CA ASN A 52 2.11 -7.03 -8.26
C ASN A 52 1.91 -8.49 -7.85
N ASN A 53 0.67 -8.85 -7.51
CA ASN A 53 0.36 -10.21 -7.10
C ASN A 53 1.18 -10.62 -5.88
N LYS A 54 1.47 -9.67 -5.02
CA LYS A 54 2.25 -9.94 -3.82
C LYS A 54 1.89 -8.97 -2.70
N VAL A 55 1.56 -9.51 -1.52
CA VAL A 55 1.19 -8.69 -0.38
C VAL A 55 2.24 -8.80 0.72
N GLY A 56 2.70 -7.65 1.21
CA GLY A 56 3.70 -7.64 2.26
C GLY A 56 3.58 -6.42 3.16
N THR A 57 4.72 -5.87 3.57
CA THR A 57 4.74 -4.71 4.44
C THR A 57 5.50 -3.56 3.79
N PHE A 58 4.90 -2.37 3.80
CA PHE A 58 5.52 -1.19 3.21
C PHE A 58 5.45 -0.01 4.18
N LYS A 59 6.22 1.04 3.89
CA LYS A 59 6.25 2.23 4.72
C LYS A 59 5.18 3.23 4.27
N PHE A 60 4.97 4.26 5.08
CA PHE A 60 3.98 5.29 4.77
C PHE A 60 4.67 6.61 4.44
N ILE A 61 5.81 6.86 5.09
CA ILE A 61 6.55 8.09 4.85
C ILE A 61 7.01 8.19 3.40
N TYR A 62 7.11 7.05 2.73
CA TYR A 62 7.55 7.01 1.34
C TYR A 62 6.36 7.17 0.41
N VAL A 63 5.16 6.89 0.92
CA VAL A 63 3.95 7.01 0.12
C VAL A 63 3.03 8.10 0.68
N ASP A 64 1.92 8.34 -0.02
CA ASP A 64 0.96 9.34 0.41
C ASP A 64 -0.46 8.81 0.33
N VAL A 65 -1.16 8.82 1.46
CA VAL A 65 -2.53 8.34 1.53
C VAL A 65 -3.45 9.18 0.64
N LEU A 66 -4.22 8.51 -0.21
CA LEU A 66 -5.14 9.19 -1.11
C LEU A 66 -6.53 9.28 -0.50
N SER A 67 -7.27 10.32 -0.85
CA SER A 67 -8.62 10.52 -0.33
C SER A 67 -9.64 9.78 -1.19
N SER A 68 -9.63 10.08 -2.49
CA SER A 68 -10.57 9.44 -3.42
C SER A 68 -10.75 7.96 -3.08
N GLY A 69 -9.64 7.26 -2.91
CA GLY A 69 -9.69 5.85 -2.59
C GLY A 69 -9.68 4.97 -3.83
N PRO A 70 -10.77 4.23 -4.05
CA PRO A 70 -10.90 3.34 -5.20
C PRO A 70 -11.02 4.09 -6.52
N SER A 71 -10.86 3.38 -7.63
CA SER A 71 -10.95 3.98 -8.95
C SER A 71 -12.32 4.61 -9.17
N SER A 72 -12.35 5.68 -9.95
CA SER A 72 -13.60 6.38 -10.24
C SER A 72 -14.41 5.63 -11.29
N GLY A 73 -15.62 6.13 -11.57
CA GLY A 73 -16.47 5.50 -12.55
C GLY A 73 -16.73 6.38 -13.76
N GLY A 1 -15.48 -11.46 1.51
CA GLY A 1 -15.94 -10.09 1.55
C GLY A 1 -17.21 -9.92 2.35
N SER A 2 -17.09 -10.08 3.67
CA SER A 2 -18.25 -9.95 4.56
C SER A 2 -18.34 -8.53 5.13
N SER A 3 -17.31 -8.14 5.87
CA SER A 3 -17.28 -6.81 6.47
C SER A 3 -16.81 -5.76 5.46
N GLY A 4 -17.75 -4.99 4.95
CA GLY A 4 -17.43 -3.97 3.97
C GLY A 4 -17.62 -4.43 2.54
N SER A 5 -18.00 -3.50 1.66
CA SER A 5 -18.23 -3.83 0.26
C SER A 5 -16.98 -3.58 -0.57
N SER A 6 -16.49 -2.34 -0.55
CA SER A 6 -15.30 -1.98 -1.30
C SER A 6 -14.24 -3.08 -1.22
N GLY A 7 -13.92 -3.48 0.00
CA GLY A 7 -12.92 -4.52 0.20
C GLY A 7 -11.63 -3.99 0.80
N PHE A 8 -10.95 -3.12 0.05
CA PHE A 8 -9.69 -2.54 0.52
C PHE A 8 -9.95 -1.27 1.33
N CYS A 9 -8.99 -0.92 2.18
CA CYS A 9 -9.11 0.27 3.01
C CYS A 9 -9.00 1.54 2.18
N GLY A 10 -7.95 1.62 1.37
CA GLY A 10 -7.75 2.78 0.53
C GLY A 10 -6.63 2.58 -0.47
N ARG A 11 -6.25 3.67 -1.16
CA ARG A 11 -5.17 3.61 -2.14
C ARG A 11 -4.13 4.69 -1.88
N ALA A 12 -2.87 4.37 -2.15
CA ALA A 12 -1.78 5.31 -1.95
C ALA A 12 -0.81 5.29 -3.12
N ARG A 13 -0.29 6.47 -3.47
CA ARG A 13 0.65 6.58 -4.58
C ARG A 13 2.09 6.64 -4.08
N VAL A 14 2.94 5.79 -4.64
CA VAL A 14 4.34 5.75 -4.25
C VAL A 14 5.09 6.97 -4.76
N HIS A 15 5.56 7.79 -3.84
CA HIS A 15 6.30 9.01 -4.20
C HIS A 15 7.81 8.80 -4.01
N THR A 16 8.17 7.79 -3.21
CA THR A 16 9.57 7.49 -2.95
C THR A 16 9.87 6.01 -3.21
N ASP A 17 10.72 5.75 -4.20
CA ASP A 17 11.10 4.39 -4.55
C ASP A 17 11.99 3.78 -3.48
N PHE A 18 11.64 2.57 -3.05
CA PHE A 18 12.41 1.87 -2.03
C PHE A 18 12.70 0.43 -2.45
N THR A 19 13.99 0.14 -2.68
CA THR A 19 14.41 -1.19 -3.09
C THR A 19 15.08 -1.93 -1.95
N PRO A 20 14.34 -2.85 -1.32
CA PRO A 20 14.85 -3.65 -0.20
C PRO A 20 15.91 -4.66 -0.63
N SER A 21 16.47 -5.38 0.33
CA SER A 21 17.49 -6.38 0.03
C SER A 21 16.94 -7.48 -0.86
N PRO A 22 17.82 -8.11 -1.64
CA PRO A 22 17.44 -9.20 -2.56
C PRO A 22 17.04 -10.48 -1.82
N TYR A 23 17.48 -10.59 -0.57
CA TYR A 23 17.18 -11.75 0.25
C TYR A 23 15.81 -11.61 0.90
N ASP A 24 15.44 -10.38 1.23
CA ASP A 24 14.16 -10.12 1.86
C ASP A 24 13.05 -9.97 0.81
N THR A 25 12.23 -11.01 0.67
CA THR A 25 11.15 -10.98 -0.30
C THR A 25 9.88 -10.41 0.31
N ASP A 26 9.83 -10.36 1.63
CA ASP A 26 8.67 -9.83 2.34
C ASP A 26 8.43 -8.37 1.98
N SER A 27 9.47 -7.55 2.13
CA SER A 27 9.37 -6.13 1.81
C SER A 27 9.10 -5.91 0.33
N LEU A 28 7.90 -5.46 0.01
CA LEU A 28 7.51 -5.21 -1.37
C LEU A 28 8.37 -4.11 -1.99
N LYS A 29 8.57 -4.18 -3.30
CA LYS A 29 9.37 -3.20 -4.02
C LYS A 29 8.53 -1.96 -4.35
N LEU A 30 8.96 -0.81 -3.87
CA LEU A 30 8.25 0.44 -4.12
C LEU A 30 8.96 1.26 -5.20
N LYS A 31 8.18 1.76 -6.14
CA LYS A 31 8.72 2.57 -7.24
C LYS A 31 7.88 3.82 -7.47
N LYS A 32 8.54 4.89 -7.89
CA LYS A 32 7.85 6.16 -8.15
C LYS A 32 6.75 5.98 -9.19
N GLY A 33 5.50 5.99 -8.73
CA GLY A 33 4.37 5.82 -9.63
C GLY A 33 3.79 4.42 -9.57
N ASP A 34 3.56 3.92 -8.36
CA ASP A 34 3.01 2.58 -8.19
C ASP A 34 1.86 2.61 -7.20
N ILE A 35 0.75 1.98 -7.56
CA ILE A 35 -0.42 1.93 -6.69
C ILE A 35 -0.38 0.71 -5.78
N ILE A 36 -0.74 0.91 -4.51
CA ILE A 36 -0.73 -0.17 -3.53
C ILE A 36 -2.07 -0.26 -2.81
N ASP A 37 -2.76 -1.38 -2.97
CA ASP A 37 -4.05 -1.59 -2.34
C ASP A 37 -3.89 -1.83 -0.83
N ILE A 38 -4.18 -0.81 -0.04
CA ILE A 38 -4.06 -0.90 1.41
C ILE A 38 -5.11 -1.85 1.98
N ILE A 39 -4.68 -3.06 2.34
CA ILE A 39 -5.58 -4.06 2.90
C ILE A 39 -5.83 -3.79 4.39
N SER A 40 -4.79 -3.35 5.09
CA SER A 40 -4.89 -3.06 6.51
C SER A 40 -3.86 -2.02 6.93
N LYS A 41 -4.33 -0.90 7.48
CA LYS A 41 -3.46 0.17 7.93
C LYS A 41 -3.58 0.38 9.44
N PRO A 42 -2.60 -0.14 10.19
CA PRO A 42 -2.57 -0.02 11.65
C PRO A 42 -2.30 1.41 12.10
N PRO A 43 -2.48 1.65 13.41
CA PRO A 43 -2.25 2.98 14.01
C PRO A 43 -0.79 3.37 14.03
N MET A 44 0.09 2.37 13.95
CA MET A 44 1.53 2.61 13.97
C MET A 44 2.29 1.36 13.53
N GLY A 45 3.56 1.53 13.20
CA GLY A 45 4.38 0.42 12.77
C GLY A 45 4.47 0.30 11.26
N THR A 46 4.21 -0.90 10.75
CA THR A 46 4.26 -1.14 9.30
C THR A 46 2.87 -1.35 8.73
N TRP A 47 2.73 -1.13 7.43
CA TRP A 47 1.44 -1.29 6.76
C TRP A 47 1.44 -2.55 5.89
N MET A 48 0.27 -2.93 5.41
CA MET A 48 0.13 -4.11 4.56
C MET A 48 -0.75 -3.80 3.35
N GLY A 49 -0.36 -4.33 2.19
CA GLY A 49 -1.13 -4.11 0.98
C GLY A 49 -0.73 -5.05 -0.14
N LEU A 50 -1.57 -5.14 -1.16
CA LEU A 50 -1.30 -6.02 -2.30
C LEU A 50 -0.75 -5.23 -3.48
N LEU A 51 0.30 -5.75 -4.10
CA LEU A 51 0.91 -5.09 -5.25
C LEU A 51 1.37 -6.11 -6.28
N ASN A 52 0.71 -6.13 -7.44
CA ASN A 52 1.07 -7.05 -8.51
C ASN A 52 0.88 -8.50 -8.05
N ASN A 53 -0.25 -8.77 -7.41
CA ASN A 53 -0.56 -10.11 -6.93
C ASN A 53 0.46 -10.56 -5.89
N LYS A 54 0.89 -9.62 -5.06
CA LYS A 54 1.86 -9.92 -4.01
C LYS A 54 1.72 -8.94 -2.84
N VAL A 55 1.34 -9.48 -1.67
CA VAL A 55 1.17 -8.66 -0.48
C VAL A 55 2.29 -8.91 0.52
N GLY A 56 2.69 -7.87 1.23
CA GLY A 56 3.75 -7.99 2.22
C GLY A 56 3.71 -6.89 3.27
N THR A 57 4.78 -6.12 3.36
CA THR A 57 4.86 -5.04 4.33
C THR A 57 5.54 -3.81 3.72
N PHE A 58 5.11 -2.63 4.17
CA PHE A 58 5.67 -1.38 3.67
C PHE A 58 5.26 -0.20 4.56
N LYS A 59 6.05 0.86 4.53
CA LYS A 59 5.77 2.05 5.33
C LYS A 59 4.76 2.95 4.62
N PHE A 60 4.14 3.83 5.39
CA PHE A 60 3.15 4.76 4.84
C PHE A 60 3.82 6.05 4.37
N ILE A 61 4.86 6.46 5.08
CA ILE A 61 5.58 7.68 4.74
C ILE A 61 6.04 7.66 3.30
N TYR A 62 6.19 6.45 2.74
CA TYR A 62 6.62 6.30 1.36
C TYR A 62 5.46 6.52 0.39
N VAL A 63 4.24 6.28 0.87
CA VAL A 63 3.05 6.45 0.06
C VAL A 63 2.16 7.56 0.60
N ASP A 64 1.75 8.47 -0.28
CA ASP A 64 0.89 9.58 0.12
C ASP A 64 -0.58 9.18 0.08
N VAL A 65 -1.17 8.98 1.25
CA VAL A 65 -2.56 8.60 1.35
C VAL A 65 -3.47 9.62 0.67
N LEU A 66 -3.99 9.26 -0.50
CA LEU A 66 -4.87 10.15 -1.25
C LEU A 66 -6.28 10.13 -0.67
N SER A 67 -6.93 11.29 -0.71
CA SER A 67 -8.29 11.43 -0.19
C SER A 67 -9.32 11.14 -1.27
N SER A 68 -8.95 11.41 -2.51
CA SER A 68 -9.85 11.19 -3.65
C SER A 68 -9.63 9.80 -4.24
N GLY A 69 -10.69 9.25 -4.84
CA GLY A 69 -10.60 7.94 -5.44
C GLY A 69 -11.44 7.82 -6.70
N PRO A 70 -12.48 6.96 -6.65
CA PRO A 70 -13.37 6.74 -7.78
C PRO A 70 -14.25 7.95 -8.08
N SER A 71 -14.09 9.01 -7.28
CA SER A 71 -14.87 10.22 -7.44
C SER A 71 -14.68 10.80 -8.85
N SER A 72 -15.71 11.47 -9.36
CA SER A 72 -15.67 12.06 -10.68
C SER A 72 -15.08 13.47 -10.63
N GLY A 73 -14.77 14.02 -11.79
CA GLY A 73 -14.21 15.36 -11.85
C GLY A 73 -15.07 16.39 -11.15
N GLY A 1 -23.15 -11.73 -0.24
CA GLY A 1 -22.64 -12.44 -1.39
C GLY A 1 -22.05 -11.50 -2.43
N SER A 2 -22.90 -11.01 -3.33
CA SER A 2 -22.47 -10.11 -4.38
C SER A 2 -21.40 -9.14 -3.87
N SER A 3 -21.69 -8.51 -2.73
CA SER A 3 -20.76 -7.56 -2.14
C SER A 3 -20.01 -8.19 -0.96
N GLY A 4 -19.08 -7.44 -0.39
CA GLY A 4 -18.31 -7.94 0.74
C GLY A 4 -16.96 -8.48 0.31
N SER A 5 -16.97 -9.46 -0.58
CA SER A 5 -15.74 -10.07 -1.07
C SER A 5 -14.73 -9.00 -1.47
N SER A 6 -15.19 -8.04 -2.27
CA SER A 6 -14.33 -6.96 -2.75
C SER A 6 -14.60 -5.67 -1.97
N GLY A 7 -13.53 -5.04 -1.50
CA GLY A 7 -13.67 -3.80 -0.75
C GLY A 7 -12.41 -3.44 0.01
N PHE A 8 -11.52 -2.70 -0.65
CA PHE A 8 -10.26 -2.28 -0.03
C PHE A 8 -10.48 -1.08 0.88
N CYS A 9 -9.52 -0.83 1.76
CA CYS A 9 -9.59 0.30 2.69
C CYS A 9 -9.23 1.61 2.00
N GLY A 10 -8.05 1.62 1.37
CA GLY A 10 -7.61 2.82 0.68
C GLY A 10 -6.51 2.54 -0.32
N ARG A 11 -5.91 3.59 -0.85
CA ARG A 11 -4.83 3.45 -1.84
C ARG A 11 -3.59 4.21 -1.39
N ALA A 12 -2.50 4.02 -2.12
CA ALA A 12 -1.24 4.70 -1.81
C ALA A 12 -0.43 4.98 -3.07
N ARG A 13 0.04 6.21 -3.20
CA ARG A 13 0.82 6.61 -4.37
C ARG A 13 2.30 6.74 -4.01
N VAL A 14 3.10 5.79 -4.47
CA VAL A 14 4.53 5.79 -4.20
C VAL A 14 5.19 7.06 -4.74
N HIS A 15 5.67 7.90 -3.84
CA HIS A 15 6.33 9.15 -4.23
C HIS A 15 7.85 8.98 -4.25
N THR A 16 8.35 8.03 -3.47
CA THR A 16 9.77 7.77 -3.40
C THR A 16 10.07 6.29 -3.61
N ASP A 17 10.78 5.98 -4.70
CA ASP A 17 11.13 4.60 -5.01
C ASP A 17 12.05 4.02 -3.94
N PHE A 18 11.65 2.89 -3.38
CA PHE A 18 12.44 2.22 -2.34
C PHE A 18 12.65 0.76 -2.68
N THR A 19 13.92 0.40 -2.90
CA THR A 19 14.27 -0.98 -3.24
C THR A 19 14.85 -1.70 -2.04
N PRO A 20 14.07 -2.62 -1.46
CA PRO A 20 14.50 -3.42 -0.29
C PRO A 20 15.60 -4.41 -0.64
N SER A 21 16.14 -5.07 0.39
CA SER A 21 17.20 -6.04 0.19
C SER A 21 16.67 -7.28 -0.51
N PRO A 22 17.58 -8.00 -1.20
CA PRO A 22 17.22 -9.22 -1.94
C PRO A 22 16.88 -10.38 -0.99
N TYR A 23 17.24 -10.23 0.27
CA TYR A 23 16.97 -11.26 1.27
C TYR A 23 15.60 -11.04 1.93
N ASP A 24 15.28 -9.77 2.18
CA ASP A 24 14.02 -9.42 2.81
C ASP A 24 12.88 -9.42 1.79
N THR A 25 11.94 -10.34 1.95
CA THR A 25 10.82 -10.45 1.04
C THR A 25 9.60 -9.69 1.58
N ASP A 26 9.32 -9.88 2.86
CA ASP A 26 8.20 -9.21 3.50
C ASP A 26 8.02 -7.81 2.95
N SER A 27 9.10 -7.03 2.91
CA SER A 27 9.05 -5.67 2.41
C SER A 27 8.78 -5.65 0.91
N LEU A 28 7.67 -5.03 0.52
CA LEU A 28 7.29 -4.95 -0.88
C LEU A 28 8.13 -3.89 -1.60
N LYS A 29 8.31 -4.08 -2.91
CA LYS A 29 9.09 -3.16 -3.71
C LYS A 29 8.25 -1.94 -4.11
N LEU A 30 8.71 -0.76 -3.70
CA LEU A 30 8.00 0.48 -4.01
C LEU A 30 8.68 1.23 -5.15
N LYS A 31 7.92 1.54 -6.18
CA LYS A 31 8.44 2.26 -7.34
C LYS A 31 7.68 3.55 -7.57
N LYS A 32 8.39 4.59 -8.02
CA LYS A 32 7.77 5.88 -8.29
C LYS A 32 6.59 5.73 -9.23
N GLY A 33 5.37 5.93 -8.69
CA GLY A 33 4.18 5.82 -9.49
C GLY A 33 3.59 4.42 -9.46
N ASP A 34 3.43 3.88 -8.26
CA ASP A 34 2.87 2.55 -8.09
C ASP A 34 1.70 2.56 -7.11
N ILE A 35 0.54 2.15 -7.59
CA ILE A 35 -0.66 2.12 -6.75
C ILE A 35 -0.74 0.83 -5.96
N ILE A 36 -0.80 0.95 -4.64
CA ILE A 36 -0.88 -0.21 -3.76
C ILE A 36 -2.18 -0.20 -2.95
N ASP A 37 -3.01 -1.22 -3.17
CA ASP A 37 -4.28 -1.34 -2.47
C ASP A 37 -4.06 -1.70 -1.00
N ILE A 38 -4.44 -0.79 -0.11
CA ILE A 38 -4.29 -1.01 1.32
C ILE A 38 -5.36 -1.96 1.86
N ILE A 39 -4.93 -3.05 2.45
CA ILE A 39 -5.85 -4.04 3.01
C ILE A 39 -6.04 -3.82 4.51
N SER A 40 -4.94 -3.77 5.24
CA SER A 40 -4.99 -3.57 6.68
C SER A 40 -3.97 -2.53 7.13
N LYS A 41 -4.41 -1.58 7.95
CA LYS A 41 -3.54 -0.53 8.45
C LYS A 41 -3.53 -0.51 9.98
N PRO A 42 -2.46 -1.05 10.57
CA PRO A 42 -2.30 -1.11 12.03
C PRO A 42 -2.06 0.27 12.63
N PRO A 43 -2.15 0.35 13.96
CA PRO A 43 -1.94 1.61 14.69
C PRO A 43 -0.48 2.06 14.67
N MET A 44 0.42 1.14 15.03
CA MET A 44 1.84 1.44 15.05
C MET A 44 2.58 0.68 13.96
N GLY A 45 2.15 -0.56 13.72
CA GLY A 45 2.78 -1.38 12.69
C GLY A 45 2.73 -0.73 11.33
N THR A 46 3.36 -1.36 10.34
CA THR A 46 3.39 -0.84 8.99
C THR A 46 2.08 -1.15 8.26
N TRP A 47 1.92 -0.58 7.08
CA TRP A 47 0.72 -0.78 6.28
C TRP A 47 0.91 -1.94 5.30
N MET A 48 -0.16 -2.69 5.07
CA MET A 48 -0.11 -3.83 4.16
C MET A 48 -0.98 -3.58 2.93
N GLY A 49 -0.55 -4.07 1.78
CA GLY A 49 -1.31 -3.89 0.56
C GLY A 49 -0.91 -4.88 -0.52
N LEU A 50 -1.83 -5.15 -1.44
CA LEU A 50 -1.56 -6.08 -2.53
C LEU A 50 -0.97 -5.36 -3.74
N LEU A 51 0.27 -5.69 -4.07
CA LEU A 51 0.95 -5.06 -5.20
C LEU A 51 1.57 -6.13 -6.10
N ASN A 52 1.23 -6.08 -7.39
CA ASN A 52 1.76 -7.04 -8.35
C ASN A 52 1.56 -8.47 -7.86
N ASN A 53 0.36 -8.77 -7.41
CA ASN A 53 0.03 -10.11 -6.92
C ASN A 53 0.98 -10.51 -5.79
N LYS A 54 1.39 -9.53 -5.00
CA LYS A 54 2.29 -9.79 -3.88
C LYS A 54 2.03 -8.82 -2.73
N VAL A 55 1.39 -9.32 -1.68
CA VAL A 55 1.08 -8.49 -0.52
C VAL A 55 2.14 -8.64 0.57
N GLY A 56 2.55 -7.51 1.15
CA GLY A 56 3.56 -7.53 2.19
C GLY A 56 3.47 -6.34 3.12
N THR A 57 4.57 -5.61 3.25
CA THR A 57 4.60 -4.44 4.11
C THR A 57 5.33 -3.28 3.44
N PHE A 58 4.79 -2.07 3.58
CA PHE A 58 5.38 -0.89 2.98
C PHE A 58 5.28 0.31 3.93
N LYS A 59 6.37 1.06 4.04
CA LYS A 59 6.40 2.23 4.91
C LYS A 59 5.40 3.28 4.44
N PHE A 60 5.09 4.23 5.33
CA PHE A 60 4.15 5.29 5.01
C PHE A 60 4.87 6.58 4.66
N ILE A 61 6.11 6.70 5.14
CA ILE A 61 6.91 7.89 4.88
C ILE A 61 7.43 7.90 3.45
N TYR A 62 7.35 6.75 2.78
CA TYR A 62 7.80 6.62 1.40
C TYR A 62 6.63 6.70 0.43
N VAL A 63 5.44 6.37 0.92
CA VAL A 63 4.24 6.40 0.09
C VAL A 63 3.26 7.46 0.59
N ASP A 64 2.16 7.60 -0.13
CA ASP A 64 1.13 8.57 0.24
C ASP A 64 -0.27 7.96 0.15
N VAL A 65 -0.84 7.63 1.30
CA VAL A 65 -2.17 7.04 1.35
C VAL A 65 -3.23 8.02 0.87
N LEU A 66 -3.94 7.65 -0.20
CA LEU A 66 -4.99 8.50 -0.75
C LEU A 66 -6.31 8.29 -0.03
N SER A 67 -7.07 9.36 0.12
CA SER A 67 -8.37 9.30 0.80
C SER A 67 -9.51 9.19 -0.20
N SER A 68 -10.50 8.37 0.12
CA SER A 68 -11.65 8.18 -0.76
C SER A 68 -12.90 8.83 -0.16
N GLY A 69 -13.57 9.66 -0.96
CA GLY A 69 -14.77 10.33 -0.50
C GLY A 69 -15.97 10.02 -1.36
N PRO A 70 -16.04 10.66 -2.53
CA PRO A 70 -17.14 10.47 -3.48
C PRO A 70 -17.12 9.09 -4.12
N SER A 71 -16.01 8.38 -3.96
CA SER A 71 -15.85 7.05 -4.52
C SER A 71 -17.16 6.27 -4.44
N SER A 72 -17.74 6.22 -3.25
CA SER A 72 -19.00 5.51 -3.03
C SER A 72 -20.17 6.29 -3.59
N GLY A 73 -20.25 7.56 -3.22
CA GLY A 73 -21.34 8.41 -3.70
C GLY A 73 -21.91 9.29 -2.61
N GLY A 1 -26.20 -14.24 7.83
CA GLY A 1 -26.05 -13.88 6.44
C GLY A 1 -24.73 -13.20 6.14
N SER A 2 -24.07 -13.63 5.08
CA SER A 2 -22.78 -13.05 4.70
C SER A 2 -22.95 -12.04 3.57
N SER A 3 -22.23 -10.92 3.68
CA SER A 3 -22.30 -9.87 2.68
C SER A 3 -21.45 -10.22 1.45
N GLY A 4 -20.17 -10.50 1.69
CA GLY A 4 -19.28 -10.85 0.59
C GLY A 4 -17.82 -10.57 0.92
N SER A 5 -17.46 -9.29 0.95
CA SER A 5 -16.09 -8.90 1.24
C SER A 5 -16.05 -7.50 1.87
N SER A 6 -15.10 -7.30 2.77
CA SER A 6 -14.95 -6.01 3.44
C SER A 6 -14.43 -4.95 2.47
N GLY A 7 -13.42 -5.31 1.70
CA GLY A 7 -12.84 -4.39 0.74
C GLY A 7 -11.55 -3.75 1.25
N PHE A 8 -10.82 -3.10 0.34
CA PHE A 8 -9.57 -2.46 0.70
C PHE A 8 -9.82 -1.20 1.52
N CYS A 9 -8.86 -0.87 2.38
CA CYS A 9 -8.97 0.32 3.23
C CYS A 9 -8.84 1.59 2.40
N GLY A 10 -7.76 1.70 1.65
CA GLY A 10 -7.54 2.88 0.83
C GLY A 10 -6.47 2.66 -0.21
N ARG A 11 -6.16 3.71 -0.98
CA ARG A 11 -5.14 3.63 -2.02
C ARG A 11 -4.00 4.61 -1.74
N ALA A 12 -2.79 4.22 -2.12
CA ALA A 12 -1.62 5.05 -1.92
C ALA A 12 -0.83 5.21 -3.22
N ARG A 13 0.04 6.22 -3.26
CA ARG A 13 0.86 6.49 -4.44
C ARG A 13 2.33 6.56 -4.06
N VAL A 14 3.12 5.62 -4.58
CA VAL A 14 4.55 5.59 -4.30
C VAL A 14 5.25 6.83 -4.84
N HIS A 15 5.61 7.74 -3.94
CA HIS A 15 6.29 8.97 -4.33
C HIS A 15 7.80 8.80 -4.27
N THR A 16 8.27 7.93 -3.38
CA THR A 16 9.69 7.67 -3.23
C THR A 16 10.02 6.21 -3.48
N ASP A 17 10.76 5.94 -4.55
CA ASP A 17 11.14 4.57 -4.89
C ASP A 17 12.02 3.96 -3.80
N PHE A 18 11.61 2.79 -3.31
CA PHE A 18 12.37 2.10 -2.27
C PHE A 18 12.53 0.63 -2.60
N THR A 19 13.78 0.16 -2.57
CA THR A 19 14.09 -1.24 -2.87
C THR A 19 14.73 -1.92 -1.68
N PRO A 20 14.01 -2.88 -1.07
CA PRO A 20 14.50 -3.63 0.08
C PRO A 20 15.63 -4.59 -0.29
N SER A 21 16.05 -5.39 0.69
CA SER A 21 17.13 -6.35 0.46
C SER A 21 16.72 -7.40 -0.57
N PRO A 22 17.72 -8.02 -1.22
CA PRO A 22 17.49 -9.05 -2.24
C PRO A 22 16.95 -10.34 -1.64
N TYR A 23 17.06 -10.48 -0.32
CA TYR A 23 16.58 -11.67 0.37
C TYR A 23 15.17 -11.45 0.91
N ASP A 24 14.89 -10.22 1.35
CA ASP A 24 13.58 -9.89 1.89
C ASP A 24 12.51 -9.95 0.80
N THR A 25 11.56 -10.86 0.96
CA THR A 25 10.48 -11.03 0.01
C THR A 25 9.24 -10.26 0.42
N ASP A 26 8.93 -10.30 1.72
CA ASP A 26 7.77 -9.60 2.24
C ASP A 26 7.76 -8.13 1.80
N SER A 27 8.83 -7.42 2.15
CA SER A 27 8.95 -6.02 1.80
C SER A 27 8.72 -5.81 0.31
N LEU A 28 7.56 -5.26 -0.04
CA LEU A 28 7.22 -5.02 -1.43
C LEU A 28 8.13 -3.96 -2.04
N LYS A 29 8.37 -4.08 -3.34
CA LYS A 29 9.23 -3.13 -4.04
C LYS A 29 8.45 -1.87 -4.42
N LEU A 30 8.78 -0.76 -3.77
CA LEU A 30 8.11 0.51 -4.05
C LEU A 30 8.81 1.27 -5.17
N LYS A 31 8.04 1.71 -6.14
CA LYS A 31 8.58 2.45 -7.28
C LYS A 31 7.80 3.74 -7.53
N LYS A 32 8.51 4.80 -7.87
CA LYS A 32 7.87 6.09 -8.15
C LYS A 32 6.77 5.95 -9.18
N GLY A 33 5.51 6.09 -8.74
CA GLY A 33 4.38 5.97 -9.64
C GLY A 33 3.77 4.59 -9.63
N ASP A 34 3.70 3.99 -8.44
CA ASP A 34 3.12 2.66 -8.29
C ASP A 34 1.99 2.67 -7.28
N ILE A 35 0.88 2.04 -7.64
CA ILE A 35 -0.28 1.97 -6.76
C ILE A 35 -0.26 0.69 -5.93
N ILE A 36 -0.66 0.82 -4.66
CA ILE A 36 -0.69 -0.33 -3.76
C ILE A 36 -2.01 -0.39 -3.00
N ASP A 37 -2.76 -1.48 -3.21
CA ASP A 37 -4.04 -1.67 -2.55
C ASP A 37 -3.85 -1.94 -1.06
N ILE A 38 -4.13 -0.93 -0.23
CA ILE A 38 -3.99 -1.07 1.22
C ILE A 38 -5.05 -2.01 1.78
N ILE A 39 -4.59 -3.18 2.23
CA ILE A 39 -5.50 -4.18 2.81
C ILE A 39 -5.75 -3.90 4.29
N SER A 40 -4.68 -3.55 5.00
CA SER A 40 -4.78 -3.26 6.43
C SER A 40 -3.67 -2.32 6.88
N LYS A 41 -4.07 -1.16 7.41
CA LYS A 41 -3.10 -0.18 7.88
C LYS A 41 -3.34 0.15 9.35
N PRO A 42 -2.40 -0.29 10.21
CA PRO A 42 -2.50 -0.05 11.65
C PRO A 42 -2.27 1.42 12.01
N PRO A 43 -2.54 1.76 13.27
CA PRO A 43 -2.36 3.14 13.78
C PRO A 43 -0.89 3.53 13.88
N MET A 44 -0.02 2.53 13.89
CA MET A 44 1.42 2.78 13.99
C MET A 44 2.21 1.52 13.67
N GLY A 45 3.45 1.70 13.22
CA GLY A 45 4.30 0.56 12.89
C GLY A 45 4.48 0.41 11.39
N THR A 46 3.98 -0.70 10.85
CA THR A 46 4.09 -0.98 9.43
C THR A 46 2.72 -1.18 8.79
N TRP A 47 2.61 -0.83 7.51
CA TRP A 47 1.36 -0.97 6.79
C TRP A 47 1.40 -2.18 5.85
N MET A 48 0.22 -2.65 5.45
CA MET A 48 0.13 -3.80 4.54
C MET A 48 -0.68 -3.45 3.30
N GLY A 49 -0.38 -4.12 2.20
CA GLY A 49 -1.10 -3.87 0.96
C GLY A 49 -0.70 -4.83 -0.14
N LEU A 50 -1.51 -4.88 -1.20
CA LEU A 50 -1.24 -5.77 -2.32
C LEU A 50 -0.69 -4.99 -3.51
N LEU A 51 0.34 -5.54 -4.15
CA LEU A 51 0.96 -4.90 -5.30
C LEU A 51 1.50 -5.94 -6.28
N ASN A 52 1.00 -5.90 -7.51
CA ASN A 52 1.43 -6.83 -8.55
C ASN A 52 1.17 -8.27 -8.11
N ASN A 53 0.04 -8.49 -7.45
CA ASN A 53 -0.32 -9.82 -6.99
C ASN A 53 0.62 -10.29 -5.88
N LYS A 54 1.03 -9.36 -5.02
CA LYS A 54 1.93 -9.68 -3.92
C LYS A 54 1.69 -8.75 -2.74
N VAL A 55 1.25 -9.32 -1.61
CA VAL A 55 1.00 -8.55 -0.42
C VAL A 55 2.03 -8.84 0.67
N GLY A 56 2.71 -7.79 1.12
CA GLY A 56 3.72 -7.96 2.16
C GLY A 56 3.69 -6.85 3.18
N THR A 57 4.74 -6.03 3.20
CA THR A 57 4.84 -4.93 4.14
C THR A 57 5.49 -3.71 3.49
N PHE A 58 5.16 -2.52 4.01
CA PHE A 58 5.72 -1.28 3.48
C PHE A 58 5.52 -0.14 4.47
N LYS A 59 6.28 0.93 4.27
CA LYS A 59 6.20 2.10 5.14
C LYS A 59 5.18 3.11 4.61
N PHE A 60 4.50 3.80 5.52
CA PHE A 60 3.50 4.79 5.15
C PHE A 60 4.17 6.14 4.86
N ILE A 61 5.39 6.31 5.35
CA ILE A 61 6.13 7.54 5.14
C ILE A 61 6.63 7.66 3.70
N TYR A 62 6.58 6.54 2.98
CA TYR A 62 7.03 6.52 1.60
C TYR A 62 5.84 6.46 0.63
N VAL A 63 4.64 6.52 1.19
CA VAL A 63 3.42 6.48 0.40
C VAL A 63 2.40 7.50 0.90
N ASP A 64 1.56 7.98 -0.01
CA ASP A 64 0.54 8.96 0.34
C ASP A 64 -0.86 8.40 0.10
N VAL A 65 -1.66 8.35 1.17
CA VAL A 65 -3.01 7.83 1.08
C VAL A 65 -3.94 8.82 0.38
N LEU A 66 -4.31 8.48 -0.86
CA LEU A 66 -5.19 9.35 -1.65
C LEU A 66 -6.64 9.21 -1.18
N SER A 67 -7.30 10.35 -0.99
CA SER A 67 -8.68 10.36 -0.54
C SER A 67 -9.63 10.32 -1.73
N SER A 68 -10.60 9.42 -1.67
CA SER A 68 -11.58 9.28 -2.74
C SER A 68 -13.01 9.29 -2.19
N GLY A 69 -13.69 10.42 -2.37
CA GLY A 69 -15.06 10.53 -1.89
C GLY A 69 -15.33 11.89 -1.26
N PRO A 70 -16.35 11.95 -0.40
CA PRO A 70 -16.75 13.19 0.27
C PRO A 70 -15.72 13.63 1.32
N SER A 71 -14.95 14.66 0.98
CA SER A 71 -13.92 15.17 1.87
C SER A 71 -14.28 16.58 2.34
N SER A 72 -13.74 16.96 3.50
CA SER A 72 -13.99 18.29 4.06
C SER A 72 -15.49 18.54 4.19
N GLY A 73 -16.22 17.53 4.64
CA GLY A 73 -17.65 17.66 4.80
C GLY A 73 -18.27 16.49 5.54
N GLY A 1 -23.92 0.83 -2.44
CA GLY A 1 -24.17 -0.41 -1.72
C GLY A 1 -23.53 -0.42 -0.35
N SER A 2 -23.74 -1.52 0.38
CA SER A 2 -23.18 -1.66 1.72
C SER A 2 -21.73 -2.12 1.66
N SER A 3 -21.46 -3.13 0.84
CA SER A 3 -20.12 -3.67 0.69
C SER A 3 -19.26 -2.76 -0.19
N GLY A 4 -19.75 -2.50 -1.39
CA GLY A 4 -19.01 -1.65 -2.31
C GLY A 4 -18.40 -2.41 -3.46
N SER A 5 -17.85 -1.69 -4.43
CA SER A 5 -17.23 -2.32 -5.59
C SER A 5 -16.13 -3.29 -5.17
N SER A 6 -15.18 -2.81 -4.37
CA SER A 6 -14.08 -3.63 -3.91
C SER A 6 -13.99 -3.61 -2.38
N GLY A 7 -13.06 -4.38 -1.83
CA GLY A 7 -12.89 -4.43 -0.40
C GLY A 7 -11.49 -4.03 0.04
N PHE A 8 -11.06 -2.84 -0.36
CA PHE A 8 -9.73 -2.35 -0.01
C PHE A 8 -9.83 -1.08 0.82
N CYS A 9 -9.22 -1.11 2.01
CA CYS A 9 -9.24 0.03 2.91
C CYS A 9 -8.94 1.33 2.15
N GLY A 10 -7.88 1.31 1.35
CA GLY A 10 -7.51 2.48 0.59
C GLY A 10 -6.34 2.23 -0.34
N ARG A 11 -5.79 3.30 -0.91
CA ARG A 11 -4.66 3.18 -1.82
C ARG A 11 -3.74 4.40 -1.71
N ALA A 12 -2.44 4.14 -1.66
CA ALA A 12 -1.45 5.22 -1.56
C ALA A 12 -0.57 5.27 -2.80
N ARG A 13 -0.07 6.47 -3.11
CA ARG A 13 0.79 6.65 -4.28
C ARG A 13 2.27 6.68 -3.86
N VAL A 14 3.09 6.00 -4.63
CA VAL A 14 4.53 5.95 -4.36
C VAL A 14 5.26 7.12 -5.00
N HIS A 15 6.01 7.86 -4.19
CA HIS A 15 6.76 9.01 -4.68
C HIS A 15 8.26 8.75 -4.60
N THR A 16 8.66 7.91 -3.66
CA THR A 16 10.07 7.58 -3.47
C THR A 16 10.31 6.08 -3.61
N ASP A 17 10.85 5.69 -4.75
CA ASP A 17 11.13 4.28 -5.02
C ASP A 17 12.01 3.68 -3.91
N PHE A 18 11.47 2.68 -3.21
CA PHE A 18 12.20 2.04 -2.13
C PHE A 18 12.43 0.56 -2.44
N THR A 19 13.68 0.13 -2.38
CA THR A 19 14.04 -1.25 -2.66
C THR A 19 14.73 -1.90 -1.46
N PRO A 20 14.01 -2.80 -0.79
CA PRO A 20 14.53 -3.51 0.39
C PRO A 20 15.64 -4.50 0.03
N SER A 21 16.17 -5.18 1.03
CA SER A 21 17.23 -6.15 0.83
C SER A 21 16.84 -7.17 -0.24
N PRO A 22 17.85 -7.77 -0.89
CA PRO A 22 17.63 -8.76 -1.94
C PRO A 22 17.08 -10.08 -1.39
N TYR A 23 17.41 -10.36 -0.13
CA TYR A 23 16.95 -11.59 0.51
C TYR A 23 15.61 -11.37 1.21
N ASP A 24 15.27 -10.10 1.43
CA ASP A 24 14.03 -9.76 2.10
C ASP A 24 12.86 -9.76 1.11
N THR A 25 12.00 -10.76 1.22
CA THR A 25 10.84 -10.88 0.34
C THR A 25 9.64 -10.13 0.89
N ASP A 26 9.36 -10.32 2.18
CA ASP A 26 8.25 -9.65 2.82
C ASP A 26 8.10 -8.22 2.32
N SER A 27 9.17 -7.45 2.44
CA SER A 27 9.16 -6.06 2.00
C SER A 27 8.89 -5.96 0.50
N LEU A 28 7.79 -5.32 0.15
CA LEU A 28 7.41 -5.16 -1.25
C LEU A 28 8.26 -4.08 -1.92
N LYS A 29 8.53 -4.27 -3.22
CA LYS A 29 9.33 -3.31 -3.97
C LYS A 29 8.46 -2.17 -4.49
N LEU A 30 8.65 -0.98 -3.94
CA LEU A 30 7.89 0.19 -4.35
C LEU A 30 8.59 0.92 -5.51
N LYS A 31 7.80 1.62 -6.31
CA LYS A 31 8.34 2.36 -7.44
C LYS A 31 7.59 3.67 -7.65
N LYS A 32 8.31 4.71 -8.06
CA LYS A 32 7.71 6.01 -8.30
C LYS A 32 6.56 5.92 -9.30
N GLY A 33 5.34 6.13 -8.81
CA GLY A 33 4.18 6.07 -9.67
C GLY A 33 3.52 4.70 -9.66
N ASP A 34 3.28 4.17 -8.46
CA ASP A 34 2.65 2.86 -8.32
C ASP A 34 1.54 2.91 -7.28
N ILE A 35 0.50 2.10 -7.50
CA ILE A 35 -0.63 2.05 -6.59
C ILE A 35 -0.59 0.79 -5.73
N ILE A 36 -0.82 0.96 -4.43
CA ILE A 36 -0.81 -0.17 -3.50
C ILE A 36 -2.15 -0.30 -2.78
N ASP A 37 -2.87 -1.39 -3.07
CA ASP A 37 -4.16 -1.63 -2.45
C ASP A 37 -3.99 -2.03 -0.98
N ILE A 38 -4.28 -1.09 -0.10
CA ILE A 38 -4.16 -1.34 1.34
C ILE A 38 -5.23 -2.32 1.82
N ILE A 39 -4.79 -3.42 2.43
CA ILE A 39 -5.71 -4.43 2.93
C ILE A 39 -5.97 -4.25 4.42
N SER A 40 -4.89 -4.11 5.19
CA SER A 40 -5.01 -3.93 6.63
C SER A 40 -4.03 -2.87 7.13
N LYS A 41 -4.47 -2.08 8.10
CA LYS A 41 -3.64 -1.02 8.67
C LYS A 41 -3.78 -0.96 10.18
N PRO A 42 -2.78 -1.50 10.89
CA PRO A 42 -2.77 -1.52 12.36
C PRO A 42 -2.57 -0.14 12.95
N PRO A 43 -2.80 -0.02 14.27
CA PRO A 43 -2.65 1.24 14.99
C PRO A 43 -1.19 1.68 15.10
N MET A 44 -0.31 0.72 15.39
CA MET A 44 1.12 1.00 15.53
C MET A 44 1.94 0.01 14.73
N GLY A 45 2.66 0.51 13.72
CA GLY A 45 3.48 -0.35 12.90
C GLY A 45 3.41 0.00 11.43
N THR A 46 3.70 -0.97 10.56
CA THR A 46 3.66 -0.75 9.13
C THR A 46 2.32 -1.16 8.54
N TRP A 47 2.06 -0.75 7.31
CA TRP A 47 0.81 -1.07 6.63
C TRP A 47 0.99 -2.28 5.71
N MET A 48 -0.13 -2.89 5.31
CA MET A 48 -0.10 -4.05 4.43
C MET A 48 -1.01 -3.84 3.22
N GLY A 49 -0.44 -3.95 2.03
CA GLY A 49 -1.22 -3.78 0.81
C GLY A 49 -0.79 -4.73 -0.29
N LEU A 50 -1.69 -4.98 -1.23
CA LEU A 50 -1.42 -5.87 -2.35
C LEU A 50 -0.98 -5.09 -3.58
N LEU A 51 0.21 -5.41 -4.08
CA LEU A 51 0.74 -4.74 -5.26
C LEU A 51 1.36 -5.73 -6.23
N ASN A 52 0.79 -5.81 -7.43
CA ASN A 52 1.29 -6.74 -8.45
C ASN A 52 1.21 -8.17 -7.96
N ASN A 53 0.07 -8.55 -7.41
CA ASN A 53 -0.14 -9.90 -6.91
C ASN A 53 0.89 -10.25 -5.84
N LYS A 54 1.12 -9.30 -4.93
CA LYS A 54 2.08 -9.51 -3.85
C LYS A 54 1.78 -8.58 -2.67
N VAL A 55 1.30 -9.17 -1.57
CA VAL A 55 0.98 -8.40 -0.38
C VAL A 55 2.06 -8.55 0.68
N GLY A 56 2.49 -7.43 1.24
CA GLY A 56 3.52 -7.46 2.26
C GLY A 56 3.47 -6.24 3.17
N THR A 57 4.62 -5.57 3.32
CA THR A 57 4.70 -4.39 4.17
C THR A 57 5.38 -3.24 3.44
N PHE A 58 4.82 -2.04 3.57
CA PHE A 58 5.38 -0.85 2.94
C PHE A 58 5.27 0.36 3.84
N LYS A 59 6.32 1.16 3.88
CA LYS A 59 6.35 2.36 4.70
C LYS A 59 5.37 3.41 4.17
N PHE A 60 4.88 4.26 5.07
CA PHE A 60 3.94 5.31 4.69
C PHE A 60 4.67 6.58 4.28
N ILE A 61 5.76 6.87 4.98
CA ILE A 61 6.55 8.07 4.69
C ILE A 61 7.06 8.05 3.26
N TYR A 62 7.06 6.87 2.65
CA TYR A 62 7.52 6.72 1.27
C TYR A 62 6.36 6.87 0.29
N VAL A 63 5.14 6.67 0.79
CA VAL A 63 3.94 6.78 -0.04
C VAL A 63 3.07 7.95 0.42
N ASP A 64 2.00 8.21 -0.33
CA ASP A 64 1.07 9.28 0.00
C ASP A 64 -0.36 8.76 0.11
N VAL A 65 -0.94 8.88 1.30
CA VAL A 65 -2.30 8.43 1.53
C VAL A 65 -3.30 9.23 0.70
N LEU A 66 -3.90 8.57 -0.30
CA LEU A 66 -4.86 9.22 -1.17
C LEU A 66 -6.28 9.12 -0.58
N SER A 67 -6.57 7.99 0.06
CA SER A 67 -7.88 7.78 0.67
C SER A 67 -8.38 9.05 1.33
N SER A 68 -7.53 9.66 2.15
CA SER A 68 -7.88 10.89 2.85
C SER A 68 -8.70 11.82 1.96
N GLY A 69 -8.27 11.93 0.70
CA GLY A 69 -8.97 12.79 -0.24
C GLY A 69 -8.04 13.39 -1.27
N PRO A 70 -8.39 13.24 -2.56
CA PRO A 70 -7.60 13.77 -3.67
C PRO A 70 -7.65 15.30 -3.74
N SER A 71 -6.51 15.93 -3.45
CA SER A 71 -6.42 17.39 -3.48
C SER A 71 -5.13 17.84 -4.16
N SER A 72 -5.28 18.66 -5.19
CA SER A 72 -4.13 19.17 -5.94
C SER A 72 -3.56 20.42 -5.27
N GLY A 73 -2.24 20.41 -5.05
CA GLY A 73 -1.59 21.55 -4.43
C GLY A 73 -0.18 21.23 -3.99
N GLY A 1 -21.39 -5.05 -7.60
CA GLY A 1 -20.06 -5.43 -8.02
C GLY A 1 -19.13 -4.24 -8.16
N SER A 2 -18.87 -3.82 -9.39
CA SER A 2 -17.99 -2.69 -9.65
C SER A 2 -18.23 -1.57 -8.64
N SER A 3 -19.50 -1.21 -8.45
CA SER A 3 -19.86 -0.16 -7.51
C SER A 3 -20.23 -0.75 -6.15
N GLY A 4 -19.98 0.02 -5.10
CA GLY A 4 -20.28 -0.44 -3.75
C GLY A 4 -19.04 -0.80 -2.96
N SER A 5 -19.16 -1.80 -2.10
CA SER A 5 -18.03 -2.23 -1.27
C SER A 5 -16.85 -2.64 -2.13
N SER A 6 -15.80 -1.83 -2.10
CA SER A 6 -14.60 -2.11 -2.89
C SER A 6 -13.82 -3.27 -2.30
N GLY A 7 -13.62 -3.24 -0.98
CA GLY A 7 -12.88 -4.30 -0.31
C GLY A 7 -11.57 -3.81 0.27
N PHE A 8 -10.87 -2.95 -0.47
CA PHE A 8 -9.59 -2.42 -0.02
C PHE A 8 -9.79 -1.14 0.78
N CYS A 9 -9.09 -1.03 1.90
CA CYS A 9 -9.18 0.15 2.76
C CYS A 9 -9.16 1.43 1.93
N GLY A 10 -8.15 1.55 1.07
CA GLY A 10 -8.04 2.73 0.23
C GLY A 10 -6.97 2.59 -0.82
N ARG A 11 -6.25 3.68 -1.09
CA ARG A 11 -5.19 3.68 -2.09
C ARG A 11 -4.03 4.56 -1.64
N ALA A 12 -2.83 4.28 -2.17
CA ALA A 12 -1.65 5.04 -1.82
C ALA A 12 -0.70 5.14 -3.01
N ARG A 13 -0.10 6.31 -3.19
CA ARG A 13 0.83 6.53 -4.29
C ARG A 13 2.27 6.61 -3.78
N VAL A 14 3.16 5.89 -4.44
CA VAL A 14 4.57 5.86 -4.06
C VAL A 14 5.29 7.09 -4.60
N HIS A 15 5.75 7.95 -3.69
CA HIS A 15 6.46 9.17 -4.07
C HIS A 15 7.97 8.96 -3.98
N THR A 16 8.39 7.94 -3.23
CA THR A 16 9.79 7.64 -3.07
C THR A 16 10.08 6.16 -3.33
N ASP A 17 10.79 5.89 -4.41
CA ASP A 17 11.13 4.52 -4.78
C ASP A 17 12.00 3.87 -3.72
N PHE A 18 11.67 2.63 -3.35
CA PHE A 18 12.44 1.91 -2.34
C PHE A 18 12.56 0.43 -2.71
N THR A 19 13.80 -0.02 -2.89
CA THR A 19 14.06 -1.41 -3.26
C THR A 19 14.79 -2.14 -2.14
N PRO A 20 14.09 -3.07 -1.47
CA PRO A 20 14.66 -3.86 -0.38
C PRO A 20 15.72 -4.85 -0.85
N SER A 21 16.13 -5.75 0.03
CA SER A 21 17.13 -6.75 -0.31
C SER A 21 16.55 -7.83 -1.21
N PRO A 22 17.43 -8.59 -1.86
CA PRO A 22 17.02 -9.67 -2.77
C PRO A 22 16.39 -10.84 -2.03
N TYR A 23 17.09 -11.33 -1.00
CA TYR A 23 16.60 -12.46 -0.21
C TYR A 23 15.31 -12.09 0.51
N ASP A 24 15.10 -10.80 0.70
CA ASP A 24 13.90 -10.31 1.39
C ASP A 24 12.72 -10.20 0.41
N THR A 25 11.76 -11.10 0.53
CA THR A 25 10.59 -11.10 -0.35
C THR A 25 9.41 -10.39 0.31
N ASP A 26 9.36 -10.46 1.64
CA ASP A 26 8.28 -9.83 2.39
C ASP A 26 8.10 -8.37 1.97
N SER A 27 9.17 -7.59 2.08
CA SER A 27 9.13 -6.19 1.71
C SER A 27 8.89 -6.02 0.22
N LEU A 28 7.72 -5.49 -0.14
CA LEU A 28 7.38 -5.28 -1.54
C LEU A 28 8.24 -4.18 -2.16
N LYS A 29 8.46 -4.28 -3.47
CA LYS A 29 9.27 -3.29 -4.18
C LYS A 29 8.46 -2.04 -4.47
N LEU A 30 8.98 -0.89 -4.03
CA LEU A 30 8.30 0.38 -4.23
C LEU A 30 9.05 1.23 -5.27
N LYS A 31 8.29 1.94 -6.10
CA LYS A 31 8.88 2.78 -7.13
C LYS A 31 8.01 4.02 -7.37
N LYS A 32 8.64 5.08 -7.88
CA LYS A 32 7.93 6.32 -8.17
C LYS A 32 6.81 6.09 -9.18
N GLY A 33 5.56 6.17 -8.70
CA GLY A 33 4.42 5.97 -9.58
C GLY A 33 3.88 4.56 -9.51
N ASP A 34 3.76 4.04 -8.29
CA ASP A 34 3.24 2.69 -8.08
C ASP A 34 2.09 2.71 -7.07
N ILE A 35 0.92 2.24 -7.51
CA ILE A 35 -0.26 2.19 -6.64
C ILE A 35 -0.28 0.90 -5.83
N ILE A 36 -0.65 1.02 -4.56
CA ILE A 36 -0.73 -0.14 -3.68
C ILE A 36 -2.10 -0.22 -3.00
N ASP A 37 -2.68 -1.42 -3.02
CA ASP A 37 -3.99 -1.64 -2.40
C ASP A 37 -3.85 -1.86 -0.91
N ILE A 38 -4.18 -0.83 -0.13
CA ILE A 38 -4.09 -0.91 1.32
C ILE A 38 -5.10 -1.91 1.87
N ILE A 39 -4.59 -3.03 2.37
CA ILE A 39 -5.44 -4.08 2.94
C ILE A 39 -5.59 -3.90 4.44
N SER A 40 -4.48 -3.59 5.11
CA SER A 40 -4.49 -3.40 6.56
C SER A 40 -3.53 -2.30 6.96
N LYS A 41 -4.05 -1.28 7.65
CA LYS A 41 -3.23 -0.16 8.11
C LYS A 41 -3.42 0.07 9.60
N PRO A 42 -2.42 -0.39 10.39
CA PRO A 42 -2.44 -0.25 11.85
C PRO A 42 -2.26 1.20 12.30
N PRO A 43 -2.48 1.46 13.59
CA PRO A 43 -2.34 2.80 14.17
C PRO A 43 -0.89 3.26 14.22
N MET A 44 -0.02 2.40 14.72
CA MET A 44 1.41 2.73 14.81
C MET A 44 2.26 1.52 14.43
N GLY A 45 3.11 1.71 13.42
CA GLY A 45 3.97 0.63 12.98
C GLY A 45 4.08 0.56 11.47
N THR A 46 4.07 -0.67 10.93
CA THR A 46 4.16 -0.87 9.49
C THR A 46 2.79 -1.07 8.87
N TRP A 47 2.70 -0.89 7.56
CA TRP A 47 1.44 -1.06 6.85
C TRP A 47 1.44 -2.32 6.00
N MET A 48 0.27 -2.73 5.53
CA MET A 48 0.14 -3.92 4.71
C MET A 48 -0.72 -3.65 3.48
N GLY A 49 -0.25 -4.10 2.33
CA GLY A 49 -0.99 -3.90 1.10
C GLY A 49 -0.62 -4.90 0.03
N LEU A 50 -1.55 -5.14 -0.90
CA LEU A 50 -1.31 -6.09 -1.99
C LEU A 50 -0.92 -5.36 -3.27
N LEU A 51 0.31 -5.58 -3.70
CA LEU A 51 0.82 -4.95 -4.91
C LEU A 51 1.59 -5.95 -5.78
N ASN A 52 1.34 -5.93 -7.08
CA ASN A 52 2.02 -6.84 -8.00
C ASN A 52 1.75 -8.30 -7.62
N ASN A 53 0.49 -8.62 -7.35
CA ASN A 53 0.11 -9.97 -6.98
C ASN A 53 0.92 -10.46 -5.78
N LYS A 54 1.28 -9.52 -4.91
CA LYS A 54 2.05 -9.85 -3.71
C LYS A 54 1.74 -8.90 -2.57
N VAL A 55 1.39 -9.45 -1.41
CA VAL A 55 1.06 -8.65 -0.25
C VAL A 55 2.13 -8.79 0.83
N GLY A 56 2.58 -7.66 1.36
CA GLY A 56 3.60 -7.66 2.40
C GLY A 56 3.54 -6.43 3.28
N THR A 57 4.68 -6.07 3.86
CA THR A 57 4.75 -4.91 4.73
C THR A 57 5.46 -3.74 4.04
N PHE A 58 4.99 -2.53 4.31
CA PHE A 58 5.58 -1.33 3.72
C PHE A 58 5.26 -0.10 4.55
N LYS A 59 6.14 0.90 4.48
CA LYS A 59 5.96 2.13 5.23
C LYS A 59 4.99 3.07 4.51
N PHE A 60 4.25 3.85 5.29
CA PHE A 60 3.30 4.80 4.73
C PHE A 60 3.98 6.10 4.32
N ILE A 61 4.98 6.50 5.10
CA ILE A 61 5.73 7.73 4.83
C ILE A 61 6.22 7.76 3.39
N TYR A 62 6.42 6.58 2.80
CA TYR A 62 6.89 6.47 1.43
C TYR A 62 5.77 6.73 0.44
N VAL A 63 4.54 6.44 0.87
CA VAL A 63 3.37 6.65 0.02
C VAL A 63 2.48 7.76 0.57
N ASP A 64 1.42 8.08 -0.17
CA ASP A 64 0.49 9.13 0.23
C ASP A 64 -0.96 8.68 0.06
N VAL A 65 -1.70 8.68 1.17
CA VAL A 65 -3.10 8.26 1.14
C VAL A 65 -3.96 9.26 0.36
N LEU A 66 -4.54 8.79 -0.74
CA LEU A 66 -5.39 9.64 -1.58
C LEU A 66 -6.86 9.41 -1.27
N SER A 67 -7.70 10.36 -1.68
CA SER A 67 -9.13 10.26 -1.44
C SER A 67 -9.77 9.24 -2.39
N SER A 68 -10.66 8.42 -1.85
CA SER A 68 -11.34 7.40 -2.64
C SER A 68 -12.40 8.02 -3.54
N GLY A 69 -13.25 8.85 -2.94
CA GLY A 69 -14.31 9.50 -3.70
C GLY A 69 -13.85 10.79 -4.33
N PRO A 70 -14.12 11.92 -3.65
CA PRO A 70 -13.74 13.25 -4.15
C PRO A 70 -12.23 13.46 -4.11
N SER A 71 -11.58 13.19 -5.24
CA SER A 71 -10.13 13.36 -5.33
C SER A 71 -9.77 14.83 -5.55
N SER A 72 -8.86 15.33 -4.69
CA SER A 72 -8.43 16.72 -4.79
C SER A 72 -7.81 17.02 -6.14
N GLY A 73 -6.71 16.33 -6.45
CA GLY A 73 -6.04 16.53 -7.73
C GLY A 73 -4.83 17.43 -7.60
N GLY A 1 -17.40 -0.15 11.67
CA GLY A 1 -18.34 -0.28 10.57
C GLY A 1 -17.85 0.43 9.31
N SER A 2 -18.76 1.07 8.60
CA SER A 2 -18.42 1.77 7.38
C SER A 2 -17.89 0.80 6.33
N SER A 3 -18.53 -0.36 6.21
CA SER A 3 -18.12 -1.38 5.25
C SER A 3 -19.24 -1.67 4.26
N GLY A 4 -18.90 -2.39 3.20
CA GLY A 4 -19.89 -2.73 2.19
C GLY A 4 -19.26 -3.30 0.93
N SER A 5 -18.57 -4.43 1.07
CA SER A 5 -17.91 -5.07 -0.06
C SER A 5 -17.00 -4.09 -0.79
N SER A 6 -16.31 -3.25 -0.02
CA SER A 6 -15.40 -2.26 -0.58
C SER A 6 -14.16 -2.93 -1.16
N GLY A 7 -13.69 -3.97 -0.48
CA GLY A 7 -12.51 -4.68 -0.93
C GLY A 7 -11.25 -4.24 -0.22
N PHE A 8 -11.03 -2.92 -0.18
CA PHE A 8 -9.85 -2.36 0.48
C PHE A 8 -10.20 -1.08 1.23
N CYS A 9 -9.39 -0.75 2.22
CA CYS A 9 -9.61 0.45 3.02
C CYS A 9 -9.20 1.70 2.25
N GLY A 10 -7.97 1.71 1.76
CA GLY A 10 -7.47 2.84 1.01
C GLY A 10 -6.18 2.54 0.28
N ARG A 11 -5.89 3.32 -0.76
CA ARG A 11 -4.68 3.13 -1.53
C ARG A 11 -3.69 4.28 -1.31
N ALA A 12 -2.47 4.12 -1.82
CA ALA A 12 -1.45 5.15 -1.67
C ALA A 12 -0.56 5.21 -2.90
N ARG A 13 -0.12 6.42 -3.25
CA ARG A 13 0.74 6.62 -4.42
C ARG A 13 2.21 6.73 -3.99
N VAL A 14 3.04 5.84 -4.52
CA VAL A 14 4.46 5.85 -4.20
C VAL A 14 5.17 7.01 -4.89
N HIS A 15 5.68 7.94 -4.08
CA HIS A 15 6.38 9.11 -4.60
C HIS A 15 7.89 8.89 -4.58
N THR A 16 8.33 7.99 -3.70
CA THR A 16 9.76 7.69 -3.56
C THR A 16 10.02 6.20 -3.70
N ASP A 17 10.98 5.86 -4.55
CA ASP A 17 11.33 4.46 -4.78
C ASP A 17 12.01 3.86 -3.55
N PHE A 18 11.68 2.60 -3.25
CA PHE A 18 12.25 1.91 -2.10
C PHE A 18 12.60 0.48 -2.45
N THR A 19 13.89 0.16 -2.42
CA THR A 19 14.36 -1.18 -2.74
C THR A 19 14.84 -1.90 -1.48
N PRO A 20 14.06 -2.89 -1.02
CA PRO A 20 14.39 -3.67 0.17
C PRO A 20 15.58 -4.60 -0.06
N SER A 21 16.00 -5.28 1.00
CA SER A 21 17.13 -6.19 0.92
C SER A 21 16.81 -7.38 0.03
N PRO A 22 17.86 -8.01 -0.51
CA PRO A 22 17.72 -9.18 -1.39
C PRO A 22 17.22 -10.41 -0.65
N TYR A 23 17.32 -10.38 0.67
CA TYR A 23 16.88 -11.50 1.50
C TYR A 23 15.45 -11.28 2.01
N ASP A 24 15.13 -10.02 2.30
CA ASP A 24 13.81 -9.67 2.80
C ASP A 24 12.76 -9.78 1.69
N THR A 25 11.91 -10.79 1.78
CA THR A 25 10.87 -11.00 0.79
C THR A 25 9.60 -10.25 1.15
N ASP A 26 9.24 -10.27 2.43
CA ASP A 26 8.05 -9.59 2.91
C ASP A 26 7.97 -8.17 2.35
N SER A 27 9.06 -7.43 2.49
CA SER A 27 9.11 -6.05 2.01
C SER A 27 8.89 -6.01 0.49
N LEU A 28 7.84 -5.32 0.08
CA LEU A 28 7.52 -5.20 -1.34
C LEU A 28 8.42 -4.18 -2.01
N LYS A 29 8.51 -4.27 -3.34
CA LYS A 29 9.34 -3.35 -4.12
C LYS A 29 8.54 -2.14 -4.59
N LEU A 30 8.84 -0.98 -4.04
CA LEU A 30 8.14 0.25 -4.40
C LEU A 30 8.86 0.96 -5.54
N LYS A 31 8.10 1.72 -6.33
CA LYS A 31 8.68 2.46 -7.45
C LYS A 31 7.85 3.71 -7.75
N LYS A 32 8.53 4.75 -8.24
CA LYS A 32 7.86 6.00 -8.57
C LYS A 32 6.66 5.77 -9.48
N GLY A 33 5.46 5.89 -8.92
CA GLY A 33 4.25 5.68 -9.69
C GLY A 33 3.70 4.27 -9.54
N ASP A 34 3.69 3.77 -8.31
CA ASP A 34 3.18 2.44 -8.03
C ASP A 34 2.02 2.49 -7.05
N ILE A 35 0.85 2.04 -7.49
CA ILE A 35 -0.33 2.03 -6.64
C ILE A 35 -0.37 0.79 -5.76
N ILE A 36 -0.86 0.97 -4.53
CA ILE A 36 -0.95 -0.14 -3.59
C ILE A 36 -2.33 -0.18 -2.92
N ASP A 37 -2.91 -1.38 -2.85
CA ASP A 37 -4.22 -1.55 -2.24
C ASP A 37 -4.09 -2.03 -0.80
N ILE A 38 -4.26 -1.11 0.15
CA ILE A 38 -4.16 -1.44 1.56
C ILE A 38 -5.27 -2.40 1.99
N ILE A 39 -4.87 -3.57 2.48
CA ILE A 39 -5.83 -4.57 2.93
C ILE A 39 -6.13 -4.42 4.42
N SER A 40 -5.09 -4.16 5.20
CA SER A 40 -5.24 -4.01 6.65
C SER A 40 -4.32 -2.91 7.17
N LYS A 41 -4.88 -1.98 7.93
CA LYS A 41 -4.11 -0.88 8.50
C LYS A 41 -3.88 -1.08 9.99
N PRO A 42 -2.68 -1.53 10.36
CA PRO A 42 -2.32 -1.77 11.77
C PRO A 42 -2.19 -0.47 12.56
N PRO A 43 -2.19 -0.60 13.91
CA PRO A 43 -2.07 0.56 14.79
C PRO A 43 -0.68 1.18 14.76
N MET A 44 0.34 0.35 14.83
CA MET A 44 1.72 0.81 14.80
C MET A 44 2.60 -0.10 13.95
N GLY A 45 3.38 0.50 13.06
CA GLY A 45 4.25 -0.27 12.20
C GLY A 45 3.92 -0.09 10.74
N THR A 46 4.46 -0.98 9.89
CA THR A 46 4.22 -0.90 8.46
C THR A 46 2.79 -1.31 8.12
N TRP A 47 2.31 -0.85 6.98
CA TRP A 47 0.95 -1.17 6.53
C TRP A 47 0.96 -2.38 5.61
N MET A 48 -0.24 -2.89 5.31
CA MET A 48 -0.37 -4.04 4.44
C MET A 48 -1.13 -3.69 3.15
N GLY A 49 -0.44 -3.80 2.02
CA GLY A 49 -1.06 -3.48 0.75
C GLY A 49 -0.69 -4.46 -0.35
N LEU A 50 -1.61 -4.68 -1.28
CA LEU A 50 -1.37 -5.60 -2.38
C LEU A 50 -0.75 -4.88 -3.57
N LEU A 51 0.29 -5.48 -4.15
CA LEU A 51 0.97 -4.89 -5.30
C LEU A 51 1.53 -5.98 -6.21
N ASN A 52 1.11 -5.96 -7.47
CA ASN A 52 1.56 -6.95 -8.45
C ASN A 52 1.33 -8.36 -7.94
N ASN A 53 0.13 -8.60 -7.42
CA ASN A 53 -0.23 -9.93 -6.90
C ASN A 53 0.72 -10.34 -5.79
N LYS A 54 1.18 -9.37 -5.01
CA LYS A 54 2.10 -9.63 -3.90
C LYS A 54 1.86 -8.66 -2.76
N VAL A 55 1.34 -9.17 -1.65
CA VAL A 55 1.07 -8.35 -0.48
C VAL A 55 2.15 -8.51 0.57
N GLY A 56 2.60 -7.39 1.13
CA GLY A 56 3.65 -7.44 2.14
C GLY A 56 3.54 -6.28 3.12
N THR A 57 4.61 -5.49 3.23
CA THR A 57 4.64 -4.36 4.13
C THR A 57 5.40 -3.19 3.52
N PHE A 58 4.80 -2.00 3.57
CA PHE A 58 5.42 -0.80 3.03
C PHE A 58 5.35 0.34 4.03
N LYS A 59 6.30 1.27 3.92
CA LYS A 59 6.35 2.43 4.81
C LYS A 59 5.40 3.52 4.34
N PHE A 60 4.86 4.29 5.29
CA PHE A 60 3.95 5.37 4.97
C PHE A 60 4.70 6.63 4.56
N ILE A 61 5.90 6.79 5.10
CA ILE A 61 6.74 7.95 4.81
C ILE A 61 7.20 7.93 3.36
N TYR A 62 6.81 6.89 2.63
CA TYR A 62 7.19 6.74 1.23
C TYR A 62 5.96 6.82 0.33
N VAL A 63 4.79 6.59 0.90
CA VAL A 63 3.55 6.64 0.15
C VAL A 63 2.68 7.82 0.58
N ASP A 64 1.74 8.20 -0.27
CA ASP A 64 0.85 9.32 0.02
C ASP A 64 -0.61 8.86 0.04
N VAL A 65 -1.21 8.87 1.22
CA VAL A 65 -2.59 8.46 1.38
C VAL A 65 -3.53 9.34 0.56
N LEU A 66 -4.09 8.78 -0.50
CA LEU A 66 -5.00 9.51 -1.37
C LEU A 66 -6.43 9.46 -0.83
N SER A 67 -7.15 10.57 -0.96
CA SER A 67 -8.52 10.65 -0.48
C SER A 67 -9.45 11.12 -1.59
N SER A 68 -10.68 10.61 -1.59
CA SER A 68 -11.66 10.98 -2.60
C SER A 68 -12.97 11.43 -1.95
N GLY A 69 -13.22 12.72 -1.98
CA GLY A 69 -14.44 13.25 -1.39
C GLY A 69 -14.64 14.73 -1.70
N PRO A 70 -13.84 15.59 -1.03
CA PRO A 70 -13.92 17.04 -1.23
C PRO A 70 -13.41 17.47 -2.60
N SER A 71 -14.33 17.92 -3.45
CA SER A 71 -13.97 18.37 -4.79
C SER A 71 -14.86 19.53 -5.23
N SER A 72 -14.24 20.53 -5.86
CA SER A 72 -14.97 21.70 -6.32
C SER A 72 -14.59 22.04 -7.76
N GLY A 73 -15.59 22.36 -8.57
CA GLY A 73 -15.35 22.70 -9.95
C GLY A 73 -16.14 21.83 -10.91
N GLY A 1 -22.05 -2.10 7.00
CA GLY A 1 -21.31 -1.56 8.12
C GLY A 1 -19.96 -1.01 7.71
N SER A 2 -18.91 -1.45 8.37
CA SER A 2 -17.55 -1.00 8.07
C SER A 2 -16.98 -1.75 6.87
N SER A 3 -17.14 -3.07 6.87
CA SER A 3 -16.63 -3.90 5.79
C SER A 3 -17.76 -4.72 5.16
N GLY A 4 -17.60 -5.04 3.89
CA GLY A 4 -18.61 -5.81 3.19
C GLY A 4 -18.03 -6.65 2.06
N SER A 5 -18.13 -6.15 0.84
CA SER A 5 -17.62 -6.86 -0.33
C SER A 5 -16.09 -6.89 -0.31
N SER A 6 -15.52 -7.89 -0.96
CA SER A 6 -14.07 -8.04 -1.02
C SER A 6 -13.46 -6.98 -1.92
N GLY A 7 -12.59 -6.15 -1.34
CA GLY A 7 -11.95 -5.09 -2.10
C GLY A 7 -10.74 -4.51 -1.38
N PHE A 8 -10.74 -3.19 -1.23
CA PHE A 8 -9.64 -2.51 -0.55
C PHE A 8 -10.12 -1.19 0.05
N CYS A 9 -9.80 -0.99 1.33
CA CYS A 9 -10.20 0.23 2.03
C CYS A 9 -9.77 1.46 1.25
N GLY A 10 -8.52 1.48 0.82
CA GLY A 10 -8.00 2.62 0.07
C GLY A 10 -6.66 2.33 -0.57
N ARG A 11 -6.32 3.09 -1.61
CA ARG A 11 -5.05 2.91 -2.31
C ARG A 11 -4.12 4.10 -2.05
N ALA A 12 -2.82 3.86 -2.25
CA ALA A 12 -1.82 4.90 -2.05
C ALA A 12 -0.79 4.90 -3.17
N ARG A 13 -0.34 6.09 -3.56
CA ARG A 13 0.65 6.21 -4.62
C ARG A 13 2.06 6.26 -4.05
N VAL A 14 3.01 5.66 -4.76
CA VAL A 14 4.39 5.63 -4.32
C VAL A 14 5.17 6.82 -4.86
N HIS A 15 5.53 7.74 -3.97
CA HIS A 15 6.28 8.94 -4.35
C HIS A 15 7.77 8.74 -4.12
N THR A 16 8.10 7.89 -3.15
CA THR A 16 9.50 7.62 -2.83
C THR A 16 9.88 6.18 -3.18
N ASP A 17 10.85 6.04 -4.07
CA ASP A 17 11.30 4.72 -4.49
C ASP A 17 12.09 4.03 -3.37
N PHE A 18 12.02 2.71 -3.34
CA PHE A 18 12.72 1.93 -2.32
C PHE A 18 12.95 0.50 -2.79
N THR A 19 14.20 0.05 -2.74
CA THR A 19 14.55 -1.30 -3.16
C THR A 19 15.08 -2.12 -1.99
N PRO A 20 14.23 -3.01 -1.46
CA PRO A 20 14.59 -3.87 -0.32
C PRO A 20 15.61 -4.93 -0.71
N SER A 21 16.24 -5.54 0.29
CA SER A 21 17.24 -6.57 0.05
C SER A 21 16.69 -7.66 -0.85
N PRO A 22 17.58 -8.33 -1.60
CA PRO A 22 17.21 -9.41 -2.51
C PRO A 22 16.74 -10.66 -1.77
N TYR A 23 17.25 -10.85 -0.57
CA TYR A 23 16.88 -12.01 0.24
C TYR A 23 15.50 -11.82 0.88
N ASP A 24 15.19 -10.58 1.24
CA ASP A 24 13.90 -10.27 1.85
C ASP A 24 12.80 -10.18 0.80
N THR A 25 11.93 -11.17 0.77
CA THR A 25 10.84 -11.20 -0.19
C THR A 25 9.61 -10.48 0.35
N ASP A 26 9.30 -10.71 1.62
CA ASP A 26 8.14 -10.09 2.26
C ASP A 26 8.07 -8.61 1.90
N SER A 27 9.18 -7.90 2.07
CA SER A 27 9.23 -6.47 1.77
C SER A 27 8.93 -6.23 0.29
N LEU A 28 7.81 -5.58 0.02
CA LEU A 28 7.40 -5.27 -1.34
C LEU A 28 8.31 -4.20 -1.96
N LYS A 29 8.37 -4.19 -3.28
CA LYS A 29 9.20 -3.22 -3.99
C LYS A 29 8.41 -1.95 -4.28
N LEU A 30 8.95 -0.81 -3.82
CA LEU A 30 8.31 0.48 -4.04
C LEU A 30 9.02 1.27 -5.12
N LYS A 31 8.24 1.89 -6.00
CA LYS A 31 8.80 2.69 -7.09
C LYS A 31 7.89 3.87 -7.42
N LYS A 32 8.50 4.99 -7.81
CA LYS A 32 7.75 6.20 -8.16
C LYS A 32 6.72 5.89 -9.24
N GLY A 33 5.45 5.82 -8.86
CA GLY A 33 4.39 5.54 -9.81
C GLY A 33 3.57 4.33 -9.44
N ASP A 34 4.24 3.32 -8.88
CA ASP A 34 3.55 2.09 -8.47
C ASP A 34 2.44 2.40 -7.48
N ILE A 35 1.32 1.70 -7.63
CA ILE A 35 0.18 1.89 -6.75
C ILE A 35 0.08 0.76 -5.71
N ILE A 36 -0.35 1.11 -4.51
CA ILE A 36 -0.48 0.13 -3.44
C ILE A 36 -1.92 0.09 -2.91
N ASP A 37 -2.39 -1.10 -2.56
CA ASP A 37 -3.74 -1.27 -2.04
C ASP A 37 -3.71 -1.51 -0.53
N ILE A 38 -4.02 -0.47 0.24
CA ILE A 38 -4.03 -0.57 1.69
C ILE A 38 -5.00 -1.65 2.16
N ILE A 39 -4.45 -2.72 2.72
CA ILE A 39 -5.24 -3.82 3.22
C ILE A 39 -5.48 -3.71 4.72
N SER A 40 -4.41 -3.48 5.47
CA SER A 40 -4.49 -3.35 6.92
C SER A 40 -3.51 -2.30 7.43
N LYS A 41 -4.00 -1.37 8.23
CA LYS A 41 -3.17 -0.32 8.80
C LYS A 41 -3.16 -0.38 10.32
N PRO A 42 -2.08 -0.92 10.88
CA PRO A 42 -1.92 -1.05 12.34
C PRO A 42 -1.71 0.29 13.02
N PRO A 43 -1.83 0.30 14.36
CA PRO A 43 -1.66 1.52 15.15
C PRO A 43 -0.21 2.01 15.17
N MET A 44 0.73 1.07 15.19
CA MET A 44 2.15 1.40 15.20
C MET A 44 2.97 0.26 14.62
N GLY A 45 3.98 0.60 13.82
CA GLY A 45 4.83 -0.40 13.22
C GLY A 45 4.92 -0.26 11.71
N THR A 46 4.60 -1.33 11.00
CA THR A 46 4.65 -1.33 9.54
C THR A 46 3.26 -1.51 8.95
N TRP A 47 3.05 -0.96 7.76
CA TRP A 47 1.77 -1.06 7.08
C TRP A 47 1.74 -2.25 6.12
N MET A 48 0.54 -2.68 5.74
CA MET A 48 0.38 -3.81 4.84
C MET A 48 -0.60 -3.48 3.73
N GLY A 49 -0.24 -3.81 2.50
CA GLY A 49 -1.11 -3.54 1.36
C GLY A 49 -0.77 -4.39 0.15
N LEU A 50 -1.74 -4.57 -0.74
CA LEU A 50 -1.54 -5.37 -1.93
C LEU A 50 -0.96 -4.53 -3.06
N LEU A 51 0.33 -4.69 -3.30
CA LEU A 51 1.01 -3.94 -4.36
C LEU A 51 1.10 -4.77 -5.64
N ASN A 52 0.41 -4.31 -6.68
CA ASN A 52 0.42 -5.00 -7.97
C ASN A 52 0.03 -6.46 -7.79
N ASN A 53 -1.05 -6.71 -7.04
CA ASN A 53 -1.51 -8.07 -6.80
C ASN A 53 -0.50 -8.85 -5.96
N LYS A 54 0.08 -8.17 -4.97
CA LYS A 54 1.05 -8.80 -4.09
C LYS A 54 1.11 -8.08 -2.75
N VAL A 55 0.54 -8.70 -1.71
CA VAL A 55 0.54 -8.12 -0.38
C VAL A 55 1.82 -8.45 0.37
N GLY A 56 2.20 -7.58 1.30
CA GLY A 56 3.41 -7.80 2.07
C GLY A 56 3.59 -6.76 3.16
N THR A 57 4.65 -5.97 3.05
CA THR A 57 4.94 -4.92 4.03
C THR A 57 5.50 -3.67 3.36
N PHE A 58 5.07 -2.51 3.84
CA PHE A 58 5.53 -1.25 3.30
C PHE A 58 5.35 -0.12 4.31
N LYS A 59 5.91 1.05 3.98
CA LYS A 59 5.83 2.21 4.87
C LYS A 59 4.75 3.18 4.38
N PHE A 60 4.23 3.99 5.29
CA PHE A 60 3.21 4.97 4.95
C PHE A 60 3.84 6.27 4.47
N ILE A 61 4.78 6.78 5.25
CA ILE A 61 5.46 8.03 4.90
C ILE A 61 6.01 7.98 3.49
N TYR A 62 6.43 6.79 3.05
CA TYR A 62 6.97 6.61 1.72
C TYR A 62 5.88 6.78 0.65
N VAL A 63 4.64 6.52 1.04
CA VAL A 63 3.51 6.65 0.14
C VAL A 63 2.58 7.79 0.55
N ASP A 64 1.55 8.02 -0.25
CA ASP A 64 0.59 9.09 0.04
C ASP A 64 -0.84 8.58 -0.12
N VAL A 65 -1.55 8.48 1.01
CA VAL A 65 -2.93 8.01 1.00
C VAL A 65 -3.80 8.88 0.09
N LEU A 66 -4.44 8.25 -0.89
CA LEU A 66 -5.30 8.96 -1.83
C LEU A 66 -6.76 8.84 -1.43
N SER A 67 -7.60 9.72 -1.97
CA SER A 67 -9.03 9.71 -1.66
C SER A 67 -9.27 9.94 -0.18
N SER A 68 -8.51 10.88 0.40
CA SER A 68 -8.63 11.19 1.81
C SER A 68 -8.37 12.68 2.07
N GLY A 69 -8.53 13.10 3.32
CA GLY A 69 -8.30 14.49 3.66
C GLY A 69 -8.74 14.81 5.08
N PRO A 70 -8.78 16.11 5.40
CA PRO A 70 -9.18 16.58 6.74
C PRO A 70 -10.67 16.36 7.01
N SER A 71 -11.08 16.60 8.24
CA SER A 71 -12.47 16.43 8.64
C SER A 71 -12.99 17.67 9.35
N SER A 72 -14.32 17.74 9.51
CA SER A 72 -14.94 18.88 10.16
C SER A 72 -14.94 18.70 11.68
N GLY A 73 -14.98 19.81 12.41
CA GLY A 73 -14.98 19.76 13.86
C GLY A 73 -13.72 20.35 14.46
N GLY A 1 -23.06 -16.26 -1.90
CA GLY A 1 -21.67 -16.21 -2.35
C GLY A 1 -20.79 -15.48 -1.37
N SER A 2 -19.47 -15.59 -1.58
CA SER A 2 -18.50 -14.93 -0.71
C SER A 2 -18.45 -13.43 -0.98
N SER A 3 -18.80 -12.64 0.02
CA SER A 3 -18.81 -11.19 -0.11
C SER A 3 -17.50 -10.60 0.40
N GLY A 4 -16.49 -11.44 0.54
CA GLY A 4 -15.20 -10.99 1.03
C GLY A 4 -14.06 -11.37 0.10
N SER A 5 -14.28 -11.23 -1.20
CA SER A 5 -13.28 -11.56 -2.19
C SER A 5 -12.29 -10.41 -2.37
N SER A 6 -12.82 -9.20 -2.50
CA SER A 6 -11.98 -8.02 -2.68
C SER A 6 -12.63 -6.79 -2.04
N GLY A 7 -12.11 -6.38 -0.89
CA GLY A 7 -12.65 -5.23 -0.20
C GLY A 7 -11.57 -4.39 0.46
N PHE A 8 -10.67 -3.85 -0.35
CA PHE A 8 -9.57 -3.02 0.16
C PHE A 8 -10.10 -1.68 0.64
N CYS A 9 -9.50 -1.17 1.71
CA CYS A 9 -9.90 0.12 2.27
C CYS A 9 -9.58 1.26 1.31
N GLY A 10 -8.32 1.36 0.91
CA GLY A 10 -7.91 2.40 0.00
C GLY A 10 -6.55 2.13 -0.62
N ARG A 11 -6.12 3.03 -1.50
CA ARG A 11 -4.83 2.88 -2.16
C ARG A 11 -3.89 4.02 -1.79
N ALA A 12 -2.61 3.86 -2.11
CA ALA A 12 -1.61 4.88 -1.80
C ALA A 12 -0.63 5.05 -2.96
N ARG A 13 -0.11 6.27 -3.12
CA ARG A 13 0.84 6.56 -4.19
C ARG A 13 2.27 6.55 -3.66
N VAL A 14 3.19 5.99 -4.44
CA VAL A 14 4.59 5.93 -4.05
C VAL A 14 5.38 7.08 -4.65
N HIS A 15 5.81 8.01 -3.79
CA HIS A 15 6.57 9.17 -4.23
C HIS A 15 8.07 8.86 -4.25
N THR A 16 8.51 8.10 -3.26
CA THR A 16 9.93 7.72 -3.15
C THR A 16 10.12 6.23 -3.41
N ASP A 17 10.99 5.90 -4.35
CA ASP A 17 11.26 4.51 -4.69
C ASP A 17 12.10 3.85 -3.60
N PHE A 18 11.92 2.54 -3.43
CA PHE A 18 12.66 1.80 -2.42
C PHE A 18 12.78 0.33 -2.81
N THR A 19 14.01 -0.18 -2.83
CA THR A 19 14.26 -1.56 -3.19
C THR A 19 14.84 -2.34 -2.02
N PRO A 20 14.06 -3.28 -1.47
CA PRO A 20 14.48 -4.11 -0.34
C PRO A 20 15.56 -5.11 -0.72
N SER A 21 15.97 -5.93 0.24
CA SER A 21 17.01 -6.92 0.00
C SER A 21 16.49 -8.05 -0.87
N PRO A 22 17.40 -8.78 -1.52
CA PRO A 22 17.06 -9.89 -2.41
C PRO A 22 16.52 -11.10 -1.65
N TYR A 23 16.81 -11.14 -0.35
CA TYR A 23 16.34 -12.23 0.50
C TYR A 23 14.97 -11.94 1.09
N ASP A 24 14.75 -10.68 1.46
CA ASP A 24 13.48 -10.26 2.03
C ASP A 24 12.38 -10.28 0.97
N THR A 25 11.47 -11.24 1.07
CA THR A 25 10.37 -11.37 0.12
C THR A 25 9.19 -10.49 0.52
N ASP A 26 8.87 -10.50 1.81
CA ASP A 26 7.76 -9.70 2.33
C ASP A 26 7.82 -8.28 1.78
N SER A 27 8.92 -7.59 2.06
CA SER A 27 9.10 -6.21 1.60
C SER A 27 8.87 -6.11 0.10
N LEU A 28 7.79 -5.45 -0.29
CA LEU A 28 7.46 -5.27 -1.70
C LEU A 28 8.33 -4.19 -2.34
N LYS A 29 8.53 -4.29 -3.65
CA LYS A 29 9.35 -3.32 -4.37
C LYS A 29 8.53 -2.07 -4.68
N LEU A 30 8.94 -0.94 -4.09
CA LEU A 30 8.26 0.32 -4.30
C LEU A 30 8.98 1.16 -5.37
N LYS A 31 8.21 1.70 -6.30
CA LYS A 31 8.78 2.53 -7.36
C LYS A 31 8.00 3.83 -7.51
N LYS A 32 8.69 4.89 -7.94
CA LYS A 32 8.06 6.19 -8.14
C LYS A 32 6.85 6.08 -9.05
N GLY A 33 5.65 6.24 -8.48
CA GLY A 33 4.43 6.16 -9.25
C GLY A 33 3.82 4.77 -9.21
N ASP A 34 3.73 4.20 -8.02
CA ASP A 34 3.16 2.87 -7.85
C ASP A 34 1.95 2.91 -6.92
N ILE A 35 0.87 2.25 -7.33
CA ILE A 35 -0.35 2.21 -6.53
C ILE A 35 -0.45 0.92 -5.74
N ILE A 36 -0.54 1.04 -4.42
CA ILE A 36 -0.64 -0.12 -3.55
C ILE A 36 -2.01 -0.18 -2.88
N ASP A 37 -2.62 -1.36 -2.90
CA ASP A 37 -3.93 -1.56 -2.29
C ASP A 37 -3.81 -1.81 -0.80
N ILE A 38 -4.15 -0.80 0.00
CA ILE A 38 -4.07 -0.92 1.45
C ILE A 38 -5.11 -1.90 1.98
N ILE A 39 -4.66 -2.88 2.75
CA ILE A 39 -5.56 -3.88 3.32
C ILE A 39 -5.75 -3.65 4.82
N SER A 40 -4.68 -3.25 5.49
CA SER A 40 -4.73 -3.00 6.93
C SER A 40 -3.68 -1.96 7.33
N LYS A 41 -4.09 -1.02 8.17
CA LYS A 41 -3.19 0.03 8.63
C LYS A 41 -3.23 0.14 10.16
N PRO A 42 -2.20 -0.41 10.81
CA PRO A 42 -2.10 -0.38 12.28
C PRO A 42 -1.81 1.02 12.81
N PRO A 43 -2.05 1.21 14.12
CA PRO A 43 -1.82 2.50 14.78
C PRO A 43 -0.34 2.84 14.89
N MET A 44 0.43 1.92 15.49
CA MET A 44 1.86 2.12 15.66
C MET A 44 2.65 1.06 14.91
N GLY A 45 1.96 0.29 14.08
CA GLY A 45 2.61 -0.76 13.32
C GLY A 45 2.82 -0.38 11.86
N THR A 46 3.41 -1.29 11.09
CA THR A 46 3.67 -1.03 9.68
C THR A 46 2.40 -1.19 8.85
N TRP A 47 2.41 -0.65 7.65
CA TRP A 47 1.26 -0.73 6.75
C TRP A 47 1.39 -1.91 5.80
N MET A 48 0.25 -2.50 5.45
CA MET A 48 0.24 -3.65 4.54
C MET A 48 -0.70 -3.40 3.36
N GLY A 49 -0.36 -3.99 2.22
CA GLY A 49 -1.19 -3.82 1.03
C GLY A 49 -0.77 -4.74 -0.10
N LEU A 50 -1.70 -5.02 -1.01
CA LEU A 50 -1.43 -5.88 -2.15
C LEU A 50 -0.91 -5.08 -3.33
N LEU A 51 0.26 -5.45 -3.84
CA LEU A 51 0.85 -4.77 -4.98
C LEU A 51 1.43 -5.77 -5.97
N ASN A 52 1.04 -5.63 -7.23
CA ASN A 52 1.52 -6.52 -8.29
C ASN A 52 1.27 -7.97 -7.92
N ASN A 53 0.07 -8.25 -7.40
CA ASN A 53 -0.29 -9.61 -7.01
C ASN A 53 0.66 -10.14 -5.95
N LYS A 54 1.06 -9.28 -5.02
CA LYS A 54 1.97 -9.67 -3.95
C LYS A 54 1.82 -8.74 -2.74
N VAL A 55 1.30 -9.28 -1.65
CA VAL A 55 1.11 -8.50 -0.43
C VAL A 55 2.26 -8.72 0.54
N GLY A 56 2.69 -7.63 1.18
CA GLY A 56 3.79 -7.72 2.14
C GLY A 56 3.76 -6.60 3.16
N THR A 57 4.80 -5.78 3.16
CA THR A 57 4.89 -4.66 4.08
C THR A 57 5.46 -3.42 3.41
N PHE A 58 5.05 -2.25 3.89
CA PHE A 58 5.53 -0.99 3.33
C PHE A 58 5.28 0.16 4.29
N LYS A 59 6.08 1.21 4.17
CA LYS A 59 5.96 2.38 5.04
C LYS A 59 5.00 3.41 4.43
N PHE A 60 4.29 4.13 5.29
CA PHE A 60 3.35 5.15 4.83
C PHE A 60 4.06 6.46 4.56
N ILE A 61 5.15 6.70 5.28
CA ILE A 61 5.93 7.93 5.13
C ILE A 61 6.52 8.02 3.73
N TYR A 62 6.55 6.89 3.03
CA TYR A 62 7.10 6.84 1.69
C TYR A 62 5.99 6.86 0.63
N VAL A 63 4.76 7.03 1.11
CA VAL A 63 3.60 7.07 0.21
C VAL A 63 2.60 8.12 0.67
N ASP A 64 1.53 8.28 -0.12
CA ASP A 64 0.49 9.25 0.20
C ASP A 64 -0.89 8.65 0.01
N VAL A 65 -1.64 8.53 1.10
CA VAL A 65 -2.98 7.96 1.06
C VAL A 65 -3.86 8.72 0.06
N LEU A 66 -4.67 7.97 -0.68
CA LEU A 66 -5.57 8.57 -1.68
C LEU A 66 -7.03 8.29 -1.32
N SER A 67 -7.92 9.12 -1.85
CA SER A 67 -9.35 8.97 -1.60
C SER A 67 -9.99 8.05 -2.63
N SER A 68 -10.60 6.97 -2.15
CA SER A 68 -11.25 6.01 -3.03
C SER A 68 -12.74 6.29 -3.14
N GLY A 69 -13.24 6.29 -4.37
CA GLY A 69 -14.66 6.55 -4.59
C GLY A 69 -15.13 7.81 -3.90
N PRO A 70 -16.44 7.89 -3.63
CA PRO A 70 -17.05 9.04 -2.97
C PRO A 70 -16.64 9.16 -1.50
N SER A 71 -17.12 10.20 -0.83
CA SER A 71 -16.80 10.42 0.58
C SER A 71 -18.07 10.44 1.43
N SER A 72 -17.96 9.96 2.65
CA SER A 72 -19.09 9.91 3.57
C SER A 72 -19.92 11.20 3.46
N GLY A 73 -19.28 12.33 3.71
CA GLY A 73 -19.97 13.60 3.63
C GLY A 73 -19.69 14.34 2.34
N GLY A 1 -21.70 -10.80 -11.74
CA GLY A 1 -20.49 -10.00 -11.73
C GLY A 1 -19.35 -10.68 -11.01
N SER A 2 -18.64 -11.56 -11.71
CA SER A 2 -17.53 -12.28 -11.12
C SER A 2 -16.25 -11.44 -11.18
N SER A 3 -15.99 -10.85 -12.33
CA SER A 3 -14.80 -10.03 -12.52
C SER A 3 -15.01 -8.63 -11.96
N GLY A 4 -14.33 -8.32 -10.86
CA GLY A 4 -14.46 -7.01 -10.23
C GLY A 4 -13.68 -6.92 -8.94
N SER A 5 -13.82 -5.78 -8.26
CA SER A 5 -13.12 -5.56 -6.99
C SER A 5 -13.91 -6.14 -5.83
N SER A 6 -13.22 -6.44 -4.74
CA SER A 6 -13.86 -7.00 -3.56
C SER A 6 -14.15 -5.92 -2.52
N GLY A 7 -13.14 -5.10 -2.23
CA GLY A 7 -13.31 -4.04 -1.26
C GLY A 7 -12.10 -3.87 -0.36
N PHE A 8 -11.21 -2.95 -0.72
CA PHE A 8 -10.02 -2.70 0.06
C PHE A 8 -10.27 -1.63 1.12
N CYS A 9 -9.25 -1.35 1.92
CA CYS A 9 -9.36 -0.34 2.97
C CYS A 9 -8.99 1.05 2.44
N GLY A 10 -7.85 1.14 1.76
CA GLY A 10 -7.42 2.40 1.21
C GLY A 10 -6.41 2.24 0.10
N ARG A 11 -5.85 3.35 -0.37
CA ARG A 11 -4.87 3.33 -1.45
C ARG A 11 -3.76 4.34 -1.20
N ALA A 12 -2.67 4.21 -1.94
CA ALA A 12 -1.54 5.12 -1.80
C ALA A 12 -0.67 5.10 -3.06
N ARG A 13 0.04 6.19 -3.29
CA ARG A 13 0.92 6.31 -4.46
C ARG A 13 2.38 6.38 -4.03
N VAL A 14 3.21 5.58 -4.69
CA VAL A 14 4.64 5.56 -4.38
C VAL A 14 5.35 6.79 -4.92
N HIS A 15 5.71 7.70 -4.03
CA HIS A 15 6.40 8.93 -4.41
C HIS A 15 7.91 8.71 -4.48
N THR A 16 8.42 7.89 -3.57
CA THR A 16 9.85 7.61 -3.53
C THR A 16 10.12 6.13 -3.77
N ASP A 17 11.10 5.84 -4.64
CA ASP A 17 11.45 4.46 -4.96
C ASP A 17 12.26 3.83 -3.83
N PHE A 18 11.77 2.71 -3.31
CA PHE A 18 12.46 2.02 -2.23
C PHE A 18 12.73 0.55 -2.60
N THR A 19 14.00 0.18 -2.56
CA THR A 19 14.39 -1.19 -2.91
C THR A 19 14.85 -1.95 -1.67
N PRO A 20 13.98 -2.85 -1.18
CA PRO A 20 14.27 -3.66 0.01
C PRO A 20 15.35 -4.71 -0.25
N SER A 21 15.96 -5.20 0.82
CA SER A 21 17.02 -6.19 0.70
C SER A 21 16.53 -7.41 -0.09
N PRO A 22 17.48 -8.12 -0.73
CA PRO A 22 17.17 -9.30 -1.54
C PRO A 22 16.74 -10.49 -0.67
N TYR A 23 17.09 -10.44 0.61
CA TYR A 23 16.74 -11.51 1.53
C TYR A 23 15.32 -11.32 2.06
N ASP A 24 14.97 -10.09 2.41
CA ASP A 24 13.65 -9.77 2.93
C ASP A 24 12.60 -9.87 1.82
N THR A 25 11.79 -10.92 1.87
CA THR A 25 10.75 -11.13 0.88
C THR A 25 9.51 -10.31 1.20
N ASP A 26 9.12 -10.30 2.48
CA ASP A 26 7.95 -9.56 2.92
C ASP A 26 7.99 -8.13 2.39
N SER A 27 9.14 -7.48 2.53
CA SER A 27 9.31 -6.10 2.08
C SER A 27 8.96 -5.98 0.59
N LEU A 28 7.93 -5.21 0.29
CA LEU A 28 7.50 -5.00 -1.09
C LEU A 28 8.41 -4.01 -1.80
N LYS A 29 8.35 -4.02 -3.13
CA LYS A 29 9.17 -3.13 -3.94
C LYS A 29 8.36 -1.89 -4.36
N LEU A 30 8.71 -0.74 -3.81
CA LEU A 30 8.03 0.51 -4.15
C LEU A 30 8.74 1.24 -5.28
N LYS A 31 7.98 1.63 -6.29
CA LYS A 31 8.54 2.35 -7.43
C LYS A 31 7.73 3.61 -7.74
N LYS A 32 8.42 4.68 -8.10
CA LYS A 32 7.78 5.95 -8.42
C LYS A 32 6.69 5.75 -9.48
N GLY A 33 5.44 5.78 -9.04
CA GLY A 33 4.33 5.61 -9.96
C GLY A 33 3.69 4.24 -9.86
N ASP A 34 3.48 3.78 -8.63
CA ASP A 34 2.87 2.48 -8.39
C ASP A 34 1.75 2.58 -7.36
N ILE A 35 0.65 1.89 -7.62
CA ILE A 35 -0.50 1.90 -6.71
C ILE A 35 -0.43 0.73 -5.73
N ILE A 36 -0.96 0.95 -4.53
CA ILE A 36 -0.96 -0.08 -3.51
C ILE A 36 -2.32 -0.15 -2.81
N ASP A 37 -2.89 -1.34 -2.75
CA ASP A 37 -4.18 -1.54 -2.11
C ASP A 37 -4.00 -2.03 -0.67
N ILE A 38 -4.16 -1.12 0.28
CA ILE A 38 -4.02 -1.45 1.69
C ILE A 38 -5.13 -2.38 2.16
N ILE A 39 -4.77 -3.60 2.55
CA ILE A 39 -5.75 -4.57 3.02
C ILE A 39 -6.08 -4.35 4.49
N SER A 40 -5.06 -4.11 5.30
CA SER A 40 -5.26 -3.87 6.73
C SER A 40 -4.20 -2.91 7.26
N LYS A 41 -4.66 -1.81 7.86
CA LYS A 41 -3.76 -0.81 8.42
C LYS A 41 -4.04 -0.60 9.91
N PRO A 42 -3.19 -1.19 10.77
CA PRO A 42 -3.33 -1.08 12.22
C PRO A 42 -3.01 0.32 12.73
N PRO A 43 -3.30 0.56 14.01
CA PRO A 43 -3.06 1.86 14.65
C PRO A 43 -1.57 2.15 14.83
N MET A 44 -0.73 1.18 14.44
CA MET A 44 0.71 1.33 14.56
C MET A 44 1.43 0.23 13.79
N GLY A 45 2.65 0.53 13.34
CA GLY A 45 3.42 -0.44 12.59
C GLY A 45 3.27 -0.28 11.09
N THR A 46 3.97 -1.11 10.33
CA THR A 46 3.91 -1.05 8.87
C THR A 46 2.52 -1.38 8.36
N TRP A 47 2.22 -0.93 7.14
CA TRP A 47 0.92 -1.19 6.54
C TRP A 47 0.99 -2.36 5.56
N MET A 48 -0.10 -3.10 5.45
CA MET A 48 -0.16 -4.24 4.54
C MET A 48 -1.05 -3.94 3.34
N GLY A 49 -0.46 -3.94 2.15
CA GLY A 49 -1.22 -3.67 0.95
C GLY A 49 -0.76 -4.50 -0.24
N LEU A 50 -1.67 -4.77 -1.16
CA LEU A 50 -1.34 -5.56 -2.34
C LEU A 50 -0.92 -4.66 -3.50
N LEU A 51 0.38 -4.61 -3.75
CA LEU A 51 0.91 -3.78 -4.84
C LEU A 51 1.19 -4.64 -6.08
N ASN A 52 0.45 -4.37 -7.15
CA ASN A 52 0.62 -5.11 -8.39
C ASN A 52 0.57 -6.62 -8.15
N ASN A 53 -0.44 -7.06 -7.40
CA ASN A 53 -0.60 -8.47 -7.09
C ASN A 53 0.52 -8.96 -6.17
N LYS A 54 0.99 -8.07 -5.31
CA LYS A 54 2.05 -8.41 -4.37
C LYS A 54 1.82 -7.75 -3.01
N VAL A 55 1.35 -8.53 -2.05
CA VAL A 55 1.09 -8.03 -0.71
C VAL A 55 2.29 -8.24 0.21
N GLY A 56 2.50 -7.29 1.12
CA GLY A 56 3.63 -7.40 2.04
C GLY A 56 3.61 -6.31 3.08
N THR A 57 4.75 -5.63 3.25
CA THR A 57 4.86 -4.56 4.23
C THR A 57 5.67 -3.38 3.68
N PHE A 58 5.11 -2.18 3.81
CA PHE A 58 5.78 -0.98 3.32
C PHE A 58 5.69 0.15 4.34
N LYS A 59 6.36 1.26 4.05
CA LYS A 59 6.35 2.41 4.94
C LYS A 59 5.40 3.49 4.43
N PHE A 60 4.79 4.23 5.35
CA PHE A 60 3.86 5.29 4.99
C PHE A 60 4.61 6.54 4.53
N ILE A 61 5.85 6.66 4.97
CA ILE A 61 6.68 7.81 4.61
C ILE A 61 7.12 7.73 3.15
N TYR A 62 7.00 6.55 2.57
CA TYR A 62 7.39 6.33 1.18
C TYR A 62 6.17 6.28 0.28
N VAL A 63 5.02 6.71 0.80
CA VAL A 63 3.78 6.70 0.05
C VAL A 63 2.90 7.89 0.43
N ASP A 64 1.90 8.18 -0.40
CA ASP A 64 0.99 9.29 -0.14
C ASP A 64 -0.45 8.80 -0.10
N VAL A 65 -1.02 8.74 1.11
CA VAL A 65 -2.40 8.29 1.27
C VAL A 65 -3.36 9.13 0.44
N LEU A 66 -3.90 8.52 -0.62
CA LEU A 66 -4.83 9.21 -1.51
C LEU A 66 -6.25 9.14 -0.95
N SER A 67 -6.66 7.95 -0.52
CA SER A 67 -7.99 7.73 0.03
C SER A 67 -8.14 8.42 1.38
N SER A 68 -9.34 8.91 1.67
CA SER A 68 -9.60 9.59 2.94
C SER A 68 -10.93 9.13 3.52
N GLY A 69 -11.18 9.51 4.78
CA GLY A 69 -12.42 9.14 5.43
C GLY A 69 -12.69 9.96 6.67
N PRO A 70 -13.31 9.33 7.68
CA PRO A 70 -13.64 10.00 8.94
C PRO A 70 -12.41 10.31 9.77
N SER A 71 -11.24 10.02 9.22
CA SER A 71 -9.98 10.26 9.92
C SER A 71 -9.89 11.70 10.40
N SER A 72 -9.16 11.92 11.49
CA SER A 72 -9.01 13.25 12.06
C SER A 72 -8.06 14.09 11.22
N GLY A 73 -6.89 13.55 10.91
CA GLY A 73 -5.92 14.26 10.11
C GLY A 73 -5.04 13.34 9.29
N GLY A 1 -20.65 -8.09 6.19
CA GLY A 1 -19.79 -8.76 5.23
C GLY A 1 -18.88 -9.78 5.88
N SER A 2 -19.42 -10.95 6.20
CA SER A 2 -18.65 -12.00 6.83
C SER A 2 -17.42 -12.34 6.01
N SER A 3 -17.63 -12.70 4.74
CA SER A 3 -16.54 -13.06 3.85
C SER A 3 -15.74 -11.81 3.45
N GLY A 4 -16.42 -10.85 2.84
CA GLY A 4 -15.77 -9.63 2.41
C GLY A 4 -14.52 -9.90 1.58
N SER A 5 -14.66 -10.79 0.59
CA SER A 5 -13.53 -11.13 -0.28
C SER A 5 -12.90 -9.88 -0.86
N SER A 6 -13.73 -9.00 -1.43
CA SER A 6 -13.24 -7.77 -2.03
C SER A 6 -13.49 -6.58 -1.11
N GLY A 7 -12.92 -5.43 -1.47
CA GLY A 7 -13.09 -4.24 -0.66
C GLY A 7 -11.83 -3.86 0.08
N PHE A 8 -11.04 -2.97 -0.49
CA PHE A 8 -9.79 -2.52 0.13
C PHE A 8 -10.00 -1.22 0.90
N CYS A 9 -9.33 -1.10 2.04
CA CYS A 9 -9.43 0.09 2.87
C CYS A 9 -9.16 1.35 2.06
N GLY A 10 -8.00 1.39 1.42
CA GLY A 10 -7.64 2.55 0.62
C GLY A 10 -6.45 2.28 -0.27
N ARG A 11 -5.98 3.32 -0.97
CA ARG A 11 -4.84 3.19 -1.87
C ARG A 11 -3.68 4.06 -1.39
N ALA A 12 -2.51 3.86 -1.98
CA ALA A 12 -1.33 4.62 -1.62
C ALA A 12 -0.37 4.76 -2.81
N ARG A 13 -0.06 6.01 -3.17
CA ARG A 13 0.83 6.28 -4.28
C ARG A 13 2.29 6.35 -3.82
N VAL A 14 3.11 5.47 -4.36
CA VAL A 14 4.52 5.43 -4.00
C VAL A 14 5.28 6.59 -4.62
N HIS A 15 5.58 7.60 -3.80
CA HIS A 15 6.30 8.78 -4.28
C HIS A 15 7.81 8.57 -4.16
N THR A 16 8.22 7.84 -3.13
CA THR A 16 9.64 7.57 -2.90
C THR A 16 9.98 6.11 -3.22
N ASP A 17 10.61 5.89 -4.36
CA ASP A 17 10.99 4.54 -4.78
C ASP A 17 11.85 3.88 -3.71
N PHE A 18 11.45 2.68 -3.29
CA PHE A 18 12.18 1.94 -2.28
C PHE A 18 12.41 0.49 -2.73
N THR A 19 13.68 0.13 -2.89
CA THR A 19 14.04 -1.22 -3.32
C THR A 19 14.80 -1.95 -2.22
N PRO A 20 14.10 -2.85 -1.52
CA PRO A 20 14.69 -3.65 -0.43
C PRO A 20 15.69 -4.68 -0.95
N SER A 21 16.14 -5.55 -0.05
CA SER A 21 17.10 -6.59 -0.41
C SER A 21 16.42 -7.70 -1.21
N PRO A 22 17.24 -8.50 -1.93
CA PRO A 22 16.75 -9.61 -2.74
C PRO A 22 16.21 -10.75 -1.90
N TYR A 23 16.84 -10.99 -0.76
CA TYR A 23 16.43 -12.06 0.14
C TYR A 23 15.12 -11.73 0.82
N ASP A 24 14.99 -10.48 1.26
CA ASP A 24 13.79 -10.02 1.94
C ASP A 24 12.57 -10.18 1.03
N THR A 25 11.50 -10.77 1.57
CA THR A 25 10.29 -10.98 0.81
C THR A 25 9.13 -10.16 1.37
N ASP A 26 9.13 -9.98 2.70
CA ASP A 26 8.09 -9.20 3.35
C ASP A 26 7.92 -7.83 2.69
N SER A 27 9.03 -7.13 2.53
CA SER A 27 9.00 -5.81 1.91
C SER A 27 8.81 -5.92 0.39
N LEU A 28 7.89 -5.12 -0.14
CA LEU A 28 7.61 -5.12 -1.56
C LEU A 28 8.43 -4.06 -2.29
N LYS A 29 8.66 -4.28 -3.58
CA LYS A 29 9.43 -3.33 -4.39
C LYS A 29 8.60 -2.09 -4.71
N LEU A 30 8.93 -0.97 -4.06
CA LEU A 30 8.20 0.28 -4.28
C LEU A 30 8.88 1.09 -5.38
N LYS A 31 8.06 1.65 -6.27
CA LYS A 31 8.58 2.46 -7.37
C LYS A 31 7.84 3.80 -7.45
N LYS A 32 8.51 4.81 -7.97
CA LYS A 32 7.93 6.14 -8.11
C LYS A 32 6.76 6.12 -9.09
N GLY A 33 5.55 6.16 -8.56
CA GLY A 33 4.36 6.15 -9.39
C GLY A 33 3.69 4.79 -9.42
N ASP A 34 3.50 4.19 -8.26
CA ASP A 34 2.87 2.88 -8.15
C ASP A 34 1.89 2.84 -6.99
N ILE A 35 0.66 2.43 -7.25
CA ILE A 35 -0.35 2.34 -6.23
C ILE A 35 -0.38 0.95 -5.60
N ILE A 36 -0.66 0.90 -4.30
CA ILE A 36 -0.73 -0.37 -3.58
C ILE A 36 -2.04 -0.51 -2.82
N ASP A 37 -2.82 -1.51 -3.19
CA ASP A 37 -4.11 -1.75 -2.54
C ASP A 37 -3.92 -2.07 -1.06
N ILE A 38 -4.23 -1.09 -0.21
CA ILE A 38 -4.10 -1.27 1.23
C ILE A 38 -5.13 -2.25 1.76
N ILE A 39 -4.66 -3.28 2.45
CA ILE A 39 -5.54 -4.29 3.02
C ILE A 39 -5.82 -4.01 4.49
N SER A 40 -4.75 -3.75 5.25
CA SER A 40 -4.89 -3.47 6.67
C SER A 40 -3.98 -2.31 7.08
N LYS A 41 -4.47 -1.49 8.01
CA LYS A 41 -3.71 -0.34 8.49
C LYS A 41 -3.82 -0.21 10.01
N PRO A 42 -2.77 -0.65 10.72
CA PRO A 42 -2.73 -0.58 12.18
C PRO A 42 -2.61 0.85 12.71
N PRO A 43 -2.77 1.02 14.02
CA PRO A 43 -2.70 2.33 14.67
C PRO A 43 -1.28 2.89 14.68
N MET A 44 -0.94 3.65 13.65
CA MET A 44 0.38 4.24 13.53
C MET A 44 1.45 3.17 13.39
N GLY A 45 1.21 2.23 12.49
CA GLY A 45 2.16 1.15 12.27
C GLY A 45 2.32 0.81 10.79
N THR A 46 3.17 -0.17 10.50
CA THR A 46 3.41 -0.59 9.13
C THR A 46 2.10 -0.90 8.41
N TRP A 47 2.01 -0.49 7.16
CA TRP A 47 0.81 -0.73 6.37
C TRP A 47 1.03 -1.87 5.37
N MET A 48 0.01 -2.72 5.22
CA MET A 48 0.10 -3.85 4.31
C MET A 48 -0.82 -3.65 3.11
N GLY A 49 -0.31 -3.98 1.92
CA GLY A 49 -1.10 -3.83 0.71
C GLY A 49 -0.73 -4.83 -0.35
N LEU A 50 -1.68 -5.15 -1.23
CA LEU A 50 -1.44 -6.11 -2.30
C LEU A 50 -1.06 -5.39 -3.59
N LEU A 51 0.20 -5.54 -4.00
CA LEU A 51 0.69 -4.91 -5.22
C LEU A 51 1.32 -5.94 -6.15
N ASN A 52 0.95 -5.89 -7.42
CA ASN A 52 1.47 -6.82 -8.42
C ASN A 52 1.30 -8.26 -7.95
N ASN A 53 0.11 -8.59 -7.48
CA ASN A 53 -0.18 -9.94 -7.01
C ASN A 53 0.79 -10.35 -5.90
N LYS A 54 1.12 -9.40 -5.05
CA LYS A 54 2.04 -9.65 -3.95
C LYS A 54 1.77 -8.70 -2.78
N VAL A 55 1.31 -9.25 -1.67
CA VAL A 55 1.01 -8.45 -0.48
C VAL A 55 2.17 -8.47 0.50
N GLY A 56 2.65 -7.28 0.86
CA GLY A 56 3.76 -7.18 1.79
C GLY A 56 3.69 -5.95 2.66
N THR A 57 4.66 -5.78 3.55
CA THR A 57 4.70 -4.63 4.44
C THR A 57 5.40 -3.45 3.79
N PHE A 58 4.96 -2.24 4.14
CA PHE A 58 5.55 -1.02 3.60
C PHE A 58 5.29 0.17 4.50
N LYS A 59 6.19 1.14 4.47
CA LYS A 59 6.06 2.34 5.29
C LYS A 59 5.08 3.33 4.66
N PHE A 60 4.68 4.34 5.43
CA PHE A 60 3.75 5.34 4.94
C PHE A 60 4.50 6.59 4.48
N ILE A 61 5.50 7.00 5.26
CA ILE A 61 6.30 8.17 4.93
C ILE A 61 6.84 8.09 3.51
N TYR A 62 7.00 6.86 3.01
CA TYR A 62 7.51 6.64 1.66
C TYR A 62 6.40 6.76 0.63
N VAL A 63 5.17 6.49 1.06
CA VAL A 63 4.02 6.58 0.17
C VAL A 63 3.10 7.72 0.57
N ASP A 64 2.02 7.91 -0.20
CA ASP A 64 1.07 8.98 0.07
C ASP A 64 -0.36 8.42 0.11
N VAL A 65 -1.06 8.69 1.21
CA VAL A 65 -2.42 8.22 1.38
C VAL A 65 -3.35 8.86 0.34
N LEU A 66 -3.85 8.04 -0.58
CA LEU A 66 -4.74 8.52 -1.63
C LEU A 66 -6.19 8.46 -1.16
N SER A 67 -7.07 9.14 -1.91
CA SER A 67 -8.49 9.17 -1.57
C SER A 67 -8.71 9.77 -0.19
N SER A 68 -7.95 10.82 0.12
CA SER A 68 -8.06 11.49 1.42
C SER A 68 -9.37 12.25 1.52
N GLY A 69 -10.06 12.09 2.66
CA GLY A 69 -11.32 12.77 2.87
C GLY A 69 -11.13 14.19 3.36
N PRO A 70 -12.22 14.78 3.89
CA PRO A 70 -12.20 16.15 4.41
C PRO A 70 -11.39 16.27 5.70
N SER A 71 -10.09 16.51 5.56
CA SER A 71 -9.20 16.65 6.70
C SER A 71 -9.70 17.74 7.65
N SER A 72 -9.93 18.93 7.10
CA SER A 72 -10.40 20.05 7.90
C SER A 72 -11.89 19.92 8.19
N GLY A 73 -12.69 19.82 7.13
CA GLY A 73 -14.12 19.68 7.30
C GLY A 73 -14.86 19.71 5.98
N GLY A 1 -5.89 -13.64 -6.25
CA GLY A 1 -7.25 -13.14 -6.38
C GLY A 1 -7.66 -12.93 -7.82
N SER A 2 -8.95 -13.02 -8.09
CA SER A 2 -9.48 -12.84 -9.44
C SER A 2 -9.84 -11.39 -9.69
N SER A 3 -9.68 -10.95 -10.94
CA SER A 3 -9.99 -9.58 -11.31
C SER A 3 -11.50 -9.33 -11.31
N GLY A 4 -11.93 -8.39 -10.50
CA GLY A 4 -13.36 -8.08 -10.41
C GLY A 4 -13.71 -7.33 -9.14
N SER A 5 -14.40 -8.02 -8.23
CA SER A 5 -14.80 -7.41 -6.97
C SER A 5 -13.59 -6.98 -6.16
N SER A 6 -13.65 -5.77 -5.62
CA SER A 6 -12.55 -5.23 -4.82
C SER A 6 -13.00 -4.98 -3.38
N GLY A 7 -12.04 -4.64 -2.52
CA GLY A 7 -12.36 -4.37 -1.12
C GLY A 7 -11.14 -4.00 -0.32
N PHE A 8 -10.63 -2.78 -0.54
CA PHE A 8 -9.46 -2.30 0.18
C PHE A 8 -9.73 -0.93 0.80
N CYS A 9 -9.33 -0.79 2.07
CA CYS A 9 -9.53 0.47 2.78
C CYS A 9 -9.24 1.66 1.88
N GLY A 10 -8.10 1.62 1.20
CA GLY A 10 -7.72 2.70 0.31
C GLY A 10 -6.38 2.47 -0.35
N ARG A 11 -6.07 3.27 -1.37
CA ARG A 11 -4.81 3.15 -2.10
C ARG A 11 -3.91 4.35 -1.83
N ALA A 12 -2.63 4.20 -2.13
CA ALA A 12 -1.67 5.27 -1.92
C ALA A 12 -0.69 5.35 -3.09
N ARG A 13 -0.19 6.56 -3.36
CA ARG A 13 0.75 6.77 -4.45
C ARG A 13 2.19 6.81 -3.93
N VAL A 14 3.08 6.09 -4.60
CA VAL A 14 4.48 6.03 -4.20
C VAL A 14 5.26 7.20 -4.81
N HIS A 15 5.72 8.11 -3.96
CA HIS A 15 6.49 9.26 -4.42
C HIS A 15 7.98 8.98 -4.36
N THR A 16 8.37 8.07 -3.48
CA THR A 16 9.77 7.71 -3.32
C THR A 16 9.98 6.21 -3.50
N ASP A 17 10.79 5.83 -4.48
CA ASP A 17 11.07 4.43 -4.76
C ASP A 17 11.93 3.82 -3.66
N PHE A 18 11.58 2.63 -3.22
CA PHE A 18 12.33 1.93 -2.17
C PHE A 18 12.58 0.48 -2.55
N THR A 19 13.84 0.16 -2.82
CA THR A 19 14.21 -1.20 -3.19
C THR A 19 14.82 -1.96 -2.01
N PRO A 20 14.04 -2.91 -1.45
CA PRO A 20 14.48 -3.71 -0.31
C PRO A 20 15.58 -4.69 -0.68
N SER A 21 16.17 -5.34 0.33
CA SER A 21 17.23 -6.30 0.10
C SER A 21 16.72 -7.51 -0.67
N PRO A 22 17.65 -8.22 -1.34
CA PRO A 22 17.32 -9.42 -2.12
C PRO A 22 16.90 -10.60 -1.25
N TYR A 23 17.10 -10.45 0.06
CA TYR A 23 16.76 -11.51 1.01
C TYR A 23 15.36 -11.28 1.59
N ASP A 24 15.06 -10.03 1.91
CA ASP A 24 13.76 -9.68 2.47
C ASP A 24 12.66 -9.82 1.43
N THR A 25 11.73 -10.73 1.68
CA THR A 25 10.61 -10.96 0.76
C THR A 25 9.37 -10.21 1.20
N ASP A 26 9.06 -10.29 2.48
CA ASP A 26 7.88 -9.61 3.04
C ASP A 26 7.76 -8.20 2.48
N SER A 27 8.78 -7.38 2.72
CA SER A 27 8.78 -6.01 2.25
C SER A 27 8.57 -5.95 0.74
N LEU A 28 7.47 -5.32 0.32
CA LEU A 28 7.16 -5.19 -1.09
C LEU A 28 8.11 -4.22 -1.78
N LYS A 29 8.08 -4.22 -3.11
CA LYS A 29 8.93 -3.33 -3.89
C LYS A 29 8.20 -2.04 -4.24
N LEU A 30 8.71 -0.92 -3.74
CA LEU A 30 8.09 0.38 -4.00
C LEU A 30 8.86 1.12 -5.10
N LYS A 31 8.11 1.73 -6.03
CA LYS A 31 8.71 2.47 -7.12
C LYS A 31 7.92 3.74 -7.41
N LYS A 32 8.60 4.75 -7.95
CA LYS A 32 7.96 6.02 -8.29
C LYS A 32 6.80 5.81 -9.25
N GLY A 33 5.58 5.96 -8.75
CA GLY A 33 4.40 5.79 -9.58
C GLY A 33 3.82 4.39 -9.47
N ASP A 34 3.64 3.91 -8.24
CA ASP A 34 3.08 2.59 -8.01
C ASP A 34 1.90 2.66 -7.05
N ILE A 35 0.77 2.11 -7.48
CA ILE A 35 -0.44 2.11 -6.66
C ILE A 35 -0.52 0.84 -5.81
N ILE A 36 -0.71 1.03 -4.51
CA ILE A 36 -0.81 -0.10 -3.59
C ILE A 36 -2.19 -0.15 -2.94
N ASP A 37 -2.74 -1.35 -2.84
CA ASP A 37 -4.06 -1.54 -2.24
C ASP A 37 -3.93 -1.89 -0.75
N ILE A 38 -4.26 -0.94 0.11
CA ILE A 38 -4.18 -1.16 1.55
C ILE A 38 -5.24 -2.16 2.01
N ILE A 39 -4.78 -3.27 2.58
CA ILE A 39 -5.68 -4.30 3.08
C ILE A 39 -5.90 -4.16 4.58
N SER A 40 -4.81 -4.12 5.33
CA SER A 40 -4.88 -4.00 6.78
C SER A 40 -3.90 -2.94 7.28
N LYS A 41 -4.43 -1.96 8.00
CA LYS A 41 -3.60 -0.88 8.55
C LYS A 41 -3.51 -0.99 10.06
N PRO A 42 -2.36 -1.50 10.55
CA PRO A 42 -2.12 -1.66 11.99
C PRO A 42 -1.94 -0.33 12.70
N PRO A 43 -2.01 -0.36 14.03
CA PRO A 43 -1.86 0.84 14.87
C PRO A 43 -0.42 1.37 14.86
N MET A 44 0.52 0.50 14.52
CA MET A 44 1.92 0.87 14.48
C MET A 44 2.72 -0.07 13.58
N GLY A 45 3.87 0.40 13.10
CA GLY A 45 4.69 -0.42 12.22
C GLY A 45 4.50 -0.08 10.76
N THR A 46 4.39 -1.11 9.93
CA THR A 46 4.21 -0.92 8.49
C THR A 46 2.78 -1.27 8.08
N TRP A 47 2.36 -0.74 6.93
CA TRP A 47 1.02 -1.01 6.42
C TRP A 47 1.03 -2.18 5.45
N MET A 48 -0.04 -2.97 5.46
CA MET A 48 -0.16 -4.12 4.59
C MET A 48 -0.92 -3.76 3.32
N GLY A 49 -0.36 -4.13 2.17
CA GLY A 49 -1.01 -3.84 0.90
C GLY A 49 -0.67 -4.86 -0.17
N LEU A 50 -1.50 -4.91 -1.21
CA LEU A 50 -1.28 -5.85 -2.31
C LEU A 50 -0.76 -5.12 -3.54
N LEU A 51 0.45 -5.48 -3.97
CA LEU A 51 1.06 -4.86 -5.14
C LEU A 51 1.78 -5.91 -5.99
N ASN A 52 1.42 -5.95 -7.27
CA ASN A 52 2.04 -6.91 -8.19
C ASN A 52 1.73 -8.34 -7.78
N ASN A 53 0.47 -8.59 -7.41
CA ASN A 53 0.05 -9.92 -7.00
C ASN A 53 0.87 -10.41 -5.81
N LYS A 54 1.26 -9.48 -4.94
CA LYS A 54 2.05 -9.82 -3.76
C LYS A 54 1.76 -8.85 -2.61
N VAL A 55 1.43 -9.41 -1.45
CA VAL A 55 1.13 -8.60 -0.27
C VAL A 55 2.19 -8.79 0.81
N GLY A 56 2.59 -7.69 1.44
CA GLY A 56 3.59 -7.77 2.48
C GLY A 56 3.54 -6.57 3.42
N THR A 57 4.63 -5.81 3.47
CA THR A 57 4.70 -4.64 4.33
C THR A 57 5.42 -3.49 3.64
N PHE A 58 4.88 -2.28 3.81
CA PHE A 58 5.46 -1.09 3.18
C PHE A 58 5.32 0.13 4.10
N LYS A 59 6.26 1.05 4.00
CA LYS A 59 6.24 2.26 4.82
C LYS A 59 5.22 3.26 4.27
N PHE A 60 4.78 4.17 5.13
CA PHE A 60 3.81 5.19 4.74
C PHE A 60 4.49 6.45 4.26
N ILE A 61 5.48 6.92 5.02
CA ILE A 61 6.23 8.12 4.67
C ILE A 61 6.64 8.10 3.20
N TYR A 62 6.91 6.90 2.69
CA TYR A 62 7.32 6.74 1.30
C TYR A 62 6.15 7.00 0.35
N VAL A 63 4.94 6.69 0.82
CA VAL A 63 3.74 6.89 0.01
C VAL A 63 2.86 7.98 0.60
N ASP A 64 1.75 8.27 -0.07
CA ASP A 64 0.82 9.29 0.39
C ASP A 64 -0.62 8.86 0.16
N VAL A 65 -1.38 8.75 1.25
CA VAL A 65 -2.77 8.33 1.17
C VAL A 65 -3.60 9.33 0.35
N LEU A 66 -4.27 8.82 -0.68
CA LEU A 66 -5.09 9.67 -1.54
C LEU A 66 -6.53 9.70 -1.05
N SER A 67 -7.10 10.90 -0.99
CA SER A 67 -8.48 11.07 -0.54
C SER A 67 -9.46 10.93 -1.71
N SER A 68 -10.24 9.86 -1.70
CA SER A 68 -11.21 9.61 -2.76
C SER A 68 -12.61 9.40 -2.18
N GLY A 69 -13.63 9.68 -2.99
CA GLY A 69 -15.00 9.50 -2.53
C GLY A 69 -16.00 9.79 -3.62
N PRO A 70 -17.01 10.62 -3.29
CA PRO A 70 -18.07 10.99 -4.24
C PRO A 70 -17.55 11.91 -5.36
N SER A 71 -16.30 12.31 -5.24
CA SER A 71 -15.68 13.19 -6.24
C SER A 71 -15.30 12.40 -7.49
N SER A 72 -14.51 11.36 -7.31
CA SER A 72 -14.07 10.53 -8.43
C SER A 72 -14.37 9.06 -8.15
N GLY A 73 -14.56 8.29 -9.23
CA GLY A 73 -14.84 6.87 -9.09
C GLY A 73 -16.31 6.55 -9.32
#